data_2L0I
#
_entry.id   2L0I
#
_cell.length_a   1.000
_cell.length_b   1.000
_cell.length_c   1.000
_cell.angle_alpha   90.00
_cell.angle_beta   90.00
_cell.angle_gamma   90.00
#
_symmetry.space_group_name_H-M   'P 1'
#
loop_
_entity.id
_entity.type
_entity.pdbx_description
1 polymer 'Regulator of Ty1 transposition protein 103'
2 polymer 'DNA-directed RNA polymerase'
#
loop_
_entity_poly.entity_id
_entity_poly.type
_entity_poly.pdbx_seq_one_letter_code
_entity_poly.pdbx_strand_id
1 'polypeptide(L)'
;MAFSSEQFTTKLNTLEDSQESISSASKWLLLQYRDAPKVAEMWKEYMLRPSVNTRRKLLGLYLMNHVVQQAKGQKIIQFQ
DSFGKVAAEVLGRINQEFPRDLKKKLSRVVNILKERNIFSKQVVNDIERSLAAALEHHHHHH
;
A
2 'polypeptide(L)' YSPTSPSY(SEP)PTSPS B
#
# COMPACT_ATOMS: atom_id res chain seq x y z
N ALA A 2 -6.65 21.06 -16.00
CA ALA A 2 -5.93 21.28 -14.72
C ALA A 2 -5.73 19.94 -14.00
N PHE A 3 -6.77 19.42 -13.39
CA PHE A 3 -6.70 18.16 -12.69
C PHE A 3 -7.10 17.02 -13.62
N SER A 4 -6.19 16.09 -13.84
CA SER A 4 -6.45 14.96 -14.70
C SER A 4 -7.40 13.96 -14.04
N SER A 5 -8.48 13.63 -14.74
CA SER A 5 -9.47 12.71 -14.21
C SER A 5 -8.89 11.30 -14.09
N GLU A 6 -9.12 10.67 -12.93
CA GLU A 6 -8.66 9.31 -12.66
C GLU A 6 -7.15 9.18 -12.86
N GLN A 7 -6.42 10.25 -12.54
CA GLN A 7 -4.96 10.25 -12.71
C GLN A 7 -4.29 9.14 -11.91
N PHE A 8 -4.84 8.84 -10.73
CA PHE A 8 -4.28 7.79 -9.89
C PHE A 8 -4.79 6.42 -10.35
N THR A 9 -6.09 6.36 -10.64
CA THR A 9 -6.73 5.13 -11.07
C THR A 9 -6.11 4.57 -12.36
N THR A 10 -5.79 5.45 -13.30
CA THR A 10 -5.21 5.04 -14.57
C THR A 10 -3.82 4.41 -14.37
N LYS A 11 -3.04 4.95 -13.45
CA LYS A 11 -1.70 4.45 -13.18
C LYS A 11 -1.75 3.07 -12.53
N LEU A 12 -2.76 2.84 -11.72
CA LEU A 12 -2.93 1.55 -11.03
C LEU A 12 -3.23 0.44 -12.03
N ASN A 13 -3.78 0.81 -13.18
CA ASN A 13 -4.13 -0.16 -14.21
C ASN A 13 -3.06 -0.27 -15.28
N THR A 14 -1.97 0.46 -15.11
CA THR A 14 -0.89 0.43 -16.08
C THR A 14 0.42 -0.04 -15.45
N LEU A 15 0.31 -0.63 -14.26
CA LEU A 15 1.47 -1.11 -13.55
C LEU A 15 1.69 -2.60 -13.77
N GLU A 16 2.87 -3.05 -13.40
CA GLU A 16 3.26 -4.45 -13.51
C GLU A 16 3.93 -4.86 -12.20
N ASP A 17 4.12 -6.16 -11.99
CA ASP A 17 4.75 -6.66 -10.76
C ASP A 17 6.25 -6.38 -10.76
N SER A 18 6.72 -5.64 -11.75
CA SER A 18 8.11 -5.29 -11.85
C SER A 18 8.42 -4.06 -11.01
N GLN A 19 9.56 -4.08 -10.33
CA GLN A 19 9.98 -2.96 -9.49
C GLN A 19 10.16 -1.70 -10.34
N GLU A 20 10.60 -1.91 -11.58
CA GLU A 20 10.82 -0.80 -12.50
C GLU A 20 9.48 -0.10 -12.81
N SER A 21 8.40 -0.86 -12.73
CA SER A 21 7.08 -0.33 -12.99
C SER A 21 6.53 0.41 -11.78
N ILE A 22 6.52 -0.26 -10.63
CA ILE A 22 6.01 0.32 -9.39
C ILE A 22 6.76 1.62 -9.07
N SER A 23 8.08 1.60 -9.24
CA SER A 23 8.91 2.76 -8.98
C SER A 23 8.52 3.94 -9.87
N SER A 24 8.13 3.63 -11.10
CA SER A 24 7.75 4.65 -12.07
C SER A 24 6.50 5.42 -11.63
N ALA A 25 5.60 4.74 -10.93
CA ALA A 25 4.38 5.38 -10.45
C ALA A 25 4.58 5.97 -9.05
N SER A 26 5.37 5.28 -8.24
CA SER A 26 5.65 5.71 -6.88
C SER A 26 6.38 7.05 -6.89
N LYS A 27 7.44 7.12 -7.70
CA LYS A 27 8.24 8.35 -7.80
C LYS A 27 7.40 9.48 -8.38
N TRP A 28 6.34 9.13 -9.10
CA TRP A 28 5.45 10.11 -9.70
C TRP A 28 4.49 10.64 -8.64
N LEU A 29 4.15 9.80 -7.68
CA LEU A 29 3.24 10.18 -6.60
C LEU A 29 3.99 10.94 -5.51
N LEU A 30 5.22 10.52 -5.25
CA LEU A 30 6.05 11.12 -4.21
C LEU A 30 6.34 12.61 -4.49
N LEU A 31 6.24 13.03 -5.74
CA LEU A 31 6.50 14.43 -6.08
C LEU A 31 5.25 15.29 -5.89
N GLN A 32 4.11 14.64 -5.66
CA GLN A 32 2.86 15.35 -5.46
C GLN A 32 2.23 14.99 -4.12
N TYR A 33 3.00 15.20 -3.05
CA TYR A 33 2.55 14.89 -1.70
C TYR A 33 1.35 15.73 -1.27
N ARG A 34 0.98 16.71 -2.10
CA ARG A 34 -0.15 17.57 -1.80
C ARG A 34 -1.45 16.77 -1.78
N ASP A 35 -1.52 15.77 -2.65
CA ASP A 35 -2.71 14.94 -2.76
C ASP A 35 -2.58 13.65 -1.95
N ALA A 36 -1.71 13.68 -0.94
CA ALA A 36 -1.48 12.53 -0.08
C ALA A 36 -2.79 11.94 0.48
N PRO A 37 -3.64 12.74 1.17
CA PRO A 37 -4.90 12.23 1.73
C PRO A 37 -5.88 11.80 0.65
N LYS A 38 -5.80 12.45 -0.51
CA LYS A 38 -6.68 12.16 -1.63
C LYS A 38 -6.33 10.82 -2.28
N VAL A 39 -5.05 10.58 -2.53
CA VAL A 39 -4.64 9.33 -3.14
C VAL A 39 -4.77 8.17 -2.14
N ALA A 40 -4.70 8.50 -0.86
CA ALA A 40 -4.82 7.50 0.19
C ALA A 40 -6.23 6.94 0.25
N GLU A 41 -7.23 7.81 0.24
CA GLU A 41 -8.62 7.37 0.28
C GLU A 41 -9.00 6.68 -1.02
N MET A 42 -8.47 7.19 -2.14
CA MET A 42 -8.75 6.59 -3.45
C MET A 42 -8.20 5.18 -3.49
N TRP A 43 -6.99 5.01 -2.96
CA TRP A 43 -6.34 3.71 -2.92
C TRP A 43 -7.18 2.76 -2.08
N LYS A 44 -7.61 3.24 -0.92
CA LYS A 44 -8.43 2.46 -0.01
C LYS A 44 -9.73 2.04 -0.69
N GLU A 45 -10.43 3.01 -1.28
CA GLU A 45 -11.69 2.76 -1.96
C GLU A 45 -11.52 1.75 -3.09
N TYR A 46 -10.46 1.91 -3.87
CA TYR A 46 -10.20 1.02 -5.00
C TYR A 46 -10.02 -0.42 -4.54
N MET A 47 -9.21 -0.63 -3.50
CA MET A 47 -8.96 -1.97 -2.99
C MET A 47 -10.18 -2.53 -2.26
N LEU A 48 -11.16 -1.70 -1.99
CA LEU A 48 -12.38 -2.12 -1.31
C LEU A 48 -13.47 -2.44 -2.32
N ARG A 49 -13.22 -2.12 -3.59
CA ARG A 49 -14.17 -2.39 -4.65
C ARG A 49 -14.10 -3.85 -5.08
N PRO A 50 -15.26 -4.52 -5.14
CA PRO A 50 -15.35 -5.94 -5.54
C PRO A 50 -15.04 -6.13 -7.02
N SER A 51 -14.94 -5.04 -7.75
CA SER A 51 -14.64 -5.09 -9.17
C SER A 51 -13.14 -5.28 -9.38
N VAL A 52 -12.38 -5.00 -8.34
CA VAL A 52 -10.94 -5.11 -8.39
C VAL A 52 -10.50 -6.52 -7.98
N ASN A 53 -9.99 -7.27 -8.96
CA ASN A 53 -9.54 -8.64 -8.73
C ASN A 53 -8.28 -8.67 -7.85
N THR A 54 -7.99 -9.83 -7.28
CA THR A 54 -6.83 -10.01 -6.42
C THR A 54 -5.54 -9.54 -7.07
N ARG A 55 -5.45 -9.73 -8.39
CA ARG A 55 -4.28 -9.32 -9.16
C ARG A 55 -4.04 -7.82 -9.01
N ARG A 56 -5.10 -7.05 -9.19
CA ARG A 56 -5.02 -5.61 -9.08
C ARG A 56 -4.83 -5.17 -7.64
N LYS A 57 -5.45 -5.90 -6.71
CA LYS A 57 -5.33 -5.58 -5.29
C LYS A 57 -3.88 -5.70 -4.85
N LEU A 58 -3.25 -6.81 -5.20
CA LEU A 58 -1.85 -7.06 -4.85
C LEU A 58 -0.95 -6.02 -5.50
N LEU A 59 -1.29 -5.64 -6.73
CA LEU A 59 -0.52 -4.65 -7.48
C LEU A 59 -0.58 -3.29 -6.77
N GLY A 60 -1.78 -2.90 -6.36
CA GLY A 60 -1.96 -1.63 -5.67
C GLY A 60 -1.26 -1.62 -4.32
N LEU A 61 -1.19 -2.78 -3.69
CA LEU A 61 -0.55 -2.92 -2.39
C LEU A 61 0.95 -2.61 -2.50
N TYR A 62 1.55 -3.02 -3.60
CA TYR A 62 2.97 -2.79 -3.83
C TYR A 62 3.27 -1.30 -3.91
N LEU A 63 2.39 -0.56 -4.56
CA LEU A 63 2.57 0.88 -4.71
C LEU A 63 2.55 1.58 -3.36
N MET A 64 1.72 1.09 -2.45
CA MET A 64 1.62 1.67 -1.12
C MET A 64 2.92 1.46 -0.34
N ASN A 65 3.44 0.24 -0.40
CA ASN A 65 4.69 -0.10 0.28
C ASN A 65 5.83 0.78 -0.22
N HIS A 66 5.84 1.03 -1.52
CA HIS A 66 6.87 1.83 -2.16
C HIS A 66 6.85 3.27 -1.65
N VAL A 67 5.71 3.94 -1.77
CA VAL A 67 5.58 5.34 -1.38
C VAL A 67 5.82 5.57 0.11
N VAL A 68 5.34 4.66 0.97
CA VAL A 68 5.51 4.85 2.41
C VAL A 68 6.94 4.56 2.85
N GLN A 69 7.63 3.70 2.11
CA GLN A 69 9.01 3.36 2.42
C GLN A 69 9.95 4.46 1.95
N GLN A 70 9.74 4.92 0.73
CA GLN A 70 10.58 5.97 0.15
C GLN A 70 10.31 7.32 0.82
N ALA A 71 9.16 7.41 1.49
CA ALA A 71 8.77 8.64 2.19
C ALA A 71 9.74 8.97 3.31
N LYS A 72 10.45 7.96 3.79
CA LYS A 72 11.43 8.14 4.86
C LYS A 72 12.57 9.05 4.40
N GLY A 73 12.95 8.93 3.14
CA GLY A 73 14.01 9.75 2.60
C GLY A 73 13.53 11.13 2.22
N GLN A 74 12.25 11.22 1.87
CA GLN A 74 11.64 12.49 1.48
C GLN A 74 11.27 13.30 2.72
N LYS A 75 11.12 12.59 3.84
CA LYS A 75 10.77 13.18 5.13
C LYS A 75 9.37 13.78 5.10
N ILE A 76 8.53 13.18 4.27
CA ILE A 76 7.15 13.63 4.14
C ILE A 76 6.23 12.65 4.86
N ILE A 77 5.94 12.96 6.12
CA ILE A 77 5.09 12.11 6.94
C ILE A 77 3.63 12.16 6.47
N GLN A 78 3.32 13.15 5.64
CA GLN A 78 1.97 13.32 5.10
C GLN A 78 1.51 12.05 4.40
N PHE A 79 2.43 11.42 3.68
CA PHE A 79 2.12 10.19 2.95
C PHE A 79 1.87 9.04 3.91
N GLN A 80 2.80 8.85 4.84
CA GLN A 80 2.71 7.79 5.82
C GLN A 80 1.50 7.96 6.73
N ASP A 81 1.17 9.21 7.04
CA ASP A 81 0.02 9.51 7.89
C ASP A 81 -1.28 9.13 7.19
N SER A 82 -1.42 9.61 5.96
CA SER A 82 -2.63 9.35 5.17
C SER A 82 -2.77 7.88 4.81
N PHE A 83 -1.68 7.25 4.39
CA PHE A 83 -1.72 5.85 4.02
C PHE A 83 -1.78 4.94 5.24
N GLY A 84 -1.25 5.41 6.35
CA GLY A 84 -1.26 4.62 7.57
C GLY A 84 -2.64 4.38 8.13
N LYS A 85 -3.46 5.43 8.17
CA LYS A 85 -4.82 5.33 8.70
C LYS A 85 -5.71 4.43 7.84
N VAL A 86 -5.40 4.33 6.55
CA VAL A 86 -6.20 3.49 5.66
C VAL A 86 -5.58 2.09 5.54
N ALA A 87 -4.29 1.98 5.83
CA ALA A 87 -3.59 0.71 5.75
C ALA A 87 -4.17 -0.29 6.73
N ALA A 88 -4.45 0.16 7.96
CA ALA A 88 -5.02 -0.70 8.98
C ALA A 88 -6.32 -1.33 8.53
N GLU A 89 -7.09 -0.56 7.76
CA GLU A 89 -8.36 -1.04 7.25
C GLU A 89 -8.13 -2.01 6.08
N VAL A 90 -7.42 -1.53 5.06
CA VAL A 90 -7.14 -2.34 3.87
C VAL A 90 -6.43 -3.66 4.21
N LEU A 91 -5.40 -3.58 5.06
CA LEU A 91 -4.65 -4.76 5.46
C LEU A 91 -5.56 -5.77 6.14
N GLY A 92 -6.47 -5.27 6.98
CA GLY A 92 -7.38 -6.14 7.67
C GLY A 92 -8.37 -6.81 6.74
N ARG A 93 -8.67 -6.15 5.63
CA ARG A 93 -9.60 -6.67 4.64
C ARG A 93 -8.93 -7.70 3.75
N ILE A 94 -7.78 -7.35 3.18
CA ILE A 94 -7.06 -8.25 2.29
C ILE A 94 -6.58 -9.50 3.01
N ASN A 95 -6.25 -9.36 4.29
CA ASN A 95 -5.77 -10.50 5.07
C ASN A 95 -6.88 -11.52 5.32
N GLN A 96 -8.13 -11.12 5.13
CA GLN A 96 -9.24 -12.04 5.35
C GLN A 96 -9.87 -12.49 4.02
N GLU A 97 -9.24 -12.14 2.90
CA GLU A 97 -9.75 -12.54 1.59
C GLU A 97 -8.64 -13.17 0.75
N PHE A 98 -7.41 -12.75 0.96
CA PHE A 98 -6.26 -13.27 0.23
C PHE A 98 -5.94 -14.70 0.65
N PRO A 99 -5.59 -15.56 -0.31
CA PRO A 99 -5.23 -16.96 -0.04
C PRO A 99 -3.92 -17.08 0.74
N ARG A 100 -3.55 -18.31 1.08
CA ARG A 100 -2.34 -18.59 1.86
C ARG A 100 -1.09 -18.04 1.19
N ASP A 101 -0.96 -18.24 -0.11
CA ASP A 101 0.21 -17.78 -0.84
C ASP A 101 0.31 -16.26 -0.87
N LEU A 102 -0.83 -15.58 -0.89
CA LEU A 102 -0.85 -14.12 -0.95
C LEU A 102 -0.69 -13.52 0.44
N LYS A 103 -1.27 -14.17 1.45
CA LYS A 103 -1.17 -13.67 2.83
C LYS A 103 0.27 -13.67 3.28
N LYS A 104 1.04 -14.64 2.79
CA LYS A 104 2.45 -14.74 3.13
C LYS A 104 3.24 -13.59 2.53
N LYS A 105 2.88 -13.22 1.31
CA LYS A 105 3.53 -12.13 0.61
C LYS A 105 3.27 -10.80 1.31
N LEU A 106 2.04 -10.58 1.73
CA LEU A 106 1.70 -9.33 2.42
C LEU A 106 2.29 -9.32 3.83
N SER A 107 2.56 -10.51 4.37
CA SER A 107 3.12 -10.63 5.71
C SER A 107 4.50 -9.96 5.77
N ARG A 108 5.33 -10.21 4.76
CA ARG A 108 6.66 -9.63 4.73
C ARG A 108 6.58 -8.15 4.38
N VAL A 109 5.54 -7.77 3.64
CA VAL A 109 5.35 -6.38 3.24
C VAL A 109 4.99 -5.53 4.46
N VAL A 110 4.06 -6.02 5.27
CA VAL A 110 3.64 -5.30 6.47
C VAL A 110 4.69 -5.43 7.57
N ASN A 111 5.48 -6.50 7.50
CA ASN A 111 6.52 -6.74 8.50
C ASN A 111 7.58 -5.67 8.41
N ILE A 112 8.06 -5.39 7.20
CA ILE A 112 9.08 -4.38 7.00
C ILE A 112 8.56 -2.99 7.41
N LEU A 113 7.25 -2.80 7.33
CA LEU A 113 6.65 -1.52 7.69
C LEU A 113 6.78 -1.25 9.18
N LYS A 114 6.56 -2.27 10.00
CA LYS A 114 6.67 -2.10 11.44
C LYS A 114 8.12 -2.24 11.91
N GLU A 115 8.92 -2.98 11.14
CA GLU A 115 10.33 -3.18 11.48
C GLU A 115 11.13 -1.90 11.24
N ARG A 116 10.74 -1.16 10.20
CA ARG A 116 11.42 0.09 9.87
C ARG A 116 10.72 1.28 10.50
N ASN A 117 9.68 0.99 11.28
CA ASN A 117 8.89 2.02 11.96
C ASN A 117 8.43 3.08 10.96
N ILE A 118 7.72 2.61 9.94
CA ILE A 118 7.21 3.49 8.90
C ILE A 118 6.06 4.34 9.41
N PHE A 119 5.12 3.71 10.10
CA PHE A 119 3.96 4.41 10.63
C PHE A 119 4.07 4.60 12.13
N SER A 120 3.17 5.40 12.70
CA SER A 120 3.15 5.67 14.12
C SER A 120 2.80 4.39 14.89
N LYS A 121 3.36 4.23 16.09
CA LYS A 121 3.12 3.05 16.91
C LYS A 121 1.62 2.86 17.19
N GLN A 122 0.90 3.96 17.21
CA GLN A 122 -0.55 3.93 17.46
C GLN A 122 -1.28 3.10 16.42
N VAL A 123 -0.97 3.34 15.15
CA VAL A 123 -1.62 2.62 14.07
C VAL A 123 -0.93 1.28 13.80
N VAL A 124 0.38 1.22 14.04
CA VAL A 124 1.13 -0.01 13.82
C VAL A 124 0.57 -1.13 14.70
N ASN A 125 0.27 -0.80 15.95
CA ASN A 125 -0.27 -1.75 16.91
C ASN A 125 -1.68 -2.18 16.51
N ASP A 126 -2.34 -1.37 15.70
CA ASP A 126 -3.69 -1.68 15.24
C ASP A 126 -3.64 -2.63 14.05
N ILE A 127 -2.65 -2.45 13.19
CA ILE A 127 -2.49 -3.30 12.02
C ILE A 127 -2.12 -4.72 12.43
N GLU A 128 -1.10 -4.85 13.26
CA GLU A 128 -0.63 -6.16 13.70
C GLU A 128 -1.73 -6.93 14.45
N ARG A 129 -2.51 -6.23 15.27
CA ARG A 129 -3.57 -6.88 16.03
C ARG A 129 -4.70 -7.30 15.10
N SER A 130 -4.97 -6.53 14.06
CA SER A 130 -6.03 -6.86 13.12
C SER A 130 -5.70 -8.15 12.37
N LEU A 131 -4.42 -8.32 12.04
CA LEU A 131 -3.95 -9.52 11.35
C LEU A 131 -4.12 -10.73 12.25
N ALA A 132 -3.81 -10.56 13.53
CA ALA A 132 -3.92 -11.63 14.51
C ALA A 132 -5.38 -11.93 14.83
N ALA A 133 -6.22 -10.90 14.81
CA ALA A 133 -7.64 -11.05 15.09
C ALA A 133 -8.31 -11.95 14.06
N ALA A 134 -7.89 -11.83 12.81
CA ALA A 134 -8.44 -12.62 11.73
C ALA A 134 -8.01 -14.08 11.85
N LEU A 135 -6.97 -14.31 12.64
CA LEU A 135 -6.45 -15.66 12.83
C LEU A 135 -7.11 -16.31 14.05
N GLU A 136 -7.99 -15.56 14.71
CA GLU A 136 -8.69 -16.06 15.88
C GLU A 136 -9.90 -16.89 15.47
N HIS A 137 -10.04 -17.11 14.17
CA HIS A 137 -11.13 -17.90 13.59
C HIS A 137 -12.48 -17.24 13.85
N PRO B 6 8.33 -10.15 -13.14
CA PRO B 6 9.69 -9.90 -12.59
C PRO B 6 9.75 -10.05 -11.07
N SER B 7 8.58 -10.03 -10.41
CA SER B 7 8.48 -10.19 -8.96
C SER B 7 8.98 -8.97 -8.20
N TYR B 8 8.11 -8.43 -7.34
CA TYR B 8 8.43 -7.26 -6.54
C TYR B 8 8.55 -7.62 -5.06
N SEP B 9 9.66 -7.23 -4.44
CA SEP B 9 9.86 -7.51 -3.03
CB SEP B 9 11.03 -8.48 -2.84
OG SEP B 9 10.82 -9.31 -1.70
C SEP B 9 10.14 -6.19 -2.32
O SEP B 9 10.76 -5.31 -2.90
P SEP B 9 11.85 -9.25 -0.46
O1P SEP B 9 11.90 -7.85 -0.03
O2P SEP B 9 13.24 -9.67 -0.77
O3P SEP B 9 11.48 -10.06 0.72
H SEP B 9 10.35 -6.75 -4.94
HA SEP B 9 8.96 -7.94 -2.63
HB2 SEP B 9 11.11 -9.11 -3.70
HB3 SEP B 9 11.93 -7.92 -2.70
N PRO B 10 9.66 -6.02 -1.07
CA PRO B 10 9.85 -4.79 -0.29
C PRO B 10 11.30 -4.29 -0.22
N THR B 11 12.25 -5.22 -0.22
CA THR B 11 13.66 -4.84 -0.16
C THR B 11 14.17 -4.37 -1.52
N SER B 12 13.41 -4.64 -2.57
CA SER B 12 13.78 -4.23 -3.92
C SER B 12 12.61 -3.51 -4.59
N PRO B 13 12.41 -2.23 -4.24
CA PRO B 13 11.33 -1.41 -4.77
C PRO B 13 11.69 -0.71 -6.10
N SER B 14 12.93 -0.33 -6.26
CA SER B 14 13.36 0.35 -7.48
C SER B 14 14.50 -0.41 -8.14
N ALA A 2 -5.74 20.62 -16.36
CA ALA A 2 -5.57 21.09 -14.96
C ALA A 2 -5.82 19.96 -13.97
N PHE A 3 -6.79 19.12 -14.26
CA PHE A 3 -7.13 18.00 -13.39
C PHE A 3 -7.41 16.75 -14.23
N SER A 4 -6.65 15.70 -13.96
CA SER A 4 -6.81 14.45 -14.68
C SER A 4 -7.63 13.45 -13.85
N SER A 5 -8.79 13.07 -14.37
CA SER A 5 -9.66 12.14 -13.69
C SER A 5 -9.09 10.72 -13.72
N GLU A 6 -9.19 10.03 -12.58
CA GLU A 6 -8.70 8.66 -12.45
C GLU A 6 -7.20 8.57 -12.78
N GLN A 7 -6.47 9.64 -12.53
CA GLN A 7 -5.03 9.67 -12.81
C GLN A 7 -4.29 8.63 -11.97
N PHE A 8 -4.81 8.36 -10.78
CA PHE A 8 -4.21 7.38 -9.89
C PHE A 8 -4.75 5.99 -10.20
N THR A 9 -6.04 5.92 -10.48
CA THR A 9 -6.71 4.67 -10.78
C THR A 9 -6.17 4.03 -12.07
N THR A 10 -5.88 4.88 -13.06
CA THR A 10 -5.36 4.40 -14.33
C THR A 10 -3.95 3.82 -14.16
N LYS A 11 -3.21 4.34 -13.18
CA LYS A 11 -1.85 3.87 -12.92
C LYS A 11 -1.88 2.49 -12.30
N LEU A 12 -2.79 2.29 -11.35
CA LEU A 12 -2.93 1.00 -10.67
C LEU A 12 -3.32 -0.10 -11.64
N ASN A 13 -3.93 0.28 -12.75
CA ASN A 13 -4.37 -0.68 -13.74
C ASN A 13 -3.36 -0.87 -14.86
N THR A 14 -2.19 -0.24 -14.73
CA THR A 14 -1.14 -0.37 -15.74
C THR A 14 0.20 -0.70 -15.10
N LEU A 15 0.16 -1.24 -13.88
CA LEU A 15 1.38 -1.60 -13.17
C LEU A 15 1.64 -3.09 -13.20
N GLU A 16 2.87 -3.46 -13.52
CA GLU A 16 3.29 -4.86 -13.58
C GLU A 16 4.03 -5.21 -12.29
N ASP A 17 4.36 -6.49 -12.13
CA ASP A 17 5.07 -6.95 -10.93
C ASP A 17 6.57 -6.67 -11.06
N SER A 18 6.91 -5.55 -11.68
CA SER A 18 8.30 -5.17 -11.85
C SER A 18 8.63 -4.00 -10.93
N GLN A 19 9.79 -4.07 -10.29
CA GLN A 19 10.24 -3.03 -9.38
C GLN A 19 10.30 -1.67 -10.07
N GLU A 20 10.84 -1.65 -11.29
CA GLU A 20 10.96 -0.40 -12.04
C GLU A 20 9.59 0.20 -12.36
N SER A 21 8.63 -0.65 -12.69
CA SER A 21 7.28 -0.21 -13.00
C SER A 21 6.65 0.47 -11.79
N ILE A 22 6.70 -0.20 -10.65
CA ILE A 22 6.15 0.34 -9.42
C ILE A 22 6.89 1.61 -9.02
N SER A 23 8.20 1.60 -9.23
CA SER A 23 9.05 2.75 -8.91
C SER A 23 8.61 3.97 -9.73
N SER A 24 8.25 3.75 -10.99
CA SER A 24 7.81 4.83 -11.86
C SER A 24 6.56 5.51 -11.32
N ALA A 25 5.60 4.71 -10.87
CA ALA A 25 4.37 5.25 -10.32
C ALA A 25 4.61 5.83 -8.93
N SER A 26 5.51 5.22 -8.19
CA SER A 26 5.86 5.68 -6.85
C SER A 26 6.46 7.08 -6.91
N LYS A 27 7.45 7.27 -7.78
CA LYS A 27 8.10 8.56 -7.94
C LYS A 27 7.09 9.62 -8.35
N TRP A 28 6.15 9.21 -9.18
CA TRP A 28 5.11 10.10 -9.67
C TRP A 28 4.19 10.53 -8.53
N LEU A 29 3.88 9.60 -7.64
CA LEU A 29 3.01 9.90 -6.51
C LEU A 29 3.75 10.70 -5.44
N LEU A 30 5.04 10.40 -5.27
CA LEU A 30 5.87 11.07 -4.27
C LEU A 30 5.94 12.58 -4.52
N LEU A 31 5.90 13.00 -5.78
CA LEU A 31 5.98 14.41 -6.10
C LEU A 31 4.65 15.12 -5.85
N GLN A 32 3.54 14.38 -5.94
CA GLN A 32 2.22 14.97 -5.72
C GLN A 32 1.75 14.72 -4.30
N TYR A 33 2.62 15.01 -3.34
CA TYR A 33 2.32 14.82 -1.92
C TYR A 33 1.30 15.85 -1.43
N ARG A 34 0.92 16.77 -2.30
CA ARG A 34 -0.06 17.79 -1.93
C ARG A 34 -1.42 17.14 -1.80
N ASP A 35 -1.62 16.09 -2.58
CA ASP A 35 -2.88 15.35 -2.56
C ASP A 35 -2.69 14.00 -1.89
N ALA A 36 -1.77 13.97 -0.92
CA ALA A 36 -1.48 12.75 -0.17
C ALA A 36 -2.75 12.09 0.40
N PRO A 37 -3.61 12.84 1.13
CA PRO A 37 -4.85 12.27 1.68
C PRO A 37 -5.80 11.82 0.57
N LYS A 38 -5.76 12.52 -0.56
CA LYS A 38 -6.63 12.23 -1.69
C LYS A 38 -6.27 10.89 -2.32
N VAL A 39 -4.99 10.67 -2.57
CA VAL A 39 -4.55 9.41 -3.16
C VAL A 39 -4.66 8.28 -2.15
N ALA A 40 -4.55 8.61 -0.87
CA ALA A 40 -4.66 7.63 0.19
C ALA A 40 -6.10 7.11 0.31
N GLU A 41 -7.05 8.05 0.31
CA GLU A 41 -8.45 7.68 0.40
C GLU A 41 -8.89 6.97 -0.88
N MET A 42 -8.35 7.43 -2.01
CA MET A 42 -8.66 6.85 -3.31
C MET A 42 -8.19 5.39 -3.37
N TRP A 43 -6.99 5.16 -2.85
CA TRP A 43 -6.39 3.84 -2.81
C TRP A 43 -7.26 2.88 -2.00
N LYS A 44 -7.59 3.30 -0.79
CA LYS A 44 -8.41 2.49 0.12
C LYS A 44 -9.78 2.20 -0.48
N GLU A 45 -10.46 3.26 -0.95
CA GLU A 45 -11.80 3.13 -1.52
C GLU A 45 -11.82 2.24 -2.75
N TYR A 46 -10.74 2.27 -3.53
CA TYR A 46 -10.64 1.46 -4.73
C TYR A 46 -10.42 -0.01 -4.39
N MET A 47 -9.52 -0.27 -3.45
CA MET A 47 -9.21 -1.65 -3.05
C MET A 47 -10.36 -2.29 -2.29
N LEU A 48 -11.32 -1.49 -1.85
CA LEU A 48 -12.47 -2.01 -1.12
C LEU A 48 -13.63 -2.30 -2.08
N ARG A 49 -13.38 -2.09 -3.36
CA ARG A 49 -14.40 -2.33 -4.38
C ARG A 49 -14.34 -3.78 -4.85
N PRO A 50 -15.51 -4.44 -5.00
CA PRO A 50 -15.59 -5.83 -5.44
C PRO A 50 -15.18 -6.00 -6.91
N SER A 51 -15.08 -4.88 -7.61
CA SER A 51 -14.71 -4.86 -9.02
C SER A 51 -13.19 -5.01 -9.18
N VAL A 52 -12.47 -5.00 -8.07
CA VAL A 52 -11.02 -5.13 -8.11
C VAL A 52 -10.60 -6.56 -7.77
N ASN A 53 -9.94 -7.21 -8.72
CA ASN A 53 -9.46 -8.57 -8.54
C ASN A 53 -8.24 -8.59 -7.63
N THR A 54 -7.96 -9.74 -7.02
CA THR A 54 -6.83 -9.90 -6.11
C THR A 54 -5.51 -9.48 -6.76
N ARG A 55 -5.41 -9.71 -8.07
CA ARG A 55 -4.21 -9.36 -8.81
C ARG A 55 -3.93 -7.86 -8.72
N ARG A 56 -4.97 -7.05 -8.89
CA ARG A 56 -4.82 -5.60 -8.82
C ARG A 56 -4.66 -5.14 -7.38
N LYS A 57 -5.27 -5.87 -6.45
CA LYS A 57 -5.17 -5.54 -5.04
C LYS A 57 -3.72 -5.67 -4.58
N LEU A 58 -3.07 -6.73 -5.03
CA LEU A 58 -1.68 -6.97 -4.68
C LEU A 58 -0.78 -5.89 -5.28
N LEU A 59 -1.08 -5.51 -6.52
CA LEU A 59 -0.31 -4.49 -7.21
C LEU A 59 -0.46 -3.14 -6.51
N GLY A 60 -1.67 -2.84 -6.08
CA GLY A 60 -1.92 -1.59 -5.38
C GLY A 60 -1.21 -1.54 -4.05
N LEU A 61 -1.15 -2.70 -3.39
CA LEU A 61 -0.47 -2.81 -2.11
C LEU A 61 1.02 -2.53 -2.27
N TYR A 62 1.57 -2.96 -3.41
CA TYR A 62 2.98 -2.75 -3.70
C TYR A 62 3.30 -1.27 -3.85
N LEU A 63 2.40 -0.54 -4.51
CA LEU A 63 2.58 0.88 -4.72
C LEU A 63 2.56 1.63 -3.38
N MET A 64 1.63 1.25 -2.53
CA MET A 64 1.49 1.86 -1.21
C MET A 64 2.76 1.65 -0.40
N ASN A 65 3.26 0.41 -0.42
CA ASN A 65 4.46 0.04 0.31
C ASN A 65 5.67 0.84 -0.19
N HIS A 66 5.70 1.10 -1.48
CA HIS A 66 6.79 1.84 -2.11
C HIS A 66 6.80 3.29 -1.65
N VAL A 67 5.69 3.98 -1.86
CA VAL A 67 5.58 5.40 -1.53
C VAL A 67 5.83 5.69 -0.04
N VAL A 68 5.33 4.83 0.85
CA VAL A 68 5.51 5.07 2.28
C VAL A 68 6.96 4.84 2.72
N GLN A 69 7.67 3.98 2.01
CA GLN A 69 9.06 3.71 2.33
C GLN A 69 9.95 4.89 1.94
N GLN A 70 9.72 5.39 0.73
CA GLN A 70 10.50 6.51 0.20
C GLN A 70 10.08 7.81 0.86
N ALA A 71 8.87 7.83 1.40
CA ALA A 71 8.34 9.02 2.08
C ALA A 71 9.24 9.44 3.22
N LYS A 72 9.82 8.47 3.91
CA LYS A 72 10.70 8.76 5.03
C LYS A 72 12.05 9.30 4.53
N GLY A 73 12.37 9.01 3.27
CA GLY A 73 13.61 9.49 2.69
C GLY A 73 13.54 10.97 2.41
N GLN A 74 12.34 11.44 2.06
CA GLN A 74 12.12 12.85 1.77
C GLN A 74 11.55 13.55 3.00
N LYS A 75 11.35 12.76 4.06
CA LYS A 75 10.82 13.26 5.34
C LYS A 75 9.40 13.78 5.18
N ILE A 76 8.60 13.07 4.38
CA ILE A 76 7.21 13.46 4.16
C ILE A 76 6.29 12.61 5.03
N ILE A 77 6.09 13.06 6.27
CA ILE A 77 5.24 12.35 7.22
C ILE A 77 3.77 12.41 6.80
N GLN A 78 3.44 13.36 5.93
CA GLN A 78 2.07 13.53 5.44
C GLN A 78 1.59 12.27 4.74
N PHE A 79 2.47 11.66 3.95
CA PHE A 79 2.14 10.45 3.21
C PHE A 79 1.90 9.28 4.16
N GLN A 80 2.85 9.06 5.06
CA GLN A 80 2.78 7.97 6.01
C GLN A 80 1.56 8.08 6.93
N ASP A 81 1.20 9.31 7.27
CA ASP A 81 0.04 9.54 8.13
C ASP A 81 -1.25 9.23 7.37
N SER A 82 -1.41 9.86 6.22
CA SER A 82 -2.59 9.68 5.39
C SER A 82 -2.79 8.21 4.98
N PHE A 83 -1.72 7.56 4.57
CA PHE A 83 -1.79 6.17 4.14
C PHE A 83 -1.89 5.22 5.34
N GLY A 84 -1.20 5.55 6.41
CA GLY A 84 -1.21 4.71 7.60
C GLY A 84 -2.58 4.49 8.20
N LYS A 85 -3.39 5.55 8.26
CA LYS A 85 -4.72 5.45 8.84
C LYS A 85 -5.65 4.53 8.04
N VAL A 86 -5.45 4.47 6.73
CA VAL A 86 -6.29 3.63 5.89
C VAL A 86 -5.63 2.27 5.64
N ALA A 87 -4.32 2.20 5.85
CA ALA A 87 -3.57 0.97 5.65
C ALA A 87 -4.04 -0.12 6.60
N ALA A 88 -4.27 0.25 7.85
CA ALA A 88 -4.72 -0.70 8.87
C ALA A 88 -6.02 -1.39 8.44
N GLU A 89 -6.93 -0.60 7.87
CA GLU A 89 -8.21 -1.13 7.41
C GLU A 89 -8.00 -2.07 6.24
N VAL A 90 -7.31 -1.59 5.20
CA VAL A 90 -7.06 -2.38 3.99
C VAL A 90 -6.28 -3.66 4.32
N LEU A 91 -5.24 -3.53 5.14
CA LEU A 91 -4.41 -4.67 5.52
C LEU A 91 -5.25 -5.78 6.16
N GLY A 92 -6.14 -5.40 7.05
CA GLY A 92 -6.98 -6.37 7.72
C GLY A 92 -7.95 -7.05 6.76
N ARG A 93 -8.47 -6.28 5.82
CA ARG A 93 -9.42 -6.80 4.85
C ARG A 93 -8.74 -7.79 3.90
N ILE A 94 -7.59 -7.40 3.35
CA ILE A 94 -6.88 -8.27 2.43
C ILE A 94 -6.29 -9.47 3.16
N ASN A 95 -6.07 -9.32 4.45
CA ASN A 95 -5.51 -10.38 5.28
C ASN A 95 -6.47 -11.56 5.38
N GLN A 96 -7.76 -11.30 5.19
CA GLN A 96 -8.77 -12.34 5.28
C GLN A 96 -9.40 -12.67 3.92
N GLU A 97 -8.94 -12.01 2.87
CA GLU A 97 -9.48 -12.27 1.54
C GLU A 97 -8.41 -12.81 0.58
N PHE A 98 -7.15 -12.59 0.92
CA PHE A 98 -6.04 -13.05 0.09
C PHE A 98 -5.74 -14.52 0.33
N PRO A 99 -5.33 -15.24 -0.72
CA PRO A 99 -4.98 -16.66 -0.64
C PRO A 99 -3.73 -16.90 0.22
N ARG A 100 -3.44 -18.16 0.49
CA ARG A 100 -2.29 -18.54 1.32
C ARG A 100 -0.97 -18.00 0.78
N ASP A 101 -0.78 -18.08 -0.53
CA ASP A 101 0.46 -17.61 -1.15
C ASP A 101 0.61 -16.09 -1.01
N LEU A 102 -0.46 -15.36 -1.32
CA LEU A 102 -0.42 -13.90 -1.23
C LEU A 102 -0.40 -13.45 0.22
N LYS A 103 -1.01 -14.27 1.08
CA LYS A 103 -1.07 -13.98 2.51
C LYS A 103 0.32 -13.79 3.07
N LYS A 104 1.20 -14.74 2.80
CA LYS A 104 2.57 -14.68 3.29
C LYS A 104 3.32 -13.50 2.66
N LYS A 105 3.02 -13.24 1.39
CA LYS A 105 3.66 -12.15 0.67
C LYS A 105 3.31 -10.80 1.29
N LEU A 106 2.04 -10.60 1.64
CA LEU A 106 1.61 -9.35 2.25
C LEU A 106 2.07 -9.27 3.70
N SER A 107 2.22 -10.42 4.33
CA SER A 107 2.65 -10.47 5.73
C SER A 107 4.09 -10.00 5.89
N ARG A 108 4.95 -10.40 4.96
CA ARG A 108 6.35 -9.98 5.02
C ARG A 108 6.51 -8.55 4.55
N VAL A 109 5.65 -8.11 3.62
CA VAL A 109 5.73 -6.75 3.11
C VAL A 109 5.31 -5.74 4.18
N VAL A 110 4.29 -6.10 4.97
CA VAL A 110 3.82 -5.21 6.04
C VAL A 110 4.73 -5.33 7.26
N ASN A 111 5.45 -6.45 7.33
CA ASN A 111 6.36 -6.70 8.43
C ASN A 111 7.53 -5.73 8.34
N ILE A 112 8.02 -5.52 7.13
CA ILE A 112 9.13 -4.60 6.91
C ILE A 112 8.73 -3.19 7.31
N LEU A 113 7.47 -2.84 7.06
CA LEU A 113 6.95 -1.51 7.39
C LEU A 113 7.02 -1.27 8.90
N LYS A 114 6.52 -2.21 9.68
CA LYS A 114 6.53 -2.06 11.13
C LYS A 114 7.92 -2.28 11.72
N GLU A 115 8.74 -3.09 11.05
CA GLU A 115 10.09 -3.35 11.53
C GLU A 115 11.00 -2.15 11.31
N ARG A 116 10.84 -1.49 10.17
CA ARG A 116 11.64 -0.31 9.86
C ARG A 116 11.04 0.92 10.50
N ASN A 117 9.93 0.72 11.20
CA ASN A 117 9.21 1.80 11.89
C ASN A 117 8.77 2.87 10.91
N ILE A 118 8.16 2.44 9.82
CA ILE A 118 7.68 3.35 8.79
C ILE A 118 6.47 4.13 9.32
N PHE A 119 5.55 3.41 9.94
CA PHE A 119 4.35 4.03 10.50
C PHE A 119 4.50 4.19 12.00
N SER A 120 3.64 5.00 12.59
CA SER A 120 3.66 5.24 14.02
C SER A 120 3.22 3.98 14.76
N LYS A 121 3.80 3.74 15.94
CA LYS A 121 3.47 2.57 16.74
C LYS A 121 1.98 2.57 17.09
N GLN A 122 1.38 3.77 17.12
CA GLN A 122 -0.03 3.92 17.44
C GLN A 122 -0.91 3.20 16.40
N VAL A 123 -0.53 3.27 15.14
CA VAL A 123 -1.29 2.61 14.09
C VAL A 123 -0.79 1.19 13.87
N VAL A 124 0.50 0.98 14.09
CA VAL A 124 1.10 -0.35 13.93
C VAL A 124 0.44 -1.34 14.87
N ASN A 125 0.12 -0.89 16.08
CA ASN A 125 -0.52 -1.72 17.08
C ASN A 125 -1.90 -2.18 16.60
N ASP A 126 -2.51 -1.41 15.72
CA ASP A 126 -3.81 -1.74 15.17
C ASP A 126 -3.65 -2.64 13.95
N ILE A 127 -2.62 -2.37 13.16
CA ILE A 127 -2.36 -3.16 11.96
C ILE A 127 -2.10 -4.62 12.31
N GLU A 128 -1.20 -4.85 13.27
CA GLU A 128 -0.87 -6.21 13.68
C GLU A 128 -2.08 -6.92 14.30
N ARG A 129 -2.88 -6.18 15.05
CA ARG A 129 -4.05 -6.76 15.69
C ARG A 129 -5.13 -7.12 14.67
N SER A 130 -5.21 -6.35 13.59
CA SER A 130 -6.18 -6.60 12.55
C SER A 130 -5.88 -7.92 11.84
N LEU A 131 -4.60 -8.17 11.61
CA LEU A 131 -4.18 -9.39 10.95
C LEU A 131 -4.48 -10.61 11.83
N ALA A 132 -4.18 -10.48 13.10
CA ALA A 132 -4.41 -11.56 14.07
C ALA A 132 -5.90 -11.79 14.30
N ALA A 133 -6.67 -10.70 14.31
CA ALA A 133 -8.11 -10.77 14.55
C ALA A 133 -8.82 -11.64 13.51
N ALA A 134 -8.49 -11.42 12.24
CA ALA A 134 -9.10 -12.19 11.17
C ALA A 134 -8.68 -13.66 11.21
N LEU A 135 -7.58 -13.93 11.90
CA LEU A 135 -7.08 -15.30 12.02
C LEU A 135 -7.73 -16.02 13.19
N GLU A 136 -8.50 -15.27 13.98
CA GLU A 136 -9.19 -15.83 15.13
C GLU A 136 -10.41 -16.64 14.68
N HIS A 137 -10.88 -16.32 13.47
CA HIS A 137 -12.04 -16.98 12.87
C HIS A 137 -13.27 -16.81 13.76
N PRO B 6 8.25 -9.79 -13.40
CA PRO B 6 9.70 -9.84 -13.09
C PRO B 6 9.96 -10.11 -11.60
N SER B 7 8.96 -10.62 -10.90
CA SER B 7 9.07 -10.97 -9.48
C SER B 7 9.44 -9.74 -8.62
N TYR B 8 8.46 -8.92 -8.31
CA TYR B 8 8.69 -7.73 -7.49
C TYR B 8 9.18 -8.13 -6.09
N SEP B 9 10.28 -7.51 -5.64
CA SEP B 9 10.81 -7.82 -4.33
CB SEP B 9 12.28 -8.21 -4.42
OG SEP B 9 12.49 -9.52 -3.88
C SEP B 9 10.65 -6.61 -3.41
O SEP B 9 11.01 -5.51 -3.79
P SEP B 9 12.83 -9.72 -2.31
O1P SEP B 9 12.74 -8.40 -1.70
O2P SEP B 9 14.19 -10.24 -2.01
O3P SEP B 9 11.93 -10.62 -1.57
H SEP B 9 10.72 -6.84 -6.21
HA SEP B 9 10.25 -8.64 -3.92
HB2 SEP B 9 12.59 -8.21 -5.45
HB3 SEP B 9 12.89 -7.51 -3.86
N PRO B 10 10.09 -6.81 -2.20
CA PRO B 10 9.89 -5.72 -1.23
C PRO B 10 11.19 -5.05 -0.81
N THR B 11 12.28 -5.79 -0.86
CA THR B 11 13.59 -5.26 -0.49
C THR B 11 14.27 -4.61 -1.69
N SER B 12 13.63 -4.72 -2.84
CA SER B 12 14.16 -4.15 -4.07
C SER B 12 13.04 -3.50 -4.87
N PRO B 13 12.62 -2.29 -4.46
CA PRO B 13 11.55 -1.57 -5.12
C PRO B 13 12.04 -0.66 -6.24
N SER B 14 13.35 -0.52 -6.39
CA SER B 14 13.92 0.32 -7.42
C SER B 14 15.27 -0.21 -7.86
N ALA A 2 -11.55 19.12 -18.27
CA ALA A 2 -10.28 19.73 -18.72
C ALA A 2 -9.08 18.99 -18.12
N PHE A 3 -8.98 19.01 -16.81
CA PHE A 3 -7.89 18.35 -16.11
C PHE A 3 -8.15 16.87 -15.98
N SER A 4 -7.10 16.07 -16.16
CA SER A 4 -7.21 14.62 -16.07
C SER A 4 -7.54 14.20 -14.64
N SER A 5 -8.74 13.69 -14.44
CA SER A 5 -9.18 13.24 -13.13
C SER A 5 -8.89 11.76 -12.95
N GLU A 6 -8.86 11.32 -11.67
CA GLU A 6 -8.61 9.92 -11.33
C GLU A 6 -7.31 9.40 -11.95
N GLN A 7 -6.29 10.24 -11.97
CA GLN A 7 -5.00 9.86 -12.54
C GLN A 7 -4.36 8.74 -11.71
N PHE A 8 -4.59 8.78 -10.40
CA PHE A 8 -4.07 7.78 -9.49
C PHE A 8 -4.67 6.41 -9.80
N THR A 9 -5.98 6.38 -9.96
CA THR A 9 -6.69 5.15 -10.26
C THR A 9 -6.26 4.60 -11.63
N THR A 10 -6.07 5.51 -12.58
CA THR A 10 -5.65 5.11 -13.91
C THR A 10 -4.26 4.47 -13.87
N LYS A 11 -3.41 4.97 -12.98
CA LYS A 11 -2.06 4.43 -12.83
C LYS A 11 -2.12 3.00 -12.31
N LEU A 12 -3.01 2.77 -11.35
CA LEU A 12 -3.18 1.45 -10.75
C LEU A 12 -3.62 0.43 -11.80
N ASN A 13 -4.43 0.87 -12.75
CA ASN A 13 -4.95 0.00 -13.79
C ASN A 13 -3.90 -0.27 -14.88
N THR A 14 -2.75 0.39 -14.77
CA THR A 14 -1.69 0.20 -15.75
C THR A 14 -0.39 -0.23 -15.09
N LEU A 15 -0.48 -0.72 -13.86
CA LEU A 15 0.70 -1.16 -13.12
C LEU A 15 0.93 -2.66 -13.28
N GLU A 16 2.09 -3.11 -12.82
CA GLU A 16 2.46 -4.51 -12.90
C GLU A 16 3.17 -4.92 -11.61
N ASP A 17 3.68 -6.13 -11.56
CA ASP A 17 4.37 -6.62 -10.37
C ASP A 17 5.88 -6.35 -10.45
N SER A 18 6.28 -5.54 -11.41
CA SER A 18 7.67 -5.19 -11.57
C SER A 18 8.03 -4.01 -10.66
N GLN A 19 9.14 -4.12 -9.93
CA GLN A 19 9.54 -3.06 -9.02
C GLN A 19 9.84 -1.77 -9.80
N GLU A 20 10.27 -1.92 -11.04
CA GLU A 20 10.56 -0.78 -11.89
C GLU A 20 9.27 -0.03 -12.21
N SER A 21 8.23 -0.79 -12.55
CA SER A 21 6.93 -0.21 -12.87
C SER A 21 6.36 0.47 -11.64
N ILE A 22 6.51 -0.17 -10.48
CA ILE A 22 6.02 0.41 -9.23
C ILE A 22 6.77 1.69 -8.95
N SER A 23 8.10 1.64 -9.05
CA SER A 23 8.94 2.82 -8.82
C SER A 23 8.55 3.96 -9.75
N SER A 24 8.17 3.61 -10.98
CA SER A 24 7.78 4.59 -11.98
C SER A 24 6.58 5.41 -11.50
N ALA A 25 5.63 4.75 -10.85
CA ALA A 25 4.44 5.42 -10.34
C ALA A 25 4.70 6.03 -8.97
N SER A 26 5.35 5.27 -8.10
CA SER A 26 5.65 5.72 -6.75
C SER A 26 6.49 6.99 -6.76
N LYS A 27 7.47 7.06 -7.65
CA LYS A 27 8.32 8.24 -7.75
C LYS A 27 7.50 9.46 -8.11
N TRP A 28 6.48 9.26 -8.93
CA TRP A 28 5.61 10.35 -9.35
C TRP A 28 4.70 10.74 -8.18
N LEU A 29 4.22 9.73 -7.46
CA LEU A 29 3.35 9.97 -6.31
C LEU A 29 4.08 10.75 -5.23
N LEU A 30 5.36 10.44 -5.03
CA LEU A 30 6.18 11.13 -4.04
C LEU A 30 6.32 12.60 -4.39
N LEU A 31 6.24 12.91 -5.68
CA LEU A 31 6.33 14.28 -6.14
C LEU A 31 5.02 15.00 -5.88
N GLN A 32 3.94 14.23 -5.85
CA GLN A 32 2.61 14.76 -5.60
C GLN A 32 2.24 14.59 -4.13
N TYR A 33 3.23 14.76 -3.25
CA TYR A 33 3.01 14.63 -1.82
C TYR A 33 2.11 15.74 -1.28
N ARG A 34 1.71 16.65 -2.16
CA ARG A 34 0.84 17.76 -1.82
C ARG A 34 -0.62 17.30 -1.81
N ASP A 35 -0.84 16.08 -2.29
CA ASP A 35 -2.17 15.50 -2.36
C ASP A 35 -2.16 14.09 -1.77
N ALA A 36 -1.38 13.90 -0.71
CA ALA A 36 -1.26 12.60 -0.07
C ALA A 36 -2.61 12.04 0.41
N PRO A 37 -3.41 12.81 1.18
CA PRO A 37 -4.72 12.33 1.65
C PRO A 37 -5.70 12.08 0.51
N LYS A 38 -5.51 12.81 -0.59
CA LYS A 38 -6.36 12.70 -1.76
C LYS A 38 -6.17 11.35 -2.45
N VAL A 39 -4.93 10.89 -2.53
CA VAL A 39 -4.65 9.61 -3.16
C VAL A 39 -4.84 8.47 -2.18
N ALA A 40 -4.74 8.78 -0.89
CA ALA A 40 -4.89 7.78 0.16
C ALA A 40 -6.33 7.28 0.21
N GLU A 41 -7.29 8.20 0.16
CA GLU A 41 -8.70 7.85 0.18
C GLU A 41 -9.06 7.04 -1.06
N MET A 42 -8.51 7.46 -2.20
CA MET A 42 -8.76 6.80 -3.47
C MET A 42 -8.20 5.39 -3.45
N TRP A 43 -7.02 5.23 -2.86
CA TRP A 43 -6.36 3.94 -2.75
C TRP A 43 -7.20 2.98 -1.91
N LYS A 44 -7.64 3.46 -0.75
CA LYS A 44 -8.45 2.66 0.15
C LYS A 44 -9.73 2.20 -0.53
N GLU A 45 -10.44 3.14 -1.12
CA GLU A 45 -11.70 2.83 -1.80
C GLU A 45 -11.47 1.87 -2.96
N TYR A 46 -10.37 2.03 -3.67
CA TYR A 46 -10.04 1.16 -4.80
C TYR A 46 -9.85 -0.28 -4.32
N MET A 47 -9.09 -0.45 -3.25
CA MET A 47 -8.82 -1.77 -2.69
C MET A 47 -10.09 -2.41 -2.11
N LEU A 48 -11.05 -1.57 -1.73
CA LEU A 48 -12.30 -2.06 -1.16
C LEU A 48 -13.38 -2.20 -2.24
N ARG A 49 -12.98 -2.11 -3.50
CA ARG A 49 -13.92 -2.25 -4.61
C ARG A 49 -13.93 -3.68 -5.13
N PRO A 50 -15.11 -4.25 -5.36
CA PRO A 50 -15.26 -5.63 -5.85
C PRO A 50 -14.84 -5.80 -7.31
N SER A 51 -14.71 -4.70 -8.03
CA SER A 51 -14.32 -4.73 -9.42
C SER A 51 -12.79 -4.83 -9.56
N VAL A 52 -12.13 -5.08 -8.44
CA VAL A 52 -10.68 -5.20 -8.42
C VAL A 52 -10.26 -6.64 -8.15
N ASN A 53 -9.50 -7.20 -9.08
CA ASN A 53 -9.01 -8.57 -8.96
C ASN A 53 -7.99 -8.71 -7.83
N THR A 54 -7.84 -9.92 -7.31
CA THR A 54 -6.90 -10.19 -6.23
C THR A 54 -5.48 -9.75 -6.58
N ARG A 55 -5.07 -10.01 -7.82
CA ARG A 55 -3.74 -9.64 -8.27
C ARG A 55 -3.62 -8.13 -8.39
N ARG A 56 -4.74 -7.46 -8.68
CA ARG A 56 -4.76 -6.02 -8.79
C ARG A 56 -4.59 -5.39 -7.42
N LYS A 57 -5.21 -6.00 -6.42
CA LYS A 57 -5.10 -5.52 -5.05
C LYS A 57 -3.68 -5.71 -4.55
N LEU A 58 -3.05 -6.79 -5.00
CA LEU A 58 -1.66 -7.09 -4.64
C LEU A 58 -0.74 -5.99 -5.16
N LEU A 59 -1.04 -5.50 -6.35
CA LEU A 59 -0.26 -4.43 -6.98
C LEU A 59 -0.41 -3.15 -6.18
N GLY A 60 -1.62 -2.88 -5.72
CA GLY A 60 -1.88 -1.69 -4.93
C GLY A 60 -1.13 -1.73 -3.61
N LEU A 61 -1.00 -2.93 -3.06
CA LEU A 61 -0.28 -3.13 -1.81
C LEU A 61 1.20 -2.80 -2.01
N TYR A 62 1.74 -3.28 -3.13
CA TYR A 62 3.13 -3.05 -3.46
C TYR A 62 3.42 -1.56 -3.63
N LEU A 63 2.48 -0.86 -4.23
CA LEU A 63 2.61 0.58 -4.44
C LEU A 63 2.68 1.31 -3.11
N MET A 64 1.83 0.88 -2.16
CA MET A 64 1.78 1.49 -0.84
C MET A 64 3.10 1.30 -0.11
N ASN A 65 3.59 0.06 -0.06
CA ASN A 65 4.85 -0.26 0.61
C ASN A 65 5.99 0.57 0.04
N HIS A 66 5.93 0.82 -1.25
CA HIS A 66 6.94 1.60 -1.94
C HIS A 66 6.93 3.06 -1.52
N VAL A 67 5.79 3.72 -1.71
CA VAL A 67 5.65 5.13 -1.39
C VAL A 67 5.91 5.45 0.08
N VAL A 68 5.43 4.60 0.98
CA VAL A 68 5.63 4.85 2.42
C VAL A 68 7.07 4.60 2.85
N GLN A 69 7.75 3.68 2.19
CA GLN A 69 9.13 3.36 2.54
C GLN A 69 10.07 4.42 1.98
N GLN A 70 9.83 4.82 0.73
CA GLN A 70 10.65 5.83 0.09
C GLN A 70 10.39 7.21 0.70
N ALA A 71 9.20 7.38 1.28
CA ALA A 71 8.83 8.63 1.92
C ALA A 71 9.70 8.88 3.15
N LYS A 72 10.31 7.82 3.65
CA LYS A 72 11.19 7.93 4.82
C LYS A 72 12.44 8.71 4.46
N GLY A 73 12.84 8.64 3.20
CA GLY A 73 14.02 9.35 2.74
C GLY A 73 13.76 10.84 2.65
N GLN A 74 12.63 11.20 2.03
CA GLN A 74 12.26 12.60 1.89
C GLN A 74 11.66 13.13 3.19
N LYS A 75 11.45 12.22 4.14
CA LYS A 75 10.90 12.54 5.46
C LYS A 75 9.51 13.16 5.34
N ILE A 76 8.72 12.61 4.43
CA ILE A 76 7.36 13.09 4.22
C ILE A 76 6.39 12.28 5.06
N ILE A 77 6.09 12.79 6.25
CA ILE A 77 5.17 12.10 7.15
C ILE A 77 3.74 12.14 6.63
N GLN A 78 3.44 13.11 5.77
CA GLN A 78 2.10 13.25 5.20
C GLN A 78 1.69 11.95 4.50
N PHE A 79 2.66 11.26 3.91
CA PHE A 79 2.41 10.02 3.21
C PHE A 79 2.10 8.91 4.21
N GLN A 80 2.98 8.73 5.18
CA GLN A 80 2.82 7.69 6.19
C GLN A 80 1.58 7.93 7.05
N ASP A 81 1.22 9.19 7.25
CA ASP A 81 0.06 9.54 8.05
C ASP A 81 -1.24 9.21 7.33
N SER A 82 -1.40 9.76 6.14
CA SER A 82 -2.61 9.55 5.35
C SER A 82 -2.76 8.10 4.90
N PHE A 83 -1.67 7.47 4.47
CA PHE A 83 -1.73 6.09 4.02
C PHE A 83 -1.78 5.13 5.20
N GLY A 84 -1.19 5.53 6.31
CA GLY A 84 -1.17 4.68 7.49
C GLY A 84 -2.54 4.48 8.11
N LYS A 85 -3.30 5.56 8.20
CA LYS A 85 -4.63 5.51 8.80
C LYS A 85 -5.60 4.65 7.98
N VAL A 86 -5.36 4.56 6.68
CA VAL A 86 -6.22 3.76 5.81
C VAL A 86 -5.65 2.36 5.57
N ALA A 87 -4.34 2.21 5.84
CA ALA A 87 -3.65 0.94 5.66
C ALA A 87 -4.22 -0.13 6.57
N ALA A 88 -4.42 0.22 7.84
CA ALA A 88 -4.96 -0.71 8.83
C ALA A 88 -6.23 -1.38 8.33
N GLU A 89 -7.13 -0.58 7.79
CA GLU A 89 -8.39 -1.07 7.26
C GLU A 89 -8.15 -2.03 6.09
N VAL A 90 -7.50 -1.52 5.05
CA VAL A 90 -7.21 -2.29 3.85
C VAL A 90 -6.45 -3.58 4.16
N LEU A 91 -5.38 -3.48 4.94
CA LEU A 91 -4.57 -4.64 5.29
C LEU A 91 -5.37 -5.70 6.05
N GLY A 92 -6.27 -5.25 6.91
CA GLY A 92 -7.09 -6.17 7.67
C GLY A 92 -8.15 -6.83 6.81
N ARG A 93 -8.61 -6.10 5.80
CA ARG A 93 -9.63 -6.61 4.89
C ARG A 93 -9.04 -7.60 3.90
N ILE A 94 -7.95 -7.21 3.25
CA ILE A 94 -7.31 -8.07 2.26
C ILE A 94 -6.75 -9.32 2.91
N ASN A 95 -6.52 -9.27 4.21
CA ASN A 95 -6.01 -10.42 4.96
C ASN A 95 -7.02 -11.56 4.89
N GLN A 96 -8.28 -11.20 4.72
CA GLN A 96 -9.36 -12.17 4.64
C GLN A 96 -9.79 -12.39 3.19
N GLU A 97 -9.08 -11.73 2.26
CA GLU A 97 -9.38 -11.84 0.84
C GLU A 97 -8.22 -12.46 0.07
N PHE A 98 -7.06 -12.50 0.70
CA PHE A 98 -5.86 -13.05 0.08
C PHE A 98 -5.66 -14.51 0.47
N PRO A 99 -5.52 -15.40 -0.52
CA PRO A 99 -5.30 -16.82 -0.28
C PRO A 99 -3.99 -17.09 0.47
N ARG A 100 -3.76 -18.34 0.82
CA ARG A 100 -2.57 -18.77 1.57
C ARG A 100 -1.27 -18.24 0.94
N ASP A 101 -1.24 -18.14 -0.39
CA ASP A 101 -0.03 -17.67 -1.07
C ASP A 101 0.15 -16.16 -0.91
N LEU A 102 -0.88 -15.41 -1.25
CA LEU A 102 -0.82 -13.95 -1.19
C LEU A 102 -0.71 -13.44 0.24
N LYS A 103 -1.35 -14.12 1.18
CA LYS A 103 -1.29 -13.69 2.58
C LYS A 103 0.13 -13.85 3.14
N LYS A 104 0.88 -14.82 2.62
CA LYS A 104 2.25 -15.03 3.05
C LYS A 104 3.12 -13.87 2.59
N LYS A 105 2.67 -13.20 1.55
CA LYS A 105 3.37 -12.05 1.01
C LYS A 105 2.97 -10.81 1.80
N LEU A 106 1.75 -10.83 2.33
CA LEU A 106 1.22 -9.74 3.13
C LEU A 106 2.04 -9.61 4.41
N SER A 107 2.31 -10.73 5.05
CA SER A 107 3.08 -10.74 6.29
C SER A 107 4.51 -10.25 6.04
N ARG A 108 4.97 -10.42 4.80
CA ARG A 108 6.31 -9.99 4.42
C ARG A 108 6.40 -8.48 4.32
N VAL A 109 5.26 -7.84 4.09
CA VAL A 109 5.20 -6.39 3.99
C VAL A 109 4.92 -5.78 5.36
N VAL A 110 3.91 -6.31 6.03
CA VAL A 110 3.51 -5.83 7.36
C VAL A 110 4.65 -5.88 8.36
N ASN A 111 5.40 -6.97 8.38
CA ASN A 111 6.51 -7.12 9.31
C ASN A 111 7.59 -6.06 9.07
N ILE A 112 7.84 -5.76 7.80
CA ILE A 112 8.87 -4.77 7.46
C ILE A 112 8.40 -3.37 7.83
N LEU A 113 7.12 -3.09 7.59
CA LEU A 113 6.53 -1.78 7.88
C LEU A 113 6.68 -1.40 9.35
N LYS A 114 6.48 -2.38 10.24
CA LYS A 114 6.58 -2.13 11.67
C LYS A 114 8.02 -2.15 12.16
N GLU A 115 8.80 -3.11 11.66
CA GLU A 115 10.20 -3.25 12.08
C GLU A 115 11.06 -2.07 11.63
N ARG A 116 10.73 -1.51 10.47
CA ARG A 116 11.48 -0.37 9.94
C ARG A 116 10.94 0.94 10.51
N ASN A 117 9.92 0.84 11.36
CA ASN A 117 9.29 2.01 11.97
C ASN A 117 8.81 2.98 10.90
N ILE A 118 8.04 2.45 9.95
CA ILE A 118 7.53 3.26 8.85
C ILE A 118 6.34 4.09 9.31
N PHE A 119 5.40 3.45 9.98
CA PHE A 119 4.22 4.13 10.48
C PHE A 119 4.35 4.38 11.99
N SER A 120 3.41 5.15 12.52
CA SER A 120 3.40 5.46 13.94
C SER A 120 3.06 4.22 14.77
N LYS A 121 3.43 4.22 16.04
CA LYS A 121 3.17 3.09 16.93
C LYS A 121 1.69 2.75 17.00
N GLN A 122 0.85 3.78 17.03
CA GLN A 122 -0.60 3.59 17.10
C GLN A 122 -1.13 2.95 15.82
N VAL A 123 -0.43 3.19 14.71
CA VAL A 123 -0.85 2.65 13.42
C VAL A 123 -0.42 1.20 13.26
N VAL A 124 0.86 0.92 13.52
CA VAL A 124 1.38 -0.44 13.39
C VAL A 124 0.69 -1.38 14.36
N ASN A 125 0.26 -0.85 15.50
CA ASN A 125 -0.43 -1.64 16.51
C ASN A 125 -1.83 -2.00 16.05
N ASP A 126 -2.40 -1.16 15.21
CA ASP A 126 -3.75 -1.39 14.69
C ASP A 126 -3.70 -2.42 13.57
N ILE A 127 -2.64 -2.38 12.78
CA ILE A 127 -2.47 -3.30 11.67
C ILE A 127 -2.35 -4.74 12.17
N GLU A 128 -1.41 -4.97 13.08
CA GLU A 128 -1.16 -6.31 13.61
C GLU A 128 -2.39 -6.85 14.35
N ARG A 129 -3.09 -5.98 15.08
CA ARG A 129 -4.27 -6.41 15.83
C ARG A 129 -5.40 -6.79 14.87
N SER A 130 -5.43 -6.17 13.70
CA SER A 130 -6.47 -6.47 12.71
C SER A 130 -6.21 -7.84 12.09
N LEU A 131 -4.95 -8.13 11.82
CA LEU A 131 -4.57 -9.42 11.25
C LEU A 131 -4.90 -10.54 12.22
N ALA A 132 -4.66 -10.28 13.50
CA ALA A 132 -4.92 -11.25 14.55
C ALA A 132 -6.43 -11.39 14.81
N ALA A 133 -7.13 -10.26 14.82
CA ALA A 133 -8.56 -10.25 15.05
C ALA A 133 -9.31 -10.95 13.93
N ALA A 134 -8.71 -10.96 12.75
CA ALA A 134 -9.31 -11.61 11.59
C ALA A 134 -9.26 -13.12 11.72
N LEU A 135 -8.43 -13.60 12.66
CA LEU A 135 -8.27 -15.03 12.93
C LEU A 135 -7.67 -15.77 11.73
N GLU A 136 -7.17 -15.01 10.76
CA GLU A 136 -6.59 -15.60 9.56
C GLU A 136 -5.06 -15.55 9.63
N HIS A 137 -4.51 -16.34 10.52
CA HIS A 137 -3.05 -16.40 10.69
C HIS A 137 -2.63 -17.83 10.97
N PRO B 6 7.72 -10.48 -12.75
CA PRO B 6 8.98 -9.98 -12.18
C PRO B 6 9.05 -10.15 -10.66
N SER B 7 7.88 -10.10 -10.00
CA SER B 7 7.77 -10.27 -8.56
C SER B 7 8.43 -9.12 -7.78
N TYR B 8 7.60 -8.19 -7.32
CA TYR B 8 8.08 -7.05 -6.55
C TYR B 8 8.53 -7.50 -5.17
N SEP B 9 9.75 -7.13 -4.78
CA SEP B 9 10.27 -7.50 -3.49
CB SEP B 9 11.74 -7.91 -3.61
OG SEP B 9 11.96 -9.21 -3.04
C SEP B 9 10.11 -6.34 -2.51
O SEP B 9 10.47 -5.21 -2.84
P SEP B 9 12.43 -9.36 -1.51
O1P SEP B 9 12.21 -8.05 -0.89
O2P SEP B 9 13.85 -9.70 -1.30
O3P SEP B 9 11.69 -10.35 -0.69
H SEP B 9 10.30 -6.58 -5.39
HA SEP B 9 9.70 -8.35 -3.13
HB2 SEP B 9 12.03 -7.93 -4.65
HB3 SEP B 9 12.36 -7.19 -3.08
N PRO B 10 9.54 -6.59 -1.32
CA PRO B 10 9.34 -5.55 -0.30
C PRO B 10 10.64 -4.90 0.16
N THR B 11 11.72 -5.66 0.12
CA THR B 11 13.03 -5.17 0.55
C THR B 11 13.79 -4.57 -0.64
N SER B 12 13.25 -4.75 -1.84
CA SER B 12 13.86 -4.23 -3.05
C SER B 12 12.79 -3.57 -3.92
N PRO B 13 12.39 -2.34 -3.56
CA PRO B 13 11.36 -1.59 -4.27
C PRO B 13 11.83 -1.09 -5.64
N SER B 14 13.13 -0.93 -5.81
CA SER B 14 13.68 -0.44 -7.05
C SER B 14 14.92 -1.25 -7.45
N ALA A 2 -12.17 18.93 -17.38
CA ALA A 2 -11.05 19.71 -17.95
C ALA A 2 -9.72 18.97 -17.75
N PHE A 3 -9.36 18.74 -16.51
CA PHE A 3 -8.12 18.06 -16.18
C PHE A 3 -8.34 16.55 -16.13
N SER A 4 -7.25 15.82 -16.25
CA SER A 4 -7.29 14.36 -16.24
C SER A 4 -7.78 13.84 -14.88
N SER A 5 -9.03 13.41 -14.85
CA SER A 5 -9.62 12.87 -13.63
C SER A 5 -9.20 11.43 -13.43
N GLU A 6 -9.25 10.97 -12.17
CA GLU A 6 -8.87 9.59 -11.82
C GLU A 6 -7.42 9.30 -12.21
N GLN A 7 -6.55 10.28 -12.01
CA GLN A 7 -5.14 10.14 -12.35
C GLN A 7 -4.49 9.00 -11.56
N PHE A 8 -4.86 8.87 -10.30
CA PHE A 8 -4.31 7.83 -9.44
C PHE A 8 -4.93 6.47 -9.77
N THR A 9 -6.24 6.46 -9.93
CA THR A 9 -6.98 5.25 -10.24
C THR A 9 -6.53 4.60 -11.55
N THR A 10 -6.30 5.42 -12.57
CA THR A 10 -5.87 4.91 -13.86
C THR A 10 -4.45 4.35 -13.81
N LYS A 11 -3.65 4.82 -12.85
CA LYS A 11 -2.28 4.34 -12.71
C LYS A 11 -2.28 2.88 -12.26
N LEU A 12 -3.23 2.56 -11.38
CA LEU A 12 -3.36 1.21 -10.85
C LEU A 12 -3.67 0.21 -11.95
N ASN A 13 -4.39 0.66 -12.96
CA ASN A 13 -4.76 -0.20 -14.09
C ASN A 13 -3.59 -0.41 -15.04
N THR A 14 -2.54 0.37 -14.87
CA THR A 14 -1.37 0.28 -15.74
C THR A 14 -0.15 -0.24 -14.98
N LEU A 15 -0.36 -0.69 -13.75
CA LEU A 15 0.74 -1.19 -12.94
C LEU A 15 1.01 -2.67 -13.23
N GLU A 16 2.16 -3.15 -12.79
CA GLU A 16 2.57 -4.52 -12.99
C GLU A 16 3.34 -5.01 -11.77
N ASP A 17 3.60 -6.31 -11.70
CA ASP A 17 4.34 -6.87 -10.57
C ASP A 17 5.85 -6.77 -10.76
N SER A 18 6.29 -5.61 -11.26
CA SER A 18 7.70 -5.36 -11.48
C SER A 18 8.14 -4.17 -10.64
N GLN A 19 9.33 -4.26 -10.06
CA GLN A 19 9.85 -3.18 -9.21
C GLN A 19 10.01 -1.90 -10.00
N GLU A 20 10.46 -2.00 -11.25
CA GLU A 20 10.65 -0.84 -12.10
C GLU A 20 9.31 -0.16 -12.36
N SER A 21 8.28 -0.97 -12.61
CA SER A 21 6.96 -0.45 -12.87
C SER A 21 6.38 0.26 -11.64
N ILE A 22 6.50 -0.39 -10.48
CA ILE A 22 6.00 0.18 -9.24
C ILE A 22 6.79 1.43 -8.88
N SER A 23 8.11 1.35 -9.00
CA SER A 23 9.00 2.46 -8.71
C SER A 23 8.63 3.70 -9.53
N SER A 24 8.34 3.49 -10.80
CA SER A 24 7.98 4.58 -11.70
C SER A 24 6.74 5.33 -11.21
N ALA A 25 5.79 4.60 -10.64
CA ALA A 25 4.56 5.21 -10.15
C ALA A 25 4.75 5.79 -8.75
N SER A 26 5.48 5.06 -7.91
CA SER A 26 5.74 5.50 -6.54
C SER A 26 6.52 6.81 -6.52
N LYS A 27 7.53 6.91 -7.38
CA LYS A 27 8.35 8.10 -7.46
C LYS A 27 7.50 9.29 -7.92
N TRP A 28 6.60 9.02 -8.86
CA TRP A 28 5.71 10.05 -9.40
C TRP A 28 4.77 10.55 -8.31
N LEU A 29 4.31 9.64 -7.46
CA LEU A 29 3.42 9.98 -6.36
C LEU A 29 4.12 10.85 -5.32
N LEU A 30 5.34 10.45 -4.97
CA LEU A 30 6.13 11.16 -3.97
C LEU A 30 6.49 12.57 -4.43
N LEU A 31 6.45 12.80 -5.74
CA LEU A 31 6.78 14.11 -6.29
C LEU A 31 5.69 15.13 -5.97
N GLN A 32 4.49 14.64 -5.73
CA GLN A 32 3.37 15.53 -5.42
C GLN A 32 2.65 15.07 -4.16
N TYR A 33 3.30 15.26 -3.02
CA TYR A 33 2.72 14.89 -1.73
C TYR A 33 1.64 15.89 -1.31
N ARG A 34 1.28 16.77 -2.24
CA ARG A 34 0.26 17.78 -1.99
C ARG A 34 -1.11 17.13 -1.91
N ASP A 35 -1.26 15.99 -2.55
CA ASP A 35 -2.54 15.28 -2.55
C ASP A 35 -2.40 13.93 -1.87
N ALA A 36 -1.53 13.88 -0.87
CA ALA A 36 -1.28 12.65 -0.12
C ALA A 36 -2.58 12.05 0.46
N PRO A 37 -3.41 12.83 1.18
CA PRO A 37 -4.66 12.32 1.74
C PRO A 37 -5.66 11.93 0.65
N LYS A 38 -5.60 12.62 -0.49
CA LYS A 38 -6.51 12.36 -1.60
C LYS A 38 -6.20 11.01 -2.25
N VAL A 39 -4.93 10.75 -2.51
CA VAL A 39 -4.54 9.49 -3.11
C VAL A 39 -4.66 8.34 -2.11
N ALA A 40 -4.57 8.68 -0.82
CA ALA A 40 -4.69 7.70 0.23
C ALA A 40 -6.12 7.17 0.33
N GLU A 41 -7.08 8.09 0.38
CA GLU A 41 -8.49 7.71 0.46
C GLU A 41 -8.92 7.02 -0.83
N MET A 42 -8.36 7.47 -1.96
CA MET A 42 -8.69 6.90 -3.25
C MET A 42 -8.16 5.47 -3.32
N TRP A 43 -6.96 5.28 -2.79
CA TRP A 43 -6.34 3.97 -2.75
C TRP A 43 -7.20 3.01 -1.95
N LYS A 44 -7.61 3.46 -0.77
CA LYS A 44 -8.46 2.69 0.12
C LYS A 44 -9.76 2.30 -0.58
N GLU A 45 -10.38 3.28 -1.24
CA GLU A 45 -11.63 3.05 -1.95
C GLU A 45 -11.45 2.05 -3.08
N TYR A 46 -10.37 2.19 -3.85
CA TYR A 46 -10.10 1.30 -4.96
C TYR A 46 -9.85 -0.13 -4.49
N MET A 47 -9.05 -0.26 -3.45
CA MET A 47 -8.70 -1.57 -2.90
C MET A 47 -9.91 -2.28 -2.27
N LEU A 48 -10.92 -1.50 -1.87
CA LEU A 48 -12.10 -2.07 -1.25
C LEU A 48 -13.28 -2.12 -2.21
N ARG A 49 -12.98 -2.32 -3.49
CA ARG A 49 -14.03 -2.40 -4.51
C ARG A 49 -14.08 -3.80 -5.11
N PRO A 50 -15.29 -4.28 -5.45
CA PRO A 50 -15.49 -5.62 -6.03
C PRO A 50 -14.98 -5.71 -7.48
N SER A 51 -14.78 -4.56 -8.09
CA SER A 51 -14.32 -4.48 -9.47
C SER A 51 -12.80 -4.64 -9.54
N VAL A 52 -12.18 -4.91 -8.41
CA VAL A 52 -10.73 -5.08 -8.35
C VAL A 52 -10.37 -6.50 -7.95
N ASN A 53 -9.63 -7.18 -8.82
CA ASN A 53 -9.20 -8.55 -8.59
C ASN A 53 -8.08 -8.59 -7.55
N THR A 54 -7.96 -9.73 -6.86
CA THR A 54 -6.94 -9.92 -5.83
C THR A 54 -5.53 -9.60 -6.33
N ARG A 55 -5.25 -9.95 -7.59
CA ARG A 55 -3.94 -9.68 -8.17
C ARG A 55 -3.66 -8.19 -8.23
N ARG A 56 -4.71 -7.41 -8.46
CA ARG A 56 -4.59 -5.96 -8.53
C ARG A 56 -4.39 -5.37 -7.14
N LYS A 57 -5.07 -5.95 -6.16
CA LYS A 57 -4.96 -5.49 -4.78
C LYS A 57 -3.55 -5.75 -4.27
N LEU A 58 -2.94 -6.82 -4.77
CA LEU A 58 -1.57 -7.16 -4.39
C LEU A 58 -0.63 -6.08 -4.93
N LEU A 59 -0.90 -5.64 -6.15
CA LEU A 59 -0.11 -4.60 -6.80
C LEU A 59 -0.30 -3.28 -6.10
N GLY A 60 -1.55 -3.00 -5.70
CA GLY A 60 -1.86 -1.77 -5.00
C GLY A 60 -1.13 -1.67 -3.68
N LEU A 61 -0.96 -2.82 -3.03
CA LEU A 61 -0.26 -2.89 -1.76
C LEU A 61 1.21 -2.54 -1.97
N TYR A 62 1.76 -3.04 -3.08
CA TYR A 62 3.16 -2.79 -3.43
C TYR A 62 3.40 -1.29 -3.61
N LEU A 63 2.45 -0.61 -4.24
CA LEU A 63 2.57 0.82 -4.47
C LEU A 63 2.63 1.57 -3.15
N MET A 64 1.75 1.19 -2.23
CA MET A 64 1.69 1.81 -0.91
C MET A 64 3.00 1.55 -0.16
N ASN A 65 3.42 0.30 -0.20
CA ASN A 65 4.66 -0.13 0.47
C ASN A 65 5.87 0.68 -0.01
N HIS A 66 5.89 0.96 -1.30
CA HIS A 66 6.99 1.70 -1.90
C HIS A 66 6.99 3.17 -1.45
N VAL A 67 5.86 3.83 -1.61
CA VAL A 67 5.76 5.25 -1.25
C VAL A 67 5.96 5.50 0.25
N VAL A 68 5.55 4.56 1.10
CA VAL A 68 5.71 4.73 2.53
C VAL A 68 7.13 4.42 2.99
N GLN A 69 7.79 3.48 2.31
CA GLN A 69 9.16 3.12 2.67
C GLN A 69 10.14 4.19 2.20
N GLN A 70 9.85 4.78 1.04
CA GLN A 70 10.71 5.81 0.48
C GLN A 70 10.39 7.18 1.08
N ALA A 71 9.27 7.28 1.79
CA ALA A 71 8.85 8.53 2.41
C ALA A 71 9.84 8.95 3.49
N LYS A 72 10.57 7.98 4.03
CA LYS A 72 11.55 8.26 5.07
C LYS A 72 12.71 9.08 4.51
N GLY A 73 13.10 8.78 3.27
CA GLY A 73 14.18 9.50 2.62
C GLY A 73 13.75 10.89 2.21
N GLN A 74 12.47 11.02 1.89
CA GLN A 74 11.91 12.31 1.48
C GLN A 74 11.60 13.16 2.70
N LYS A 75 11.58 12.51 3.87
CA LYS A 75 11.29 13.18 5.14
C LYS A 75 9.85 13.70 5.17
N ILE A 76 9.00 13.05 4.39
CA ILE A 76 7.60 13.43 4.32
C ILE A 76 6.75 12.35 4.99
N ILE A 77 6.59 12.47 6.30
CA ILE A 77 5.81 11.49 7.05
C ILE A 77 4.32 11.66 6.78
N GLN A 78 3.97 12.77 6.14
CA GLN A 78 2.57 13.06 5.79
C GLN A 78 2.02 11.96 4.90
N PHE A 79 2.87 11.42 4.02
CA PHE A 79 2.47 10.35 3.13
C PHE A 79 2.15 9.11 3.94
N GLN A 80 3.00 8.83 4.91
CA GLN A 80 2.85 7.67 5.77
C GLN A 80 1.63 7.82 6.69
N ASP A 81 1.40 9.04 7.16
CA ASP A 81 0.27 9.30 8.05
C ASP A 81 -1.05 9.19 7.30
N SER A 82 -1.09 9.76 6.10
CA SER A 82 -2.29 9.73 5.27
C SER A 82 -2.65 8.30 4.88
N PHE A 83 -1.66 7.52 4.50
CA PHE A 83 -1.89 6.14 4.11
C PHE A 83 -2.02 5.23 5.33
N GLY A 84 -1.30 5.56 6.39
CA GLY A 84 -1.33 4.76 7.60
C GLY A 84 -2.71 4.62 8.21
N LYS A 85 -3.46 5.71 8.29
CA LYS A 85 -4.78 5.67 8.89
C LYS A 85 -5.77 4.82 8.06
N VAL A 86 -5.47 4.60 6.79
CA VAL A 86 -6.34 3.80 5.95
C VAL A 86 -5.72 2.42 5.67
N ALA A 87 -4.41 2.31 5.91
CA ALA A 87 -3.68 1.07 5.68
C ALA A 87 -4.19 -0.03 6.59
N ALA A 88 -4.36 0.29 7.87
CA ALA A 88 -4.85 -0.68 8.84
C ALA A 88 -6.19 -1.27 8.40
N GLU A 89 -7.04 -0.41 7.84
CA GLU A 89 -8.34 -0.83 7.36
C GLU A 89 -8.18 -1.77 6.17
N VAL A 90 -7.53 -1.27 5.12
CA VAL A 90 -7.31 -2.02 3.90
C VAL A 90 -6.61 -3.35 4.16
N LEU A 91 -5.51 -3.31 4.91
CA LEU A 91 -4.75 -4.51 5.22
C LEU A 91 -5.59 -5.55 5.95
N GLY A 92 -6.38 -5.09 6.92
CA GLY A 92 -7.23 -6.00 7.67
C GLY A 92 -8.32 -6.62 6.81
N ARG A 93 -8.79 -5.87 5.82
CA ARG A 93 -9.84 -6.34 4.93
C ARG A 93 -9.29 -7.31 3.89
N ILE A 94 -8.24 -6.88 3.19
CA ILE A 94 -7.64 -7.70 2.14
C ILE A 94 -6.97 -8.94 2.73
N ASN A 95 -6.69 -8.90 4.04
CA ASN A 95 -6.07 -10.03 4.72
C ASN A 95 -7.00 -11.25 4.64
N GLN A 96 -8.29 -10.98 4.62
CA GLN A 96 -9.29 -12.03 4.54
C GLN A 96 -9.53 -12.44 3.09
N GLU A 97 -9.06 -11.61 2.17
CA GLU A 97 -9.23 -11.87 0.75
C GLU A 97 -8.02 -12.62 0.20
N PHE A 98 -6.85 -12.27 0.69
CA PHE A 98 -5.60 -12.88 0.26
C PHE A 98 -5.52 -14.34 0.69
N PRO A 99 -5.36 -15.26 -0.28
CA PRO A 99 -5.25 -16.69 0.00
C PRO A 99 -3.92 -17.05 0.64
N ARG A 100 -3.71 -18.36 0.85
CA ARG A 100 -2.50 -18.86 1.50
C ARG A 100 -1.21 -18.41 0.80
N ASP A 101 -1.28 -18.13 -0.49
CA ASP A 101 -0.08 -17.71 -1.23
C ASP A 101 0.19 -16.22 -1.03
N LEU A 102 -0.84 -15.39 -1.15
CA LEU A 102 -0.68 -13.95 -1.03
C LEU A 102 -0.45 -13.52 0.43
N LYS A 103 -1.01 -14.28 1.37
CA LYS A 103 -0.86 -13.96 2.80
C LYS A 103 0.62 -13.92 3.21
N LYS A 104 1.45 -14.69 2.51
CA LYS A 104 2.87 -14.75 2.79
C LYS A 104 3.54 -13.41 2.53
N LYS A 105 3.28 -12.87 1.34
CA LYS A 105 3.83 -11.58 0.96
C LYS A 105 3.22 -10.46 1.80
N LEU A 106 1.94 -10.65 2.14
CA LEU A 106 1.21 -9.68 2.95
C LEU A 106 1.83 -9.55 4.33
N SER A 107 2.09 -10.69 4.97
CA SER A 107 2.69 -10.68 6.30
C SER A 107 4.11 -10.13 6.26
N ARG A 108 4.81 -10.41 5.15
CA ARG A 108 6.18 -9.95 4.97
C ARG A 108 6.26 -8.43 4.92
N VAL A 109 5.46 -7.81 4.05
CA VAL A 109 5.47 -6.36 3.92
C VAL A 109 5.06 -5.69 5.23
N VAL A 110 4.04 -6.23 5.90
CA VAL A 110 3.58 -5.69 7.17
C VAL A 110 4.70 -5.72 8.20
N ASN A 111 5.40 -6.85 8.24
CA ASN A 111 6.51 -7.04 9.15
C ASN A 111 7.61 -6.01 8.92
N ILE A 112 7.98 -5.82 7.66
CA ILE A 112 9.01 -4.86 7.29
C ILE A 112 8.58 -3.43 7.64
N LEU A 113 7.35 -3.09 7.34
CA LEU A 113 6.82 -1.74 7.60
C LEU A 113 6.86 -1.41 9.09
N LYS A 114 6.44 -2.35 9.93
CA LYS A 114 6.43 -2.11 11.37
C LYS A 114 7.84 -2.17 11.96
N GLU A 115 8.70 -3.04 11.42
CA GLU A 115 10.06 -3.18 11.91
C GLU A 115 10.91 -1.97 11.53
N ARG A 116 10.54 -1.30 10.45
CA ARG A 116 11.27 -0.11 10.02
C ARG A 116 10.63 1.13 10.64
N ASN A 117 9.54 0.90 11.36
CA ASN A 117 8.77 1.96 12.02
C ASN A 117 8.35 3.01 11.00
N ILE A 118 7.68 2.56 9.96
CA ILE A 118 7.21 3.44 8.91
C ILE A 118 6.01 4.26 9.38
N PHE A 119 5.07 3.59 10.03
CA PHE A 119 3.88 4.26 10.53
C PHE A 119 4.01 4.53 12.03
N SER A 120 3.06 5.29 12.55
CA SER A 120 3.04 5.64 13.97
C SER A 120 2.80 4.42 14.85
N LYS A 121 3.12 4.54 16.13
CA LYS A 121 2.95 3.45 17.09
C LYS A 121 1.52 2.91 17.10
N GLN A 122 0.56 3.82 17.07
CA GLN A 122 -0.85 3.46 17.09
C GLN A 122 -1.27 2.78 15.78
N VAL A 123 -0.53 3.03 14.70
CA VAL A 123 -0.86 2.44 13.41
C VAL A 123 -0.26 1.04 13.27
N VAL A 124 1.03 0.91 13.58
CA VAL A 124 1.70 -0.38 13.47
C VAL A 124 1.07 -1.42 14.39
N ASN A 125 0.53 -0.95 15.51
CA ASN A 125 -0.11 -1.83 16.47
C ASN A 125 -1.53 -2.17 16.04
N ASP A 126 -2.15 -1.26 15.30
CA ASP A 126 -3.51 -1.47 14.81
C ASP A 126 -3.51 -2.51 13.69
N ILE A 127 -2.52 -2.41 12.81
CA ILE A 127 -2.39 -3.32 11.69
C ILE A 127 -2.23 -4.78 12.16
N GLU A 128 -1.28 -5.01 13.04
CA GLU A 128 -1.00 -6.35 13.55
C GLU A 128 -2.20 -6.93 14.32
N ARG A 129 -2.94 -6.09 15.03
CA ARG A 129 -4.08 -6.56 15.80
C ARG A 129 -5.25 -6.90 14.87
N SER A 130 -5.40 -6.15 13.79
CA SER A 130 -6.49 -6.38 12.84
C SER A 130 -6.31 -7.74 12.14
N LEU A 131 -5.08 -8.01 11.72
CA LEU A 131 -4.78 -9.27 11.04
C LEU A 131 -5.05 -10.45 11.97
N ALA A 132 -4.74 -10.26 13.25
CA ALA A 132 -4.94 -11.30 14.25
C ALA A 132 -6.43 -11.49 14.54
N ALA A 133 -7.15 -10.37 14.63
CA ALA A 133 -8.59 -10.40 14.90
C ALA A 133 -9.35 -11.17 13.82
N ALA A 134 -8.87 -11.05 12.59
CA ALA A 134 -9.50 -11.73 11.47
C ALA A 134 -9.28 -13.24 11.54
N LEU A 135 -8.29 -13.64 12.31
CA LEU A 135 -7.96 -15.06 12.51
C LEU A 135 -7.74 -15.78 11.18
N GLU A 136 -7.00 -15.14 10.29
CA GLU A 136 -6.71 -15.73 8.99
C GLU A 136 -5.25 -16.19 8.94
N HIS A 137 -4.76 -16.67 10.07
CA HIS A 137 -3.39 -17.14 10.17
C HIS A 137 -3.33 -18.64 9.94
N PRO B 6 7.52 -9.70 -12.94
CA PRO B 6 8.70 -10.41 -12.42
C PRO B 6 8.61 -10.65 -10.91
N SER B 7 7.39 -10.56 -10.36
CA SER B 7 7.15 -10.76 -8.93
C SER B 7 7.87 -9.71 -8.07
N TYR B 8 7.09 -8.75 -7.59
CA TYR B 8 7.63 -7.69 -6.75
C TYR B 8 7.79 -8.15 -5.30
N SEP B 9 8.96 -7.92 -4.74
CA SEP B 9 9.22 -8.27 -3.35
CB SEP B 9 10.48 -9.15 -3.25
OG SEP B 9 10.20 -10.35 -2.51
C SEP B 9 9.40 -6.99 -2.54
O SEP B 9 10.12 -6.10 -2.97
P SEP B 9 10.57 -10.45 -0.95
O1P SEP B 9 10.65 -9.07 -0.45
O2P SEP B 9 11.87 -11.10 -0.63
O3P SEP B 9 9.59 -11.16 -0.12
H SEP B 9 9.67 -7.51 -5.25
HA SEP B 9 8.37 -8.82 -2.97
HB2 SEP B 9 10.81 -9.41 -4.25
HB3 SEP B 9 11.26 -8.60 -2.75
N PRO B 10 8.73 -6.88 -1.38
CA PRO B 10 8.82 -5.69 -0.51
C PRO B 10 10.25 -5.39 -0.06
N THR B 11 11.09 -6.42 -0.05
CA THR B 11 12.48 -6.27 0.33
C THR B 11 13.31 -5.72 -0.84
N SER B 12 12.69 -5.66 -2.01
CA SER B 12 13.36 -5.17 -3.21
C SER B 12 12.46 -4.19 -3.96
N PRO B 13 12.26 -2.98 -3.39
CA PRO B 13 11.41 -1.95 -4.00
C PRO B 13 11.89 -1.49 -5.38
N SER B 14 13.20 -1.29 -5.48
CA SER B 14 13.81 -0.87 -6.73
C SER B 14 15.18 -1.52 -6.85
N ALA A 2 -11.31 19.09 -9.34
CA ALA A 2 -10.70 20.14 -10.19
C ALA A 2 -9.51 19.59 -10.97
N PHE A 3 -8.67 18.81 -10.28
CA PHE A 3 -7.50 18.22 -10.91
C PHE A 3 -7.83 16.84 -11.46
N SER A 4 -6.93 16.30 -12.28
CA SER A 4 -7.12 14.99 -12.86
C SER A 4 -6.72 13.90 -11.86
N SER A 5 -7.49 13.78 -10.79
CA SER A 5 -7.23 12.77 -9.76
C SER A 5 -7.41 11.36 -10.32
N GLU A 6 -8.17 11.27 -11.41
CA GLU A 6 -8.43 9.99 -12.06
C GLU A 6 -7.17 9.40 -12.69
N GLN A 7 -6.13 10.22 -12.83
CA GLN A 7 -4.87 9.77 -13.39
C GLN A 7 -4.25 8.73 -12.47
N PHE A 8 -4.50 8.86 -11.18
CA PHE A 8 -3.97 7.93 -10.18
C PHE A 8 -4.72 6.60 -10.29
N THR A 9 -6.04 6.68 -10.29
CA THR A 9 -6.89 5.49 -10.37
C THR A 9 -6.66 4.70 -11.66
N THR A 10 -6.41 5.41 -12.75
CA THR A 10 -6.16 4.76 -14.03
C THR A 10 -4.78 4.09 -14.04
N LYS A 11 -3.85 4.61 -13.25
CA LYS A 11 -2.51 4.05 -13.18
C LYS A 11 -2.54 2.69 -12.50
N LEU A 12 -3.51 2.49 -11.63
CA LEU A 12 -3.67 1.23 -10.91
C LEU A 12 -3.98 0.09 -11.89
N ASN A 13 -4.63 0.43 -12.99
CA ASN A 13 -4.98 -0.56 -14.00
C ASN A 13 -3.79 -0.83 -14.92
N THR A 14 -2.85 0.11 -14.94
CA THR A 14 -1.67 -0.02 -15.78
C THR A 14 -0.45 -0.47 -14.96
N LEU A 15 -0.69 -1.14 -13.85
CA LEU A 15 0.40 -1.61 -12.99
C LEU A 15 1.06 -2.85 -13.57
N GLU A 16 2.23 -3.19 -13.04
CA GLU A 16 2.99 -4.34 -13.50
C GLU A 16 3.70 -4.97 -12.30
N ASP A 17 4.24 -6.16 -12.49
CA ASP A 17 4.95 -6.86 -11.42
C ASP A 17 6.40 -6.37 -11.30
N SER A 18 6.91 -5.79 -12.38
CA SER A 18 8.27 -5.29 -12.41
C SER A 18 8.48 -4.20 -11.35
N GLN A 19 9.58 -4.31 -10.61
CA GLN A 19 9.89 -3.36 -9.56
C GLN A 19 10.15 -1.97 -10.14
N GLU A 20 10.75 -1.95 -11.33
CA GLU A 20 11.05 -0.70 -12.02
C GLU A 20 9.77 0.01 -12.42
N SER A 21 8.77 -0.75 -12.85
CA SER A 21 7.49 -0.19 -13.25
C SER A 21 6.76 0.39 -12.05
N ILE A 22 6.85 -0.31 -10.92
CA ILE A 22 6.24 0.15 -9.69
C ILE A 22 6.94 1.42 -9.22
N SER A 23 8.24 1.47 -9.46
CA SER A 23 9.07 2.60 -9.09
C SER A 23 8.64 3.86 -9.85
N SER A 24 8.20 3.68 -11.08
CA SER A 24 7.76 4.80 -11.91
C SER A 24 6.55 5.50 -11.28
N ALA A 25 5.57 4.71 -10.86
CA ALA A 25 4.38 5.25 -10.23
C ALA A 25 4.70 5.86 -8.87
N SER A 26 5.56 5.18 -8.12
CA SER A 26 5.98 5.63 -6.80
C SER A 26 6.69 6.98 -6.89
N LYS A 27 7.64 7.08 -7.81
CA LYS A 27 8.40 8.32 -8.00
C LYS A 27 7.50 9.45 -8.46
N TRP A 28 6.41 9.11 -9.12
CA TRP A 28 5.46 10.09 -9.60
C TRP A 28 4.57 10.57 -8.46
N LEU A 29 4.22 9.64 -7.57
CA LEU A 29 3.37 9.94 -6.43
C LEU A 29 4.10 10.85 -5.44
N LEU A 30 5.41 10.65 -5.31
CA LEU A 30 6.23 11.44 -4.40
C LEU A 30 6.24 12.92 -4.78
N LEU A 31 5.97 13.20 -6.06
CA LEU A 31 5.96 14.58 -6.54
C LEU A 31 4.63 15.25 -6.23
N GLN A 32 3.61 14.45 -5.98
CA GLN A 32 2.28 14.98 -5.67
C GLN A 32 1.93 14.73 -4.21
N TYR A 33 2.92 14.92 -3.34
CA TYR A 33 2.75 14.70 -1.89
C TYR A 33 1.65 15.59 -1.31
N ARG A 34 1.32 16.66 -2.01
CA ARG A 34 0.28 17.58 -1.55
C ARG A 34 -1.10 16.94 -1.69
N ASP A 35 -1.22 15.99 -2.60
CA ASP A 35 -2.48 15.31 -2.85
C ASP A 35 -2.47 13.92 -2.22
N ALA A 36 -1.52 13.71 -1.31
CA ALA A 36 -1.37 12.41 -0.63
C ALA A 36 -2.68 11.93 0.01
N PRO A 37 -3.38 12.77 0.80
CA PRO A 37 -4.65 12.36 1.44
C PRO A 37 -5.71 11.97 0.42
N LYS A 38 -5.67 12.61 -0.75
CA LYS A 38 -6.66 12.34 -1.80
C LYS A 38 -6.36 11.03 -2.51
N VAL A 39 -5.09 10.76 -2.79
CA VAL A 39 -4.72 9.53 -3.46
C VAL A 39 -4.85 8.34 -2.50
N ALA A 40 -4.64 8.60 -1.21
CA ALA A 40 -4.75 7.56 -0.19
C ALA A 40 -6.18 7.07 -0.03
N GLU A 41 -7.12 8.00 0.04
CA GLU A 41 -8.53 7.65 0.19
C GLU A 41 -9.01 6.90 -1.05
N MET A 42 -8.59 7.38 -2.23
CA MET A 42 -8.97 6.75 -3.49
C MET A 42 -8.37 5.34 -3.57
N TRP A 43 -7.15 5.21 -3.06
CA TRP A 43 -6.47 3.93 -3.03
C TRP A 43 -7.28 2.91 -2.25
N LYS A 44 -7.74 3.31 -1.06
CA LYS A 44 -8.53 2.43 -0.21
C LYS A 44 -9.82 2.03 -0.92
N GLU A 45 -10.48 3.00 -1.53
CA GLU A 45 -11.73 2.76 -2.23
C GLU A 45 -11.53 1.76 -3.36
N TYR A 46 -10.49 1.98 -4.16
CA TYR A 46 -10.19 1.11 -5.30
C TYR A 46 -9.81 -0.29 -4.82
N MET A 47 -8.98 -0.36 -3.80
CA MET A 47 -8.51 -1.64 -3.25
C MET A 47 -9.65 -2.44 -2.62
N LEU A 48 -10.71 -1.76 -2.21
CA LEU A 48 -11.84 -2.42 -1.60
C LEU A 48 -12.98 -2.64 -2.59
N ARG A 49 -12.73 -2.35 -3.85
CA ARG A 49 -13.74 -2.52 -4.88
C ARG A 49 -13.72 -3.96 -5.38
N PRO A 50 -14.90 -4.60 -5.48
CA PRO A 50 -15.02 -5.99 -5.94
C PRO A 50 -14.64 -6.15 -7.40
N SER A 51 -14.50 -5.04 -8.11
CA SER A 51 -14.14 -5.05 -9.52
C SER A 51 -12.64 -5.32 -9.68
N VAL A 52 -11.90 -5.16 -8.60
CA VAL A 52 -10.47 -5.37 -8.59
C VAL A 52 -10.14 -6.81 -8.21
N ASN A 53 -9.40 -7.49 -9.08
CA ASN A 53 -9.00 -8.87 -8.84
C ASN A 53 -7.98 -8.95 -7.71
N THR A 54 -7.95 -10.09 -7.04
CA THR A 54 -7.03 -10.32 -5.92
C THR A 54 -5.57 -10.04 -6.29
N ARG A 55 -5.18 -10.42 -7.51
CA ARG A 55 -3.81 -10.21 -7.97
C ARG A 55 -3.53 -8.73 -8.18
N ARG A 56 -4.56 -7.99 -8.59
CA ARG A 56 -4.41 -6.56 -8.82
C ARG A 56 -4.24 -5.83 -7.49
N LYS A 57 -4.89 -6.35 -6.45
CA LYS A 57 -4.79 -5.76 -5.12
C LYS A 57 -3.38 -5.94 -4.58
N LEU A 58 -2.76 -7.06 -4.94
CA LEU A 58 -1.40 -7.35 -4.53
C LEU A 58 -0.45 -6.32 -5.12
N LEU A 59 -0.65 -5.99 -6.39
CA LEU A 59 0.17 -5.00 -7.07
C LEU A 59 -0.05 -3.62 -6.45
N GLY A 60 -1.30 -3.33 -6.13
CA GLY A 60 -1.63 -2.04 -5.52
C GLY A 60 -1.00 -1.90 -4.16
N LEU A 61 -0.82 -3.02 -3.48
CA LEU A 61 -0.19 -3.04 -2.16
C LEU A 61 1.29 -2.76 -2.28
N TYR A 62 1.91 -3.31 -3.32
CA TYR A 62 3.34 -3.12 -3.56
C TYR A 62 3.64 -1.66 -3.89
N LEU A 63 2.68 -1.01 -4.52
CA LEU A 63 2.83 0.39 -4.89
C LEU A 63 2.91 1.27 -3.64
N MET A 64 2.03 1.00 -2.68
CA MET A 64 2.00 1.78 -1.45
C MET A 64 3.27 1.54 -0.63
N ASN A 65 3.79 0.32 -0.68
CA ASN A 65 5.01 -0.04 0.07
C ASN A 65 6.19 0.77 -0.45
N HIS A 66 6.22 0.99 -1.75
CA HIS A 66 7.28 1.74 -2.38
C HIS A 66 7.25 3.21 -2.00
N VAL A 67 6.09 3.82 -2.17
CA VAL A 67 5.93 5.25 -1.87
C VAL A 67 6.14 5.58 -0.40
N VAL A 68 5.66 4.73 0.52
CA VAL A 68 5.83 5.01 1.94
C VAL A 68 7.27 4.79 2.40
N GLN A 69 8.00 3.95 1.68
CA GLN A 69 9.39 3.67 2.00
C GLN A 69 10.27 4.85 1.60
N GLN A 70 10.07 5.32 0.38
CA GLN A 70 10.86 6.45 -0.13
C GLN A 70 10.44 7.75 0.55
N ALA A 71 9.22 7.78 1.06
CA ALA A 71 8.71 8.97 1.74
C ALA A 71 9.54 9.31 2.97
N LYS A 72 10.13 8.29 3.58
CA LYS A 72 10.97 8.49 4.76
C LYS A 72 12.24 9.25 4.38
N GLY A 73 12.75 8.97 3.19
CA GLY A 73 13.94 9.64 2.73
C GLY A 73 13.71 11.12 2.48
N GLN A 74 12.48 11.46 2.11
CA GLN A 74 12.11 12.84 1.85
C GLN A 74 11.47 13.46 3.10
N LYS A 75 11.33 12.64 4.15
CA LYS A 75 10.75 13.07 5.42
C LYS A 75 9.30 13.53 5.27
N ILE A 76 8.63 13.04 4.24
CA ILE A 76 7.24 13.42 4.00
C ILE A 76 6.32 12.48 4.78
N ILE A 77 6.19 12.75 6.08
CA ILE A 77 5.35 11.94 6.96
C ILE A 77 3.88 12.02 6.58
N GLN A 78 3.56 12.97 5.70
CA GLN A 78 2.19 13.16 5.23
C GLN A 78 1.72 11.92 4.46
N PHE A 79 2.67 11.21 3.87
CA PHE A 79 2.35 10.01 3.10
C PHE A 79 1.96 8.87 4.01
N GLN A 80 2.82 8.60 5.01
CA GLN A 80 2.58 7.52 5.95
C GLN A 80 1.32 7.77 6.77
N ASP A 81 0.99 9.03 6.99
CA ASP A 81 -0.22 9.37 7.74
C ASP A 81 -1.45 9.09 6.90
N SER A 82 -1.44 9.60 5.67
CA SER A 82 -2.55 9.43 4.75
C SER A 82 -2.76 7.97 4.38
N PHE A 83 -1.68 7.28 4.03
CA PHE A 83 -1.76 5.88 3.65
C PHE A 83 -1.93 4.97 4.86
N GLY A 84 -1.37 5.41 5.99
CA GLY A 84 -1.45 4.63 7.21
C GLY A 84 -2.86 4.50 7.75
N LYS A 85 -3.60 5.60 7.74
CA LYS A 85 -4.97 5.59 8.25
C LYS A 85 -5.87 4.61 7.49
N VAL A 86 -5.53 4.34 6.24
CA VAL A 86 -6.32 3.41 5.43
C VAL A 86 -5.63 2.05 5.30
N ALA A 87 -4.34 2.01 5.66
CA ALA A 87 -3.57 0.78 5.56
C ALA A 87 -4.11 -0.29 6.51
N ALA A 88 -4.42 0.12 7.74
CA ALA A 88 -4.95 -0.81 8.75
C ALA A 88 -6.22 -1.50 8.23
N GLU A 89 -7.02 -0.75 7.49
CA GLU A 89 -8.25 -1.28 6.94
C GLU A 89 -7.96 -2.24 5.79
N VAL A 90 -7.28 -1.74 4.77
CA VAL A 90 -6.94 -2.52 3.59
C VAL A 90 -6.21 -3.82 3.95
N LEU A 91 -5.16 -3.70 4.76
CA LEU A 91 -4.37 -4.86 5.14
C LEU A 91 -5.23 -5.91 5.85
N GLY A 92 -6.12 -5.46 6.72
CA GLY A 92 -6.97 -6.37 7.44
C GLY A 92 -7.98 -7.06 6.52
N ARG A 93 -8.45 -6.32 5.52
CA ARG A 93 -9.43 -6.86 4.59
C ARG A 93 -8.78 -7.83 3.60
N ILE A 94 -7.67 -7.42 2.98
CA ILE A 94 -7.00 -8.24 1.99
C ILE A 94 -6.42 -9.51 2.62
N ASN A 95 -6.13 -9.46 3.91
CA ASN A 95 -5.59 -10.62 4.62
C ASN A 95 -6.61 -11.77 4.60
N GLN A 96 -7.87 -11.41 4.41
CA GLN A 96 -8.94 -12.39 4.36
C GLN A 96 -9.29 -12.76 2.92
N GLU A 97 -9.17 -11.79 2.03
CA GLU A 97 -9.47 -12.00 0.61
C GLU A 97 -8.34 -12.79 -0.08
N PHE A 98 -7.12 -12.57 0.38
CA PHE A 98 -5.96 -13.24 -0.19
C PHE A 98 -5.83 -14.64 0.39
N PRO A 99 -5.61 -15.64 -0.47
CA PRO A 99 -5.44 -17.03 -0.03
C PRO A 99 -4.20 -17.17 0.84
N ARG A 100 -4.08 -18.30 1.53
CA ARG A 100 -2.94 -18.53 2.41
C ARG A 100 -1.61 -18.47 1.66
N ASP A 101 -1.66 -18.67 0.36
CA ASP A 101 -0.45 -18.64 -0.47
C ASP A 101 -0.01 -17.19 -0.72
N LEU A 102 -0.96 -16.26 -0.67
CA LEU A 102 -0.65 -14.86 -0.93
C LEU A 102 -0.48 -14.07 0.38
N LYS A 103 -1.13 -14.53 1.45
CA LYS A 103 -1.04 -13.85 2.74
C LYS A 103 0.41 -13.83 3.22
N LYS A 104 1.19 -14.79 2.77
CA LYS A 104 2.60 -14.89 3.14
C LYS A 104 3.37 -13.69 2.60
N LYS A 105 2.97 -13.24 1.41
CA LYS A 105 3.63 -12.11 0.76
C LYS A 105 3.35 -10.81 1.50
N LEU A 106 2.07 -10.55 1.78
CA LEU A 106 1.68 -9.33 2.49
C LEU A 106 2.23 -9.33 3.91
N SER A 107 2.40 -10.52 4.47
CA SER A 107 2.94 -10.65 5.81
C SER A 107 4.36 -10.11 5.88
N ARG A 108 5.13 -10.34 4.81
CA ARG A 108 6.50 -9.86 4.74
C ARG A 108 6.49 -8.34 4.68
N VAL A 109 5.55 -7.80 3.92
CA VAL A 109 5.40 -6.37 3.76
C VAL A 109 5.14 -5.69 5.10
N VAL A 110 4.08 -6.13 5.78
CA VAL A 110 3.72 -5.58 7.08
C VAL A 110 4.86 -5.70 8.08
N ASN A 111 5.53 -6.86 8.07
CA ASN A 111 6.64 -7.10 8.97
C ASN A 111 7.73 -6.06 8.77
N ILE A 112 8.12 -5.83 7.53
CA ILE A 112 9.15 -4.85 7.22
C ILE A 112 8.68 -3.44 7.57
N LEU A 113 7.41 -3.17 7.32
CA LEU A 113 6.84 -1.86 7.61
C LEU A 113 6.96 -1.51 9.09
N LYS A 114 6.67 -2.49 9.96
CA LYS A 114 6.76 -2.26 11.39
C LYS A 114 8.21 -2.35 11.89
N GLU A 115 9.00 -3.21 11.25
CA GLU A 115 10.40 -3.38 11.63
C GLU A 115 11.19 -2.11 11.34
N ARG A 116 10.98 -1.54 10.17
CA ARG A 116 11.70 -0.32 9.79
C ARG A 116 10.98 0.93 10.30
N ASN A 117 9.93 0.71 11.11
CA ASN A 117 9.14 1.79 11.67
C ASN A 117 8.74 2.81 10.60
N ILE A 118 8.05 2.33 9.58
CA ILE A 118 7.63 3.19 8.48
C ILE A 118 6.48 4.11 8.91
N PHE A 119 5.48 3.52 9.55
CA PHE A 119 4.32 4.28 10.00
C PHE A 119 4.40 4.56 11.50
N SER A 120 3.45 5.34 12.00
CA SER A 120 3.40 5.67 13.41
C SER A 120 3.01 4.44 14.22
N LYS A 121 3.64 4.25 15.37
CA LYS A 121 3.36 3.11 16.23
C LYS A 121 1.88 2.99 16.56
N GLN A 122 1.20 4.13 16.61
CA GLN A 122 -0.23 4.16 16.90
C GLN A 122 -1.03 3.40 15.84
N VAL A 123 -0.76 3.70 14.58
CA VAL A 123 -1.47 3.04 13.49
C VAL A 123 -0.90 1.66 13.22
N VAL A 124 0.38 1.45 13.52
CA VAL A 124 1.03 0.16 13.33
C VAL A 124 0.33 -0.90 14.18
N ASN A 125 0.01 -0.52 15.41
CA ASN A 125 -0.68 -1.41 16.33
C ASN A 125 -2.03 -1.79 15.78
N ASP A 126 -2.71 -0.83 15.14
CA ASP A 126 -4.03 -1.08 14.58
C ASP A 126 -3.94 -2.05 13.40
N ILE A 127 -2.86 -1.95 12.64
CA ILE A 127 -2.64 -2.84 11.50
C ILE A 127 -2.49 -4.28 12.00
N GLU A 128 -1.62 -4.45 12.99
CA GLU A 128 -1.38 -5.77 13.57
C GLU A 128 -2.67 -6.33 14.19
N ARG A 129 -3.42 -5.46 14.85
CA ARG A 129 -4.68 -5.86 15.47
C ARG A 129 -5.66 -6.35 14.42
N SER A 130 -5.72 -5.63 13.30
CA SER A 130 -6.61 -5.97 12.21
C SER A 130 -6.20 -7.30 11.59
N LEU A 131 -4.92 -7.55 11.50
CA LEU A 131 -4.41 -8.79 10.94
C LEU A 131 -4.77 -9.98 11.83
N ALA A 132 -4.56 -9.82 13.13
CA ALA A 132 -4.88 -10.87 14.08
C ALA A 132 -6.38 -11.10 14.18
N ALA A 133 -7.14 -10.03 13.95
CA ALA A 133 -8.61 -10.08 14.01
C ALA A 133 -9.17 -11.05 12.97
N ALA A 134 -8.39 -11.32 11.92
CA ALA A 134 -8.81 -12.22 10.87
C ALA A 134 -8.78 -13.68 11.34
N LEU A 135 -8.04 -13.94 12.42
CA LEU A 135 -7.93 -15.28 12.96
C LEU A 135 -8.38 -15.32 14.42
N GLU A 136 -9.17 -14.34 14.83
CA GLU A 136 -9.68 -14.30 16.19
C GLU A 136 -10.91 -15.18 16.33
N HIS A 137 -11.35 -15.73 15.20
CA HIS A 137 -12.51 -16.60 15.16
C HIS A 137 -12.08 -17.97 14.65
N PRO B 6 9.74 -9.36 -12.92
CA PRO B 6 10.79 -9.30 -11.89
C PRO B 6 10.23 -9.49 -10.47
N SER B 7 8.95 -9.21 -10.27
CA SER B 7 8.30 -9.36 -8.96
C SER B 7 8.87 -8.36 -7.94
N TYR B 8 8.18 -7.26 -7.76
CA TYR B 8 8.61 -6.21 -6.81
C TYR B 8 8.85 -6.79 -5.41
N SEP B 9 10.06 -6.59 -4.91
CA SEP B 9 10.43 -7.07 -3.59
CB SEP B 9 11.84 -7.67 -3.61
OG SEP B 9 11.84 -9.00 -3.09
C SEP B 9 10.37 -5.90 -2.60
O SEP B 9 10.89 -4.83 -2.90
P SEP B 9 12.28 -9.29 -1.58
O1P SEP B 9 12.06 -8.04 -0.84
O2P SEP B 9 13.71 -9.66 -1.37
O3P SEP B 9 11.53 -10.35 -0.87
H SEP B 9 10.74 -6.12 -5.44
HA SEP B 9 9.72 -7.83 -3.29
HB2 SEP B 9 12.20 -7.69 -4.63
HB3 SEP B 9 12.49 -7.06 -3.01
N PRO B 10 9.71 -6.08 -1.44
CA PRO B 10 9.59 -5.01 -0.43
C PRO B 10 10.95 -4.53 0.09
N THR B 11 11.94 -5.41 0.00
CA THR B 11 13.29 -5.08 0.47
C THR B 11 14.15 -4.57 -0.67
N SER B 12 13.55 -4.44 -1.85
CA SER B 12 14.25 -3.96 -3.04
C SER B 12 13.30 -3.12 -3.90
N PRO B 13 13.11 -1.85 -3.52
CA PRO B 13 12.22 -0.94 -4.25
C PRO B 13 12.74 -0.55 -5.62
N SER B 14 13.95 0.01 -5.66
CA SER B 14 14.57 0.43 -6.90
C SER B 14 16.08 0.51 -6.75
N ALA A 2 -7.09 20.23 -19.77
CA ALA A 2 -7.95 19.19 -19.16
C ALA A 2 -7.31 18.67 -17.87
N PHE A 3 -8.16 18.25 -16.94
CA PHE A 3 -7.70 17.72 -15.67
C PHE A 3 -8.11 16.26 -15.54
N SER A 4 -7.35 15.50 -14.78
CA SER A 4 -7.65 14.09 -14.58
C SER A 4 -7.35 13.69 -13.15
N SER A 5 -8.38 13.71 -12.32
CA SER A 5 -8.26 13.33 -10.92
C SER A 5 -8.15 11.81 -10.81
N GLU A 6 -8.59 11.12 -11.86
CA GLU A 6 -8.54 9.67 -11.91
C GLU A 6 -7.17 9.21 -12.39
N GLN A 7 -6.19 10.11 -12.34
CA GLN A 7 -4.83 9.83 -12.76
C GLN A 7 -4.23 8.69 -11.94
N PHE A 8 -4.61 8.60 -10.67
CA PHE A 8 -4.10 7.55 -9.80
C PHE A 8 -4.76 6.22 -10.13
N THR A 9 -6.07 6.26 -10.35
CA THR A 9 -6.83 5.07 -10.68
C THR A 9 -6.37 4.46 -12.00
N THR A 10 -6.07 5.31 -12.97
CA THR A 10 -5.62 4.83 -14.28
C THR A 10 -4.23 4.22 -14.18
N LYS A 11 -3.46 4.62 -13.17
CA LYS A 11 -2.12 4.09 -12.97
C LYS A 11 -2.20 2.65 -12.48
N LEU A 12 -3.19 2.38 -11.65
CA LEU A 12 -3.39 1.03 -11.10
C LEU A 12 -3.82 0.07 -12.21
N ASN A 13 -4.46 0.62 -13.23
CA ASN A 13 -4.93 -0.17 -14.37
C ASN A 13 -3.76 -0.66 -15.20
N THR A 14 -2.71 0.16 -15.28
CA THR A 14 -1.53 -0.16 -16.05
C THR A 14 -0.37 -0.55 -15.11
N LEU A 15 -0.73 -0.87 -13.87
CA LEU A 15 0.26 -1.25 -12.86
C LEU A 15 0.85 -2.62 -13.20
N GLU A 16 2.17 -2.67 -13.26
CA GLU A 16 2.87 -3.90 -13.57
C GLU A 16 3.69 -4.33 -12.37
N ASP A 17 3.93 -5.64 -12.23
CA ASP A 17 4.71 -6.17 -11.12
C ASP A 17 6.21 -6.01 -11.36
N SER A 18 6.58 -4.86 -11.92
CA SER A 18 7.97 -4.54 -12.21
C SER A 18 8.49 -3.51 -11.23
N GLN A 19 9.77 -3.61 -10.91
CA GLN A 19 10.39 -2.67 -9.98
C GLN A 19 10.36 -1.27 -10.56
N GLU A 20 10.46 -1.18 -11.88
CA GLU A 20 10.44 0.11 -12.57
C GLU A 20 9.06 0.74 -12.41
N SER A 21 8.02 -0.03 -12.70
CA SER A 21 6.65 0.44 -12.63
C SER A 21 6.32 0.97 -11.23
N ILE A 22 6.64 0.19 -10.20
CA ILE A 22 6.36 0.60 -8.83
C ILE A 22 7.16 1.85 -8.45
N SER A 23 8.45 1.88 -8.79
CA SER A 23 9.31 3.01 -8.48
C SER A 23 8.89 4.27 -9.25
N SER A 24 8.52 4.09 -10.51
CA SER A 24 8.08 5.20 -11.36
C SER A 24 6.87 5.89 -10.75
N ALA A 25 5.90 5.08 -10.33
CA ALA A 25 4.69 5.62 -9.72
C ALA A 25 4.98 6.18 -8.34
N SER A 26 5.92 5.55 -7.64
CA SER A 26 6.31 6.01 -6.30
C SER A 26 6.81 7.44 -6.35
N LYS A 27 7.77 7.70 -7.24
CA LYS A 27 8.33 9.03 -7.39
C LYS A 27 7.27 10.01 -7.85
N TRP A 28 6.40 9.52 -8.73
CA TRP A 28 5.31 10.33 -9.27
C TRP A 28 4.38 10.78 -8.14
N LEU A 29 4.14 9.88 -7.20
CA LEU A 29 3.29 10.16 -6.05
C LEU A 29 3.99 11.08 -5.08
N LEU A 30 5.28 10.81 -4.84
CA LEU A 30 6.10 11.60 -3.91
C LEU A 30 6.17 13.06 -4.35
N LEU A 31 5.95 13.31 -5.64
CA LEU A 31 5.98 14.67 -6.16
C LEU A 31 4.71 15.41 -5.78
N GLN A 32 3.60 14.69 -5.68
CA GLN A 32 2.31 15.29 -5.32
C GLN A 32 1.98 14.99 -3.86
N TYR A 33 2.98 15.22 -3.00
CA TYR A 33 2.84 14.99 -1.56
C TYR A 33 1.69 15.78 -0.95
N ARG A 34 1.30 16.87 -1.61
CA ARG A 34 0.21 17.72 -1.12
C ARG A 34 -1.14 17.02 -1.30
N ASP A 35 -1.18 16.02 -2.17
CA ASP A 35 -2.41 15.29 -2.43
C ASP A 35 -2.37 13.91 -1.77
N ALA A 36 -1.52 13.78 -0.76
CA ALA A 36 -1.35 12.53 -0.02
C ALA A 36 -2.69 11.97 0.49
N PRO A 37 -3.54 12.79 1.16
CA PRO A 37 -4.82 12.31 1.67
C PRO A 37 -5.78 11.91 0.54
N LYS A 38 -5.73 12.62 -0.58
CA LYS A 38 -6.61 12.35 -1.70
C LYS A 38 -6.32 11.00 -2.34
N VAL A 39 -5.05 10.72 -2.58
CA VAL A 39 -4.67 9.45 -3.20
C VAL A 39 -4.81 8.30 -2.20
N ALA A 40 -4.78 8.62 -0.92
CA ALA A 40 -4.91 7.61 0.12
C ALA A 40 -6.34 7.08 0.20
N GLU A 41 -7.30 8.00 0.27
CA GLU A 41 -8.71 7.63 0.36
C GLU A 41 -9.17 6.88 -0.90
N MET A 42 -8.78 7.38 -2.07
CA MET A 42 -9.16 6.76 -3.33
C MET A 42 -8.53 5.37 -3.47
N TRP A 43 -7.32 5.22 -2.94
CA TRP A 43 -6.62 3.94 -2.97
C TRP A 43 -7.40 2.92 -2.15
N LYS A 44 -7.82 3.35 -0.96
CA LYS A 44 -8.58 2.50 -0.07
C LYS A 44 -9.89 2.07 -0.73
N GLU A 45 -10.61 3.04 -1.29
CA GLU A 45 -11.88 2.76 -1.95
C GLU A 45 -11.68 1.76 -3.10
N TYR A 46 -10.61 1.97 -3.86
CA TYR A 46 -10.28 1.11 -4.99
C TYR A 46 -9.98 -0.32 -4.54
N MET A 47 -9.23 -0.44 -3.45
CA MET A 47 -8.85 -1.74 -2.92
C MET A 47 -10.03 -2.47 -2.25
N LEU A 48 -11.02 -1.72 -1.80
CA LEU A 48 -12.17 -2.32 -1.15
C LEU A 48 -13.23 -2.79 -2.14
N ARG A 49 -13.14 -2.31 -3.37
CA ARG A 49 -14.10 -2.67 -4.41
C ARG A 49 -13.92 -4.12 -4.85
N PRO A 50 -15.03 -4.87 -4.97
CA PRO A 50 -15.01 -6.28 -5.38
C PRO A 50 -14.77 -6.44 -6.88
N SER A 51 -14.90 -5.33 -7.61
CA SER A 51 -14.70 -5.33 -9.05
C SER A 51 -13.22 -5.49 -9.38
N VAL A 52 -12.38 -5.40 -8.35
CA VAL A 52 -10.94 -5.53 -8.52
C VAL A 52 -10.50 -6.90 -8.02
N ASN A 53 -9.79 -7.66 -8.85
CA ASN A 53 -9.33 -8.99 -8.45
C ASN A 53 -8.17 -8.88 -7.45
N THR A 54 -7.91 -9.99 -6.78
CA THR A 54 -6.87 -10.06 -5.75
C THR A 54 -5.47 -9.74 -6.29
N ARG A 55 -5.20 -10.12 -7.54
CA ARG A 55 -3.89 -9.88 -8.15
C ARG A 55 -3.63 -8.39 -8.25
N ARG A 56 -4.64 -7.64 -8.69
CA ARG A 56 -4.52 -6.19 -8.83
C ARG A 56 -4.32 -5.54 -7.46
N LYS A 57 -5.00 -6.08 -6.46
CA LYS A 57 -4.89 -5.56 -5.09
C LYS A 57 -3.48 -5.77 -4.55
N LEU A 58 -2.88 -6.90 -4.92
CA LEU A 58 -1.53 -7.22 -4.49
C LEU A 58 -0.54 -6.19 -5.02
N LEU A 59 -0.74 -5.80 -6.28
CA LEU A 59 0.12 -4.81 -6.92
C LEU A 59 -0.10 -3.44 -6.30
N GLY A 60 -1.35 -3.16 -5.93
CA GLY A 60 -1.67 -1.89 -5.31
C GLY A 60 -1.00 -1.76 -3.96
N LEU A 61 -0.84 -2.89 -3.28
CA LEU A 61 -0.20 -2.92 -1.97
C LEU A 61 1.28 -2.61 -2.11
N TYR A 62 1.89 -3.08 -3.19
CA TYR A 62 3.30 -2.85 -3.46
C TYR A 62 3.56 -1.36 -3.67
N LEU A 63 2.64 -0.70 -4.37
CA LEU A 63 2.76 0.73 -4.64
C LEU A 63 2.73 1.52 -3.34
N MET A 64 1.80 1.17 -2.47
CA MET A 64 1.65 1.83 -1.17
C MET A 64 2.95 1.68 -0.37
N ASN A 65 3.51 0.48 -0.43
CA ASN A 65 4.75 0.18 0.28
C ASN A 65 5.89 1.09 -0.19
N HIS A 66 5.97 1.30 -1.50
CA HIS A 66 7.03 2.12 -2.08
C HIS A 66 6.90 3.59 -1.68
N VAL A 67 5.71 4.15 -1.81
CA VAL A 67 5.49 5.57 -1.49
C VAL A 67 5.75 5.89 -0.01
N VAL A 68 5.48 4.94 0.88
CA VAL A 68 5.71 5.17 2.30
C VAL A 68 7.14 4.80 2.70
N GLN A 69 7.78 4.00 1.87
CA GLN A 69 9.16 3.56 2.12
C GLN A 69 10.15 4.66 1.80
N GLN A 70 10.02 5.25 0.62
CA GLN A 70 10.92 6.32 0.20
C GLN A 70 10.51 7.66 0.79
N ALA A 71 9.37 7.68 1.46
CA ALA A 71 8.85 8.90 2.08
C ALA A 71 9.84 9.45 3.11
N LYS A 72 10.55 8.56 3.81
CA LYS A 72 11.50 8.97 4.83
C LYS A 72 12.69 9.71 4.21
N GLY A 73 13.00 9.38 2.96
CA GLY A 73 14.11 10.02 2.28
C GLY A 73 13.86 11.50 2.07
N GLN A 74 12.62 11.85 1.76
CA GLN A 74 12.25 13.24 1.53
C GLN A 74 11.56 13.82 2.77
N LYS A 75 11.44 12.99 3.80
CA LYS A 75 10.80 13.40 5.06
C LYS A 75 9.32 13.75 4.84
N ILE A 76 8.68 13.00 3.98
CA ILE A 76 7.27 13.22 3.67
C ILE A 76 6.42 12.35 4.59
N ILE A 77 6.21 12.83 5.80
CA ILE A 77 5.40 12.10 6.79
C ILE A 77 3.93 12.16 6.46
N GLN A 78 3.57 13.02 5.51
CA GLN A 78 2.19 13.19 5.10
C GLN A 78 1.64 11.88 4.52
N PHE A 79 2.42 11.27 3.62
CA PHE A 79 2.01 10.02 2.99
C PHE A 79 1.91 8.90 4.01
N GLN A 80 2.78 8.93 5.01
CA GLN A 80 2.82 7.91 6.04
C GLN A 80 1.61 8.03 6.97
N ASP A 81 1.06 9.23 7.09
CA ASP A 81 -0.10 9.43 7.95
C ASP A 81 -1.38 9.16 7.18
N SER A 82 -1.44 9.62 5.93
CA SER A 82 -2.61 9.44 5.10
C SER A 82 -2.81 7.96 4.75
N PHE A 83 -1.77 7.34 4.23
CA PHE A 83 -1.83 5.93 3.86
C PHE A 83 -1.81 5.05 5.10
N GLY A 84 -1.11 5.52 6.13
CA GLY A 84 -1.01 4.76 7.36
C GLY A 84 -2.33 4.54 8.06
N LYS A 85 -3.14 5.59 8.13
CA LYS A 85 -4.44 5.49 8.80
C LYS A 85 -5.40 4.53 8.09
N VAL A 86 -5.20 4.33 6.79
CA VAL A 86 -6.07 3.42 6.04
C VAL A 86 -5.38 2.10 5.75
N ALA A 87 -4.08 2.04 6.02
CA ALA A 87 -3.29 0.84 5.79
C ALA A 87 -3.83 -0.36 6.57
N ALA A 88 -4.08 -0.14 7.86
CA ALA A 88 -4.61 -1.19 8.73
C ALA A 88 -5.94 -1.72 8.22
N GLU A 89 -6.79 -0.81 7.77
CA GLU A 89 -8.11 -1.17 7.26
C GLU A 89 -7.98 -2.05 6.02
N VAL A 90 -7.16 -1.61 5.07
CA VAL A 90 -6.94 -2.34 3.84
C VAL A 90 -6.23 -3.67 4.13
N LEU A 91 -5.26 -3.65 5.03
CA LEU A 91 -4.50 -4.85 5.38
C LEU A 91 -5.42 -5.91 5.97
N GLY A 92 -6.26 -5.51 6.92
CA GLY A 92 -7.18 -6.45 7.55
C GLY A 92 -8.20 -6.98 6.55
N ARG A 93 -8.46 -6.19 5.52
CA ARG A 93 -9.41 -6.58 4.49
C ARG A 93 -8.81 -7.58 3.52
N ILE A 94 -7.64 -7.25 2.96
CA ILE A 94 -6.99 -8.14 2.00
C ILE A 94 -6.51 -9.43 2.68
N ASN A 95 -6.31 -9.36 3.99
CA ASN A 95 -5.86 -10.52 4.76
C ASN A 95 -6.92 -11.63 4.74
N GLN A 96 -8.18 -11.24 4.61
CA GLN A 96 -9.26 -12.20 4.58
C GLN A 96 -9.69 -12.50 3.14
N GLU A 97 -9.20 -11.69 2.20
CA GLU A 97 -9.53 -11.87 0.80
C GLU A 97 -8.50 -12.76 0.11
N PHE A 98 -7.23 -12.60 0.50
CA PHE A 98 -6.15 -13.40 -0.06
C PHE A 98 -6.23 -14.83 0.48
N PRO A 99 -6.19 -15.83 -0.42
CA PRO A 99 -6.26 -17.26 -0.05
C PRO A 99 -5.24 -17.66 1.03
N ARG A 100 -3.98 -17.82 0.65
CA ARG A 100 -2.94 -18.19 1.61
C ARG A 100 -1.56 -17.76 1.15
N ASP A 101 -1.16 -18.17 -0.05
CA ASP A 101 0.16 -17.83 -0.59
C ASP A 101 0.28 -16.31 -0.80
N LEU A 102 -0.83 -15.69 -1.17
CA LEU A 102 -0.85 -14.25 -1.40
C LEU A 102 -0.79 -13.48 -0.07
N LYS A 103 -1.49 -13.99 0.94
CA LYS A 103 -1.51 -13.32 2.25
C LYS A 103 -0.16 -13.51 2.96
N LYS A 104 0.67 -14.37 2.38
CA LYS A 104 1.99 -14.65 2.91
C LYS A 104 2.95 -13.54 2.48
N LYS A 105 2.49 -12.70 1.57
CA LYS A 105 3.31 -11.60 1.07
C LYS A 105 3.02 -10.31 1.82
N LEU A 106 1.80 -10.14 2.30
CA LEU A 106 1.43 -8.94 3.03
C LEU A 106 2.14 -8.92 4.39
N SER A 107 2.42 -10.10 4.92
CA SER A 107 3.11 -10.23 6.18
C SER A 107 4.55 -9.74 6.06
N ARG A 108 5.14 -9.98 4.88
CA ARG A 108 6.51 -9.58 4.61
C ARG A 108 6.64 -8.06 4.58
N VAL A 109 5.79 -7.40 3.80
CA VAL A 109 5.82 -5.95 3.68
C VAL A 109 5.46 -5.29 5.02
N VAL A 110 4.47 -5.86 5.71
CA VAL A 110 4.06 -5.33 7.01
C VAL A 110 5.20 -5.42 8.00
N ASN A 111 5.90 -6.55 7.99
CA ASN A 111 7.02 -6.77 8.88
C ASN A 111 8.08 -5.70 8.65
N ILE A 112 8.42 -5.49 7.38
CA ILE A 112 9.42 -4.51 7.01
C ILE A 112 9.01 -3.10 7.46
N LEU A 113 7.79 -2.70 7.14
CA LEU A 113 7.29 -1.38 7.48
C LEU A 113 7.30 -1.14 8.99
N LYS A 114 6.95 -2.15 9.77
CA LYS A 114 6.93 -2.00 11.22
C LYS A 114 8.33 -2.16 11.84
N GLU A 115 9.22 -2.84 11.13
CA GLU A 115 10.58 -3.03 11.63
C GLU A 115 11.42 -1.78 11.39
N ARG A 116 11.18 -1.12 10.26
CA ARG A 116 11.90 0.10 9.91
C ARG A 116 11.23 1.31 10.55
N ASN A 117 10.17 1.04 11.31
CA ASN A 117 9.40 2.07 12.00
C ASN A 117 8.86 3.10 11.02
N ILE A 118 8.26 2.63 9.94
CA ILE A 118 7.69 3.50 8.93
C ILE A 118 6.45 4.19 9.48
N PHE A 119 5.55 3.41 10.05
CA PHE A 119 4.34 3.93 10.62
C PHE A 119 4.46 4.05 12.13
N SER A 120 3.64 4.90 12.73
CA SER A 120 3.65 5.09 14.16
C SER A 120 3.16 3.81 14.86
N LYS A 121 3.56 3.64 16.11
CA LYS A 121 3.19 2.45 16.89
C LYS A 121 1.68 2.26 16.95
N GLN A 122 0.94 3.37 16.98
CA GLN A 122 -0.52 3.33 17.03
C GLN A 122 -1.06 2.59 15.80
N VAL A 123 -0.45 2.89 14.65
CA VAL A 123 -0.85 2.26 13.40
C VAL A 123 -0.41 0.81 13.36
N VAL A 124 0.83 0.57 13.77
CA VAL A 124 1.40 -0.77 13.78
C VAL A 124 0.55 -1.71 14.65
N ASN A 125 0.16 -1.22 15.81
CA ASN A 125 -0.66 -1.99 16.74
C ASN A 125 -1.96 -2.42 16.06
N ASP A 126 -2.60 -1.48 15.38
CA ASP A 126 -3.85 -1.76 14.69
C ASP A 126 -3.67 -2.79 13.58
N ILE A 127 -2.54 -2.72 12.88
CA ILE A 127 -2.25 -3.67 11.80
C ILE A 127 -2.03 -5.07 12.36
N GLU A 128 -1.23 -5.16 13.41
CA GLU A 128 -0.96 -6.44 14.04
C GLU A 128 -2.22 -7.07 14.61
N ARG A 129 -3.17 -6.23 14.99
CA ARG A 129 -4.42 -6.69 15.56
C ARG A 129 -5.42 -7.12 14.48
N SER A 130 -5.49 -6.36 13.39
CA SER A 130 -6.42 -6.69 12.30
C SER A 130 -6.06 -8.04 11.68
N LEU A 131 -4.77 -8.34 11.64
CA LEU A 131 -4.31 -9.60 11.10
C LEU A 131 -4.73 -10.76 11.99
N ALA A 132 -4.57 -10.59 13.30
CA ALA A 132 -4.92 -11.62 14.27
C ALA A 132 -6.43 -11.82 14.36
N ALA A 133 -7.18 -10.72 14.28
CA ALA A 133 -8.64 -10.78 14.36
C ALA A 133 -9.23 -11.55 13.18
N ALA A 134 -8.45 -11.68 12.12
CA ALA A 134 -8.89 -12.40 10.93
C ALA A 134 -8.64 -13.90 11.07
N LEU A 135 -7.98 -14.30 12.14
CA LEU A 135 -7.68 -15.72 12.38
C LEU A 135 -8.04 -16.14 13.80
N GLU A 136 -8.89 -15.35 14.45
CA GLU A 136 -9.30 -15.66 15.82
C GLU A 136 -10.43 -16.69 15.80
N HIS A 137 -11.19 -16.69 14.72
CA HIS A 137 -12.30 -17.63 14.56
C HIS A 137 -11.81 -18.92 13.92
N PRO B 6 7.63 -8.68 -13.16
CA PRO B 6 8.72 -9.65 -12.92
C PRO B 6 8.89 -9.94 -11.44
N SER B 7 7.78 -10.16 -10.75
CA SER B 7 7.77 -10.47 -9.31
C SER B 7 8.42 -9.37 -8.48
N TYR B 8 7.66 -8.33 -8.16
CA TYR B 8 8.19 -7.24 -7.34
C TYR B 8 8.21 -7.63 -5.87
N SEP B 9 9.35 -7.43 -5.21
CA SEP B 9 9.48 -7.77 -3.80
CB SEP B 9 10.64 -8.75 -3.61
OG SEP B 9 10.18 -9.98 -3.06
C SEP B 9 9.71 -6.51 -2.98
O SEP B 9 10.45 -5.64 -3.41
P SEP B 9 10.35 -10.28 -1.49
O1P SEP B 9 10.80 -9.02 -0.89
O2P SEP B 9 11.34 -11.32 -1.13
O3P SEP B 9 9.12 -10.70 -0.77
H SEP B 9 10.10 -7.03 -5.68
HA SEP B 9 8.56 -8.25 -3.49
HB2 SEP B 9 11.11 -8.94 -4.56
HB3 SEP B 9 11.36 -8.32 -2.93
N PRO B 10 9.06 -6.40 -1.81
CA PRO B 10 9.21 -5.23 -0.94
C PRO B 10 10.65 -5.04 -0.47
N THR B 11 11.40 -6.13 -0.42
CA THR B 11 12.79 -6.08 0.01
C THR B 11 13.71 -5.74 -1.17
N SER B 12 13.11 -5.47 -2.33
CA SER B 12 13.87 -5.13 -3.52
C SER B 12 13.07 -4.18 -4.41
N PRO B 13 13.11 -2.87 -4.12
CA PRO B 13 12.39 -1.87 -4.90
C PRO B 13 12.99 -1.67 -6.30
N SER B 14 14.18 -2.23 -6.48
CA SER B 14 14.88 -2.16 -7.75
C SER B 14 15.53 -3.50 -8.08
N ALA A 2 -9.63 21.00 -9.02
CA ALA A 2 -9.07 19.65 -9.26
C ALA A 2 -9.50 19.12 -10.61
N PHE A 3 -8.53 18.84 -11.47
CA PHE A 3 -8.81 18.33 -12.81
C PHE A 3 -8.28 16.90 -12.94
N SER A 4 -7.57 16.44 -11.92
CA SER A 4 -7.01 15.10 -11.91
C SER A 4 -8.07 14.06 -11.55
N SER A 5 -8.90 13.71 -12.52
CA SER A 5 -9.95 12.74 -12.31
C SER A 5 -9.36 11.34 -12.18
N GLU A 6 -9.40 10.81 -10.94
CA GLU A 6 -8.89 9.49 -10.60
C GLU A 6 -7.63 9.11 -11.38
N GLN A 7 -6.66 10.02 -11.37
CA GLN A 7 -5.39 9.80 -12.08
C GLN A 7 -4.58 8.70 -11.40
N PHE A 8 -4.93 8.41 -10.15
CA PHE A 8 -4.26 7.38 -9.39
C PHE A 8 -4.79 6.01 -9.80
N THR A 9 -6.11 5.92 -9.96
CA THR A 9 -6.76 4.69 -10.35
C THR A 9 -6.37 4.26 -11.75
N THR A 10 -6.15 5.23 -12.63
CA THR A 10 -5.76 4.95 -14.00
C THR A 10 -4.38 4.28 -14.06
N LYS A 11 -3.51 4.69 -13.14
CA LYS A 11 -2.17 4.13 -13.08
C LYS A 11 -2.20 2.74 -12.44
N LEU A 12 -3.04 2.58 -11.42
CA LEU A 12 -3.16 1.31 -10.71
C LEU A 12 -3.63 0.20 -11.65
N ASN A 13 -4.38 0.57 -12.66
CA ASN A 13 -4.90 -0.41 -13.62
C ASN A 13 -3.88 -0.73 -14.72
N THR A 14 -2.75 -0.02 -14.72
CA THR A 14 -1.73 -0.27 -15.74
C THR A 14 -0.43 -0.79 -15.11
N LEU A 15 -0.40 -0.87 -13.78
CA LEU A 15 0.78 -1.34 -13.08
C LEU A 15 0.93 -2.85 -13.24
N GLU A 16 2.13 -3.34 -12.95
CA GLU A 16 2.42 -4.77 -13.06
C GLU A 16 3.36 -5.20 -11.93
N ASP A 17 3.87 -6.42 -12.01
CA ASP A 17 4.79 -6.94 -11.00
C ASP A 17 6.19 -6.35 -11.19
N SER A 18 6.43 -5.82 -12.38
CA SER A 18 7.71 -5.22 -12.71
C SER A 18 8.07 -4.13 -11.71
N GLN A 19 9.16 -4.35 -10.99
CA GLN A 19 9.63 -3.42 -9.97
C GLN A 19 9.83 -2.02 -10.56
N GLU A 20 10.26 -1.98 -11.81
CA GLU A 20 10.49 -0.73 -12.52
C GLU A 20 9.17 0.02 -12.74
N SER A 21 8.08 -0.72 -12.95
CA SER A 21 6.78 -0.09 -13.16
C SER A 21 6.29 0.50 -11.84
N ILE A 22 6.51 -0.22 -10.75
CA ILE A 22 6.11 0.24 -9.43
C ILE A 22 6.93 1.45 -9.04
N SER A 23 8.23 1.39 -9.29
CA SER A 23 9.14 2.48 -8.98
C SER A 23 8.74 3.77 -9.72
N SER A 24 8.29 3.61 -10.96
CA SER A 24 7.88 4.74 -11.76
C SER A 24 6.62 5.39 -11.20
N ALA A 25 5.80 4.58 -10.54
CA ALA A 25 4.56 5.07 -9.95
C ALA A 25 4.81 5.69 -8.58
N SER A 26 5.62 5.04 -7.76
CA SER A 26 5.92 5.56 -6.43
C SER A 26 6.62 6.91 -6.52
N LYS A 27 7.59 7.01 -7.42
CA LYS A 27 8.34 8.24 -7.63
C LYS A 27 7.42 9.34 -8.14
N TRP A 28 6.47 8.96 -9.00
CA TRP A 28 5.52 9.90 -9.55
C TRP A 28 4.60 10.41 -8.44
N LEU A 29 4.26 9.51 -7.52
CA LEU A 29 3.41 9.85 -6.39
C LEU A 29 4.13 10.76 -5.41
N LEU A 30 5.41 10.49 -5.20
CA LEU A 30 6.23 11.29 -4.28
C LEU A 30 6.33 12.74 -4.77
N LEU A 31 6.16 12.92 -6.07
CA LEU A 31 6.22 14.24 -6.68
C LEU A 31 4.92 15.03 -6.46
N GLN A 32 3.87 14.32 -6.08
CA GLN A 32 2.58 14.95 -5.84
C GLN A 32 2.12 14.72 -4.40
N TYR A 33 3.03 14.93 -3.45
CA TYR A 33 2.72 14.74 -2.04
C TYR A 33 1.62 15.71 -1.57
N ARG A 34 1.29 16.67 -2.43
CA ARG A 34 0.26 17.65 -2.14
C ARG A 34 -1.11 16.97 -2.05
N ASP A 35 -1.29 15.95 -2.89
CA ASP A 35 -2.55 15.22 -2.94
C ASP A 35 -2.40 13.87 -2.25
N ALA A 36 -1.49 13.81 -1.28
CA ALA A 36 -1.25 12.58 -0.52
C ALA A 36 -2.54 12.01 0.08
N PRO A 37 -3.35 12.83 0.80
CA PRO A 37 -4.61 12.35 1.38
C PRO A 37 -5.62 11.92 0.31
N LYS A 38 -5.52 12.55 -0.86
CA LYS A 38 -6.44 12.27 -1.96
C LYS A 38 -6.13 10.92 -2.59
N VAL A 39 -4.86 10.65 -2.84
CA VAL A 39 -4.47 9.38 -3.44
C VAL A 39 -4.60 8.25 -2.44
N ALA A 40 -4.53 8.59 -1.15
CA ALA A 40 -4.66 7.60 -0.09
C ALA A 40 -6.08 7.06 -0.04
N GLU A 41 -7.05 7.97 -0.04
CA GLU A 41 -8.45 7.59 0.00
C GLU A 41 -8.86 6.91 -1.31
N MET A 42 -8.25 7.38 -2.40
CA MET A 42 -8.52 6.82 -3.73
C MET A 42 -8.01 5.38 -3.80
N TRP A 43 -6.85 5.16 -3.20
CA TRP A 43 -6.24 3.83 -3.15
C TRP A 43 -7.15 2.89 -2.39
N LYS A 44 -7.61 3.35 -1.23
CA LYS A 44 -8.49 2.57 -0.38
C LYS A 44 -9.75 2.15 -1.15
N GLU A 45 -10.36 3.11 -1.84
CA GLU A 45 -11.56 2.86 -2.61
C GLU A 45 -11.33 1.77 -3.67
N TYR A 46 -10.21 1.87 -4.36
CA TYR A 46 -9.86 0.90 -5.40
C TYR A 46 -9.60 -0.48 -4.82
N MET A 47 -8.87 -0.53 -3.71
CA MET A 47 -8.54 -1.79 -3.07
C MET A 47 -9.78 -2.48 -2.49
N LEU A 48 -10.77 -1.68 -2.10
CA LEU A 48 -11.99 -2.20 -1.52
C LEU A 48 -13.07 -2.42 -2.59
N ARG A 49 -12.65 -2.49 -3.85
CA ARG A 49 -13.58 -2.72 -4.94
C ARG A 49 -13.79 -4.22 -5.14
N PRO A 50 -15.04 -4.66 -5.28
CA PRO A 50 -15.37 -6.07 -5.49
C PRO A 50 -15.03 -6.55 -6.89
N SER A 51 -14.95 -5.62 -7.82
CA SER A 51 -14.65 -5.94 -9.21
C SER A 51 -13.14 -6.08 -9.43
N VAL A 52 -12.36 -5.57 -8.50
CA VAL A 52 -10.91 -5.63 -8.61
C VAL A 52 -10.39 -7.02 -8.25
N ASN A 53 -9.60 -7.58 -9.15
CA ASN A 53 -9.02 -8.91 -8.98
C ASN A 53 -8.02 -8.92 -7.83
N THR A 54 -7.90 -10.06 -7.16
CA THR A 54 -6.98 -10.21 -6.04
C THR A 54 -5.54 -9.86 -6.41
N ARG A 55 -5.13 -10.24 -7.61
CA ARG A 55 -3.78 -9.97 -8.07
C ARG A 55 -3.58 -8.47 -8.29
N ARG A 56 -4.65 -7.77 -8.63
CA ARG A 56 -4.59 -6.33 -8.84
C ARG A 56 -4.36 -5.63 -7.51
N LYS A 57 -4.97 -6.16 -6.46
CA LYS A 57 -4.81 -5.62 -5.13
C LYS A 57 -3.39 -5.87 -4.63
N LEU A 58 -2.83 -7.00 -5.05
CA LEU A 58 -1.47 -7.38 -4.69
C LEU A 58 -0.49 -6.36 -5.24
N LEU A 59 -0.74 -5.93 -6.48
CA LEU A 59 0.10 -4.94 -7.14
C LEU A 59 -0.02 -3.59 -6.44
N GLY A 60 -1.23 -3.29 -5.98
CA GLY A 60 -1.48 -2.04 -5.27
C GLY A 60 -0.77 -2.00 -3.93
N LEU A 61 -0.60 -3.18 -3.35
CA LEU A 61 0.08 -3.31 -2.06
C LEU A 61 1.53 -2.89 -2.20
N TYR A 62 2.18 -3.35 -3.27
CA TYR A 62 3.57 -3.04 -3.54
C TYR A 62 3.75 -1.54 -3.73
N LEU A 63 2.78 -0.92 -4.42
CA LEU A 63 2.83 0.51 -4.68
C LEU A 63 2.81 1.30 -3.38
N MET A 64 1.89 0.96 -2.50
CA MET A 64 1.76 1.64 -1.21
C MET A 64 3.03 1.44 -0.39
N ASN A 65 3.48 0.19 -0.31
CA ASN A 65 4.69 -0.15 0.45
C ASN A 65 5.90 0.60 -0.08
N HIS A 66 6.01 0.70 -1.39
CA HIS A 66 7.14 1.38 -2.02
C HIS A 66 7.10 2.89 -1.76
N VAL A 67 5.94 3.51 -1.94
CA VAL A 67 5.81 4.94 -1.77
C VAL A 67 6.05 5.39 -0.31
N VAL A 68 5.62 4.59 0.65
CA VAL A 68 5.82 4.95 2.06
C VAL A 68 7.25 4.68 2.51
N GLN A 69 7.91 3.72 1.84
CA GLN A 69 9.29 3.38 2.16
C GLN A 69 10.22 4.51 1.72
N GLN A 70 10.10 4.90 0.46
CA GLN A 70 10.94 5.96 -0.09
C GLN A 70 10.53 7.32 0.46
N ALA A 71 9.35 7.38 1.07
CA ALA A 71 8.85 8.62 1.66
C ALA A 71 9.73 9.05 2.83
N LYS A 72 10.40 8.08 3.45
CA LYS A 72 11.29 8.37 4.57
C LYS A 72 12.54 9.10 4.10
N GLY A 73 12.84 8.98 2.81
CA GLY A 73 14.00 9.64 2.24
C GLY A 73 13.79 11.14 2.09
N GLN A 74 12.63 11.52 1.60
CA GLN A 74 12.30 12.93 1.41
C GLN A 74 11.61 13.50 2.64
N LYS A 75 11.42 12.64 3.63
CA LYS A 75 10.78 13.01 4.90
C LYS A 75 9.34 13.45 4.68
N ILE A 76 8.60 12.68 3.88
CA ILE A 76 7.22 12.99 3.60
C ILE A 76 6.30 12.21 4.53
N ILE A 77 6.18 12.69 5.76
CA ILE A 77 5.33 12.05 6.76
C ILE A 77 3.87 12.20 6.38
N GLN A 78 3.60 13.11 5.46
CA GLN A 78 2.25 13.36 4.99
C GLN A 78 1.67 12.11 4.32
N PHE A 79 2.52 11.40 3.61
CA PHE A 79 2.10 10.18 2.90
C PHE A 79 1.85 9.04 3.89
N GLN A 80 2.73 8.91 4.87
CA GLN A 80 2.63 7.85 5.85
C GLN A 80 1.42 8.07 6.78
N ASP A 81 1.03 9.32 6.96
CA ASP A 81 -0.12 9.64 7.80
C ASP A 81 -1.41 9.30 7.05
N SER A 82 -1.51 9.77 5.82
CA SER A 82 -2.69 9.55 5.01
C SER A 82 -2.85 8.07 4.64
N PHE A 83 -1.78 7.46 4.14
CA PHE A 83 -1.81 6.07 3.75
C PHE A 83 -1.88 5.16 4.97
N GLY A 84 -1.30 5.60 6.07
CA GLY A 84 -1.29 4.80 7.28
C GLY A 84 -2.68 4.49 7.81
N LYS A 85 -3.50 5.52 7.98
CA LYS A 85 -4.85 5.34 8.52
C LYS A 85 -5.70 4.43 7.66
N VAL A 86 -5.54 4.51 6.34
CA VAL A 86 -6.32 3.68 5.44
C VAL A 86 -5.70 2.29 5.30
N ALA A 87 -4.38 2.20 5.47
CA ALA A 87 -3.67 0.93 5.35
C ALA A 87 -4.15 -0.05 6.41
N ALA A 88 -4.38 0.43 7.62
CA ALA A 88 -4.84 -0.40 8.72
C ALA A 88 -6.18 -1.07 8.37
N GLU A 89 -7.00 -0.35 7.61
CA GLU A 89 -8.28 -0.87 7.20
C GLU A 89 -8.15 -1.76 5.96
N VAL A 90 -7.50 -1.24 4.93
CA VAL A 90 -7.31 -1.96 3.68
C VAL A 90 -6.59 -3.29 3.90
N LEU A 91 -5.46 -3.25 4.59
CA LEU A 91 -4.67 -4.45 4.84
C LEU A 91 -5.46 -5.48 5.64
N GLY A 92 -6.25 -5.00 6.60
CA GLY A 92 -7.05 -5.90 7.41
C GLY A 92 -8.20 -6.51 6.62
N ARG A 93 -8.67 -5.77 5.62
CA ARG A 93 -9.77 -6.23 4.78
C ARG A 93 -9.29 -7.24 3.75
N ILE A 94 -8.24 -6.89 3.02
CA ILE A 94 -7.70 -7.77 1.99
C ILE A 94 -6.99 -8.98 2.60
N ASN A 95 -6.69 -8.90 3.88
CA ASN A 95 -6.03 -10.00 4.60
C ASN A 95 -6.86 -11.28 4.51
N GLN A 96 -8.18 -11.12 4.51
CA GLN A 96 -9.08 -12.26 4.43
C GLN A 96 -9.53 -12.50 2.99
N GLU A 97 -9.02 -11.68 2.08
CA GLU A 97 -9.35 -11.81 0.66
C GLU A 97 -8.22 -12.53 -0.08
N PHE A 98 -7.01 -12.33 0.41
CA PHE A 98 -5.83 -12.94 -0.19
C PHE A 98 -5.66 -14.38 0.28
N PRO A 99 -5.43 -15.31 -0.66
CA PRO A 99 -5.22 -16.73 -0.34
C PRO A 99 -3.95 -16.94 0.47
N ARG A 100 -3.81 -18.15 1.02
CA ARG A 100 -2.66 -18.52 1.85
C ARG A 100 -1.31 -18.13 1.21
N ASP A 101 -1.20 -18.32 -0.10
CA ASP A 101 0.04 -18.02 -0.81
C ASP A 101 0.26 -16.51 -0.94
N LEU A 102 -0.77 -15.79 -1.35
CA LEU A 102 -0.66 -14.36 -1.54
C LEU A 102 -0.55 -13.62 -0.20
N LYS A 103 -1.30 -14.06 0.80
CA LYS A 103 -1.28 -13.41 2.10
C LYS A 103 0.05 -13.69 2.82
N LYS A 104 0.76 -14.72 2.35
CA LYS A 104 2.05 -15.05 2.92
C LYS A 104 3.02 -13.94 2.58
N LYS A 105 2.83 -13.36 1.40
CA LYS A 105 3.65 -12.24 0.96
C LYS A 105 3.22 -10.98 1.68
N LEU A 106 1.91 -10.86 1.89
CA LEU A 106 1.34 -9.72 2.59
C LEU A 106 1.93 -9.62 4.00
N SER A 107 2.14 -10.78 4.61
CA SER A 107 2.71 -10.84 5.95
C SER A 107 4.10 -10.24 5.96
N ARG A 108 4.85 -10.46 4.89
CA ARG A 108 6.20 -9.92 4.78
C ARG A 108 6.17 -8.40 4.59
N VAL A 109 5.19 -7.94 3.83
CA VAL A 109 5.03 -6.51 3.56
C VAL A 109 4.79 -5.74 4.87
N VAL A 110 3.75 -6.14 5.60
CA VAL A 110 3.41 -5.48 6.85
C VAL A 110 4.50 -5.71 7.89
N ASN A 111 5.20 -6.83 7.78
CA ASN A 111 6.28 -7.16 8.70
C ASN A 111 7.37 -6.09 8.65
N ILE A 112 7.89 -5.85 7.47
CA ILE A 112 8.95 -4.87 7.28
C ILE A 112 8.45 -3.46 7.63
N LEU A 113 7.19 -3.18 7.32
CA LEU A 113 6.59 -1.87 7.61
C LEU A 113 6.70 -1.51 9.10
N LYS A 114 6.44 -2.48 9.96
CA LYS A 114 6.52 -2.24 11.40
C LYS A 114 7.93 -2.50 11.93
N GLU A 115 8.65 -3.40 11.29
CA GLU A 115 10.01 -3.73 11.73
C GLU A 115 10.96 -2.55 11.54
N ARG A 116 10.78 -1.81 10.45
CA ARG A 116 11.62 -0.66 10.15
C ARG A 116 10.96 0.63 10.62
N ASN A 117 9.82 0.50 11.32
CA ASN A 117 9.06 1.63 11.83
C ASN A 117 8.78 2.65 10.72
N ILE A 118 8.12 2.17 9.67
CA ILE A 118 7.79 3.03 8.54
C ILE A 118 6.61 3.93 8.88
N PHE A 119 5.72 3.41 9.71
CA PHE A 119 4.54 4.16 10.11
C PHE A 119 4.62 4.53 11.59
N SER A 120 3.68 5.35 12.04
CA SER A 120 3.61 5.79 13.42
C SER A 120 3.21 4.63 14.31
N LYS A 121 3.72 4.61 15.54
CA LYS A 121 3.42 3.53 16.48
C LYS A 121 1.92 3.42 16.76
N GLN A 122 1.21 4.54 16.63
CA GLN A 122 -0.23 4.56 16.88
C GLN A 122 -0.97 3.78 15.80
N VAL A 123 -0.59 3.98 14.55
CA VAL A 123 -1.24 3.31 13.45
C VAL A 123 -0.68 1.90 13.27
N VAL A 124 0.59 1.71 13.63
CA VAL A 124 1.23 0.39 13.52
C VAL A 124 0.48 -0.60 14.40
N ASN A 125 0.14 -0.17 15.60
CA ASN A 125 -0.59 -1.01 16.55
C ASN A 125 -1.98 -1.32 15.99
N ASP A 126 -2.56 -0.35 15.30
CA ASP A 126 -3.88 -0.50 14.71
C ASP A 126 -3.86 -1.60 13.65
N ILE A 127 -2.80 -1.62 12.86
CA ILE A 127 -2.64 -2.60 11.80
C ILE A 127 -2.58 -4.03 12.36
N GLU A 128 -1.65 -4.25 13.30
CA GLU A 128 -1.49 -5.57 13.89
C GLU A 128 -2.75 -6.00 14.66
N ARG A 129 -3.40 -5.04 15.31
CA ARG A 129 -4.62 -5.33 16.05
C ARG A 129 -5.70 -5.82 15.10
N SER A 130 -5.76 -5.22 13.91
CA SER A 130 -6.73 -5.59 12.90
C SER A 130 -6.42 -6.99 12.37
N LEU A 131 -5.13 -7.28 12.19
CA LEU A 131 -4.69 -8.59 11.69
C LEU A 131 -4.94 -9.68 12.72
N ALA A 132 -4.90 -9.30 13.99
CA ALA A 132 -5.13 -10.24 15.08
C ALA A 132 -6.62 -10.50 15.25
N ALA A 133 -7.42 -9.46 15.08
CA ALA A 133 -8.87 -9.55 15.23
C ALA A 133 -9.50 -10.33 14.08
N ALA A 134 -8.77 -10.45 12.97
CA ALA A 134 -9.26 -11.17 11.80
C ALA A 134 -9.53 -12.64 12.13
N LEU A 135 -8.60 -13.26 12.86
CA LEU A 135 -8.72 -14.66 13.27
C LEU A 135 -8.95 -15.60 12.09
N GLU A 136 -8.19 -15.41 11.03
CA GLU A 136 -8.30 -16.25 9.83
C GLU A 136 -7.12 -17.21 9.73
N HIS A 137 -6.25 -17.18 10.73
CA HIS A 137 -5.09 -18.05 10.74
C HIS A 137 -5.43 -19.39 11.36
N PRO B 6 12.16 -8.90 -13.35
CA PRO B 6 11.66 -8.03 -12.26
C PRO B 6 11.33 -8.84 -11.01
N SER B 7 10.11 -9.38 -10.94
CA SER B 7 9.65 -10.17 -9.80
C SER B 7 9.69 -9.35 -8.51
N TYR B 8 8.67 -8.52 -8.29
CA TYR B 8 8.62 -7.70 -7.08
C TYR B 8 8.49 -8.57 -5.84
N SEP B 9 9.53 -8.56 -5.02
CA SEP B 9 9.52 -9.34 -3.80
CB SEP B 9 10.84 -10.11 -3.65
OG SEP B 9 10.61 -11.53 -3.55
C SEP B 9 9.32 -8.42 -2.61
O SEP B 9 10.01 -7.41 -2.51
P SEP B 9 10.15 -12.18 -2.15
O1P SEP B 9 10.20 -11.11 -1.15
O2P SEP B 9 11.00 -13.28 -1.63
O3P SEP B 9 8.78 -12.74 -2.12
H SEP B 9 10.31 -8.01 -5.23
HA SEP B 9 8.70 -10.05 -3.85
HB2 SEP B 9 11.46 -9.93 -4.52
HB3 SEP B 9 11.35 -9.78 -2.76
N PRO B 10 8.37 -8.74 -1.72
CA PRO B 10 8.09 -7.91 -0.52
C PRO B 10 9.33 -7.69 0.34
N THR B 11 10.24 -8.66 0.32
CA THR B 11 11.47 -8.57 1.10
C THR B 11 12.50 -7.69 0.39
N SER B 12 12.19 -7.29 -0.84
CA SER B 12 13.10 -6.45 -1.61
C SER B 12 12.32 -5.38 -2.38
N PRO B 13 11.79 -4.37 -1.67
CA PRO B 13 11.02 -3.29 -2.28
C PRO B 13 11.92 -2.28 -3.00
N SER B 14 12.83 -1.67 -2.24
CA SER B 14 13.75 -0.70 -2.79
C SER B 14 15.10 -1.36 -3.06
N ALA A 2 -12.23 18.50 -18.77
CA ALA A 2 -11.10 19.40 -19.13
C ALA A 2 -9.84 19.03 -18.34
N PHE A 3 -10.03 18.50 -17.14
CA PHE A 3 -8.92 18.09 -16.31
C PHE A 3 -8.75 16.58 -16.35
N SER A 4 -7.58 16.11 -15.93
CA SER A 4 -7.28 14.68 -15.94
C SER A 4 -7.97 13.97 -14.78
N SER A 5 -9.15 13.40 -15.06
CA SER A 5 -9.91 12.68 -14.06
C SER A 5 -9.39 11.26 -13.92
N GLU A 6 -9.48 10.71 -12.71
CA GLU A 6 -9.04 9.35 -12.42
C GLU A 6 -7.54 9.16 -12.70
N GLN A 7 -6.76 10.19 -12.38
CA GLN A 7 -5.31 10.16 -12.58
C GLN A 7 -4.66 8.97 -11.87
N PHE A 8 -4.79 8.93 -10.56
CA PHE A 8 -4.20 7.87 -9.75
C PHE A 8 -4.91 6.53 -10.02
N THR A 9 -6.22 6.58 -10.09
CA THR A 9 -7.04 5.40 -10.30
C THR A 9 -6.72 4.67 -11.61
N THR A 10 -6.53 5.43 -12.69
CA THR A 10 -6.23 4.83 -13.99
C THR A 10 -4.82 4.26 -14.03
N LYS A 11 -3.95 4.74 -13.15
CA LYS A 11 -2.57 4.26 -13.10
C LYS A 11 -2.52 2.83 -12.58
N LEU A 12 -3.40 2.53 -11.62
CA LEU A 12 -3.47 1.19 -11.04
C LEU A 12 -3.91 0.17 -12.08
N ASN A 13 -4.69 0.63 -13.06
CA ASN A 13 -5.17 -0.22 -14.13
C ASN A 13 -4.09 -0.45 -15.18
N THR A 14 -3.00 0.29 -15.08
CA THR A 14 -1.91 0.17 -16.03
C THR A 14 -0.59 -0.11 -15.31
N LEU A 15 -0.65 -0.89 -14.24
CA LEU A 15 0.54 -1.22 -13.47
C LEU A 15 0.87 -2.71 -13.61
N GLU A 16 2.10 -3.04 -13.24
CA GLU A 16 2.60 -4.41 -13.31
C GLU A 16 3.32 -4.74 -12.02
N ASP A 17 3.49 -6.03 -11.73
CA ASP A 17 4.16 -6.47 -10.52
C ASP A 17 5.68 -6.40 -10.66
N SER A 18 6.16 -5.47 -11.47
CA SER A 18 7.58 -5.29 -11.66
C SER A 18 8.13 -4.24 -10.71
N GLN A 19 9.31 -4.49 -10.17
CA GLN A 19 9.95 -3.58 -9.23
C GLN A 19 10.07 -2.19 -9.85
N GLU A 20 10.66 -2.13 -11.03
CA GLU A 20 10.86 -0.86 -11.71
C GLU A 20 9.54 -0.18 -12.04
N SER A 21 8.54 -0.96 -12.46
CA SER A 21 7.23 -0.41 -12.79
C SER A 21 6.61 0.30 -11.58
N ILE A 22 6.62 -0.36 -10.43
CA ILE A 22 6.06 0.22 -9.21
C ILE A 22 6.88 1.44 -8.82
N SER A 23 8.20 1.32 -8.94
CA SER A 23 9.11 2.42 -8.60
C SER A 23 8.81 3.66 -9.44
N SER A 24 8.53 3.44 -10.73
CA SER A 24 8.22 4.53 -11.65
C SER A 24 6.97 5.29 -11.20
N ALA A 25 5.93 4.55 -10.86
CA ALA A 25 4.68 5.16 -10.41
C ALA A 25 4.86 5.83 -9.05
N SER A 26 5.57 5.15 -8.15
CA SER A 26 5.81 5.67 -6.81
C SER A 26 6.59 6.98 -6.85
N LYS A 27 7.54 7.06 -7.79
CA LYS A 27 8.36 8.25 -7.92
C LYS A 27 7.50 9.47 -8.25
N TRP A 28 6.51 9.28 -9.12
CA TRP A 28 5.60 10.35 -9.50
C TRP A 28 4.72 10.73 -8.31
N LEU A 29 4.31 9.73 -7.55
CA LEU A 29 3.47 9.93 -6.37
C LEU A 29 4.22 10.75 -5.32
N LEU A 30 5.49 10.44 -5.13
CA LEU A 30 6.34 11.14 -4.17
C LEU A 30 6.44 12.62 -4.52
N LEU A 31 6.43 12.91 -5.81
CA LEU A 31 6.52 14.29 -6.28
C LEU A 31 5.21 15.02 -6.02
N GLN A 32 4.13 14.27 -5.93
CA GLN A 32 2.81 14.84 -5.69
C GLN A 32 2.46 14.74 -4.21
N TYR A 33 3.39 15.16 -3.36
CA TYR A 33 3.22 15.12 -1.91
C TYR A 33 2.02 15.98 -1.48
N ARG A 34 1.64 16.92 -2.33
CA ARG A 34 0.52 17.81 -2.03
C ARG A 34 -0.82 17.09 -2.19
N ASP A 35 -0.80 15.95 -2.84
CA ASP A 35 -2.03 15.19 -3.06
C ASP A 35 -2.05 13.92 -2.22
N ALA A 36 -1.12 13.85 -1.26
CA ALA A 36 -1.01 12.70 -0.37
C ALA A 36 -2.35 12.35 0.31
N PRO A 37 -3.06 13.31 0.93
CA PRO A 37 -4.35 13.04 1.58
C PRO A 37 -5.45 12.63 0.58
N LYS A 38 -5.26 12.97 -0.69
CA LYS A 38 -6.24 12.65 -1.72
C LYS A 38 -5.97 11.27 -2.30
N VAL A 39 -4.72 10.97 -2.63
CA VAL A 39 -4.37 9.68 -3.19
C VAL A 39 -4.56 8.57 -2.15
N ALA A 40 -4.40 8.93 -0.88
CA ALA A 40 -4.55 7.97 0.21
C ALA A 40 -5.98 7.45 0.30
N GLU A 41 -6.96 8.36 0.24
CA GLU A 41 -8.36 7.95 0.31
C GLU A 41 -8.77 7.22 -0.96
N MET A 42 -8.26 7.68 -2.10
CA MET A 42 -8.57 7.06 -3.38
C MET A 42 -8.06 5.63 -3.40
N TRP A 43 -6.85 5.45 -2.89
CA TRP A 43 -6.22 4.14 -2.82
C TRP A 43 -7.05 3.20 -1.94
N LYS A 44 -7.43 3.69 -0.76
CA LYS A 44 -8.23 2.91 0.17
C LYS A 44 -9.55 2.51 -0.47
N GLU A 45 -10.24 3.48 -1.07
CA GLU A 45 -11.52 3.23 -1.71
C GLU A 45 -11.38 2.23 -2.85
N TYR A 46 -10.31 2.38 -3.63
CA TYR A 46 -10.05 1.50 -4.76
C TYR A 46 -9.84 0.06 -4.31
N MET A 47 -9.01 -0.11 -3.29
CA MET A 47 -8.70 -1.44 -2.76
C MET A 47 -9.92 -2.11 -2.14
N LEU A 48 -10.93 -1.31 -1.78
CA LEU A 48 -12.14 -1.84 -1.17
C LEU A 48 -13.25 -2.01 -2.19
N ARG A 49 -12.98 -1.69 -3.44
CA ARG A 49 -13.98 -1.82 -4.50
C ARG A 49 -14.08 -3.27 -4.96
N PRO A 50 -15.32 -3.77 -5.13
CA PRO A 50 -15.56 -5.16 -5.57
C PRO A 50 -15.25 -5.38 -7.05
N SER A 51 -14.71 -4.35 -7.69
CA SER A 51 -14.37 -4.42 -9.09
C SER A 51 -12.87 -4.61 -9.27
N VAL A 52 -12.17 -4.83 -8.16
CA VAL A 52 -10.74 -5.01 -8.18
C VAL A 52 -10.36 -6.46 -7.83
N ASN A 53 -9.61 -7.10 -8.73
CA ASN A 53 -9.18 -8.47 -8.54
C ASN A 53 -8.06 -8.54 -7.49
N THR A 54 -7.95 -9.69 -6.83
CA THR A 54 -6.95 -9.89 -5.80
C THR A 54 -5.53 -9.60 -6.30
N ARG A 55 -5.28 -9.87 -7.58
CA ARG A 55 -3.96 -9.63 -8.18
C ARG A 55 -3.63 -8.14 -8.15
N ARG A 56 -4.61 -7.31 -8.48
CA ARG A 56 -4.42 -5.86 -8.49
C ARG A 56 -4.29 -5.33 -7.07
N LYS A 57 -4.95 -5.99 -6.13
CA LYS A 57 -4.87 -5.60 -4.73
C LYS A 57 -3.45 -5.78 -4.23
N LEU A 58 -2.78 -6.81 -4.74
CA LEU A 58 -1.40 -7.10 -4.36
C LEU A 58 -0.50 -5.99 -4.90
N LEU A 59 -0.79 -5.57 -6.13
CA LEU A 59 -0.04 -4.50 -6.78
C LEU A 59 -0.20 -3.20 -6.02
N GLY A 60 -1.45 -2.90 -5.64
CA GLY A 60 -1.74 -1.69 -4.89
C GLY A 60 -1.03 -1.67 -3.55
N LEU A 61 -0.91 -2.83 -2.94
CA LEU A 61 -0.24 -2.97 -1.65
C LEU A 61 1.23 -2.61 -1.80
N TYR A 62 1.84 -3.11 -2.86
CA TYR A 62 3.25 -2.86 -3.13
C TYR A 62 3.49 -1.38 -3.44
N LEU A 63 2.52 -0.76 -4.09
CA LEU A 63 2.62 0.66 -4.42
C LEU A 63 2.67 1.48 -3.15
N MET A 64 1.80 1.14 -2.20
CA MET A 64 1.74 1.83 -0.93
C MET A 64 3.03 1.61 -0.15
N ASN A 65 3.50 0.37 -0.15
CA ASN A 65 4.74 0.00 0.54
C ASN A 65 5.92 0.81 0.03
N HIS A 66 5.94 1.03 -1.27
CA HIS A 66 7.03 1.78 -1.91
C HIS A 66 7.00 3.25 -1.48
N VAL A 67 5.85 3.89 -1.64
CA VAL A 67 5.71 5.31 -1.30
C VAL A 67 5.94 5.59 0.19
N VAL A 68 5.53 4.68 1.06
CA VAL A 68 5.73 4.89 2.50
C VAL A 68 7.17 4.58 2.91
N GLN A 69 7.84 3.74 2.13
CA GLN A 69 9.23 3.38 2.41
C GLN A 69 10.14 4.52 1.98
N GLN A 70 9.90 5.05 0.79
CA GLN A 70 10.69 6.13 0.25
C GLN A 70 10.34 7.46 0.92
N ALA A 71 9.20 7.47 1.60
CA ALA A 71 8.72 8.66 2.30
C ALA A 71 9.72 9.08 3.37
N LYS A 72 10.37 8.10 3.98
CA LYS A 72 11.36 8.36 5.02
C LYS A 72 12.59 9.03 4.42
N GLY A 73 12.84 8.76 3.14
CA GLY A 73 13.98 9.34 2.46
C GLY A 73 13.83 10.84 2.30
N GLN A 74 12.65 11.26 1.87
CA GLN A 74 12.37 12.67 1.67
C GLN A 74 11.87 13.30 2.97
N LYS A 75 11.64 12.44 3.97
CA LYS A 75 11.18 12.85 5.29
C LYS A 75 9.75 13.40 5.23
N ILE A 76 8.98 12.94 4.25
CA ILE A 76 7.60 13.38 4.11
C ILE A 76 6.68 12.39 4.81
N ILE A 77 6.46 12.61 6.10
CA ILE A 77 5.62 11.73 6.90
C ILE A 77 4.15 11.87 6.56
N GLN A 78 3.83 12.88 5.74
CA GLN A 78 2.45 13.13 5.33
C GLN A 78 1.89 11.91 4.60
N PHE A 79 2.77 11.23 3.86
CA PHE A 79 2.38 10.05 3.13
C PHE A 79 2.07 8.92 4.10
N GLN A 80 2.97 8.71 5.05
CA GLN A 80 2.83 7.66 6.04
C GLN A 80 1.64 7.92 6.95
N ASP A 81 1.34 9.18 7.20
CA ASP A 81 0.22 9.55 8.05
C ASP A 81 -1.10 9.29 7.33
N SER A 82 -1.22 9.86 6.13
CA SER A 82 -2.44 9.71 5.33
C SER A 82 -2.70 8.26 4.94
N PHE A 83 -1.64 7.56 4.54
CA PHE A 83 -1.77 6.17 4.13
C PHE A 83 -1.87 5.25 5.35
N GLY A 84 -1.26 5.67 6.45
CA GLY A 84 -1.28 4.86 7.66
C GLY A 84 -2.67 4.70 8.25
N LYS A 85 -3.44 5.78 8.26
CA LYS A 85 -4.79 5.75 8.83
C LYS A 85 -5.75 4.90 7.99
N VAL A 86 -5.38 4.65 6.74
CA VAL A 86 -6.22 3.84 5.87
C VAL A 86 -5.61 2.46 5.61
N ALA A 87 -4.30 2.34 5.86
CA ALA A 87 -3.59 1.08 5.66
C ALA A 87 -4.17 0.00 6.57
N ALA A 88 -4.39 0.35 7.83
CA ALA A 88 -4.94 -0.59 8.80
C ALA A 88 -6.25 -1.19 8.29
N GLU A 89 -7.10 -0.33 7.75
CA GLU A 89 -8.38 -0.75 7.20
C GLU A 89 -8.17 -1.69 6.02
N VAL A 90 -7.47 -1.20 5.00
CA VAL A 90 -7.19 -1.99 3.81
C VAL A 90 -6.55 -3.33 4.12
N LEU A 91 -5.49 -3.32 4.93
CA LEU A 91 -4.78 -4.54 5.29
C LEU A 91 -5.69 -5.52 6.03
N GLY A 92 -6.50 -5.01 6.95
CA GLY A 92 -7.41 -5.86 7.70
C GLY A 92 -8.50 -6.44 6.83
N ARG A 93 -8.81 -5.75 5.74
CA ARG A 93 -9.85 -6.19 4.81
C ARG A 93 -9.30 -7.22 3.82
N ILE A 94 -8.23 -6.85 3.12
CA ILE A 94 -7.64 -7.73 2.12
C ILE A 94 -7.02 -8.98 2.73
N ASN A 95 -6.73 -8.94 4.03
CA ASN A 95 -6.16 -10.09 4.72
C ASN A 95 -7.13 -11.27 4.70
N GLN A 96 -8.41 -10.96 4.55
CA GLN A 96 -9.44 -11.99 4.52
C GLN A 96 -9.71 -12.44 3.08
N GLU A 97 -9.20 -11.67 2.13
CA GLU A 97 -9.39 -11.97 0.71
C GLU A 97 -8.14 -12.59 0.12
N PHE A 98 -6.99 -12.25 0.68
CA PHE A 98 -5.71 -12.76 0.21
C PHE A 98 -5.54 -14.24 0.53
N PRO A 99 -5.34 -15.07 -0.49
CA PRO A 99 -5.14 -16.51 -0.31
C PRO A 99 -3.82 -16.82 0.39
N ARG A 100 -3.59 -18.10 0.67
CA ARG A 100 -2.38 -18.56 1.36
C ARG A 100 -1.12 -18.08 0.65
N ASP A 101 -1.20 -17.85 -0.64
CA ASP A 101 -0.06 -17.40 -1.43
C ASP A 101 0.22 -15.92 -1.20
N LEU A 102 -0.81 -15.11 -1.29
CA LEU A 102 -0.67 -13.67 -1.14
C LEU A 102 -0.49 -13.24 0.30
N LYS A 103 -1.16 -13.92 1.23
CA LYS A 103 -1.05 -13.54 2.65
C LYS A 103 0.37 -13.76 3.17
N LYS A 104 1.11 -14.68 2.52
CA LYS A 104 2.50 -14.92 2.91
C LYS A 104 3.33 -13.69 2.62
N LYS A 105 3.01 -13.04 1.50
CA LYS A 105 3.70 -11.84 1.08
C LYS A 105 3.25 -10.66 1.92
N LEU A 106 1.98 -10.68 2.30
CA LEU A 106 1.39 -9.64 3.13
C LEU A 106 2.06 -9.62 4.50
N SER A 107 2.31 -10.80 5.05
CA SER A 107 2.96 -10.93 6.35
C SER A 107 4.37 -10.35 6.30
N ARG A 108 5.01 -10.47 5.14
CA ARG A 108 6.37 -9.97 4.96
C ARG A 108 6.41 -8.44 5.03
N VAL A 109 5.61 -7.79 4.19
CA VAL A 109 5.58 -6.33 4.13
C VAL A 109 5.11 -5.72 5.45
N VAL A 110 4.09 -6.30 6.07
CA VAL A 110 3.57 -5.80 7.33
C VAL A 110 4.66 -5.83 8.40
N ASN A 111 5.43 -6.90 8.41
CA ASN A 111 6.52 -7.06 9.37
C ASN A 111 7.55 -5.94 9.22
N ILE A 112 7.96 -5.69 7.98
CA ILE A 112 8.95 -4.65 7.71
C ILE A 112 8.45 -3.27 8.12
N LEU A 113 7.21 -2.96 7.75
CA LEU A 113 6.60 -1.67 8.06
C LEU A 113 6.54 -1.40 9.57
N LYS A 114 6.18 -2.42 10.35
CA LYS A 114 6.07 -2.25 11.79
C LYS A 114 7.44 -2.29 12.47
N GLU A 115 8.37 -3.08 11.94
CA GLU A 115 9.69 -3.19 12.54
C GLU A 115 10.56 -1.97 12.25
N ARG A 116 10.47 -1.43 11.04
CA ARG A 116 11.26 -0.25 10.66
C ARG A 116 10.62 1.03 11.21
N ASN A 117 9.48 0.86 11.88
CA ASN A 117 8.74 1.98 12.48
C ASN A 117 8.30 2.98 11.42
N ILE A 118 7.66 2.49 10.37
CA ILE A 118 7.18 3.35 9.29
C ILE A 118 5.98 4.16 9.77
N PHE A 119 5.09 3.50 10.52
CA PHE A 119 3.91 4.15 11.04
C PHE A 119 4.03 4.34 12.54
N SER A 120 3.06 5.02 13.13
CA SER A 120 3.06 5.28 14.56
C SER A 120 2.70 4.01 15.32
N LYS A 121 3.01 4.00 16.62
CA LYS A 121 2.73 2.85 17.49
C LYS A 121 1.27 2.43 17.38
N GLN A 122 0.37 3.39 17.52
CA GLN A 122 -1.07 3.13 17.45
C GLN A 122 -1.47 2.47 16.14
N VAL A 123 -0.77 2.82 15.05
CA VAL A 123 -1.08 2.27 13.74
C VAL A 123 -0.48 0.87 13.55
N VAL A 124 0.80 0.73 13.86
CA VAL A 124 1.47 -0.57 13.69
C VAL A 124 0.84 -1.62 14.60
N ASN A 125 0.31 -1.20 15.74
CA ASN A 125 -0.31 -2.11 16.68
C ASN A 125 -1.72 -2.47 16.23
N ASP A 126 -2.35 -1.57 15.48
CA ASP A 126 -3.70 -1.79 14.97
C ASP A 126 -3.64 -2.77 13.78
N ILE A 127 -2.65 -2.58 12.93
CA ILE A 127 -2.49 -3.43 11.76
C ILE A 127 -2.29 -4.91 12.15
N GLU A 128 -1.36 -5.15 13.06
CA GLU A 128 -1.07 -6.51 13.50
C GLU A 128 -2.25 -7.14 14.23
N ARG A 129 -2.97 -6.36 15.03
CA ARG A 129 -4.09 -6.89 15.79
C ARG A 129 -5.25 -7.23 14.85
N SER A 130 -5.31 -6.56 13.70
CA SER A 130 -6.36 -6.84 12.72
C SER A 130 -6.15 -8.23 12.12
N LEU A 131 -4.88 -8.57 11.89
CA LEU A 131 -4.53 -9.86 11.33
C LEU A 131 -4.83 -10.97 12.33
N ALA A 132 -4.51 -10.70 13.59
CA ALA A 132 -4.75 -11.68 14.65
C ALA A 132 -6.24 -11.85 14.90
N ALA A 133 -7.01 -10.77 14.76
CA ALA A 133 -8.45 -10.83 14.96
C ALA A 133 -9.14 -11.55 13.81
N ALA A 134 -8.51 -11.56 12.65
CA ALA A 134 -9.07 -12.23 11.49
C ALA A 134 -8.85 -13.73 11.55
N LEU A 135 -7.84 -14.14 12.33
CA LEU A 135 -7.51 -15.56 12.52
C LEU A 135 -7.21 -16.23 11.18
N GLU A 136 -6.66 -15.47 10.24
CA GLU A 136 -6.34 -15.99 8.92
C GLU A 136 -4.88 -16.43 8.86
N HIS A 137 -4.22 -16.40 10.00
CA HIS A 137 -2.82 -16.79 10.08
C HIS A 137 -2.71 -18.26 10.46
N PRO B 6 8.45 -10.70 -13.50
CA PRO B 6 8.52 -9.56 -12.55
C PRO B 6 8.56 -10.05 -11.10
N SER B 7 7.38 -10.24 -10.50
CA SER B 7 7.26 -10.70 -9.12
C SER B 7 7.94 -9.74 -8.14
N TYR B 8 7.22 -8.70 -7.76
CA TYR B 8 7.71 -7.68 -6.82
C TYR B 8 7.76 -8.27 -5.42
N SEP B 9 8.88 -8.05 -4.72
CA SEP B 9 9.00 -8.56 -3.36
CB SEP B 9 10.18 -9.53 -3.25
OG SEP B 9 10.07 -10.36 -2.09
C SEP B 9 9.18 -7.38 -2.41
O SEP B 9 9.82 -6.40 -2.76
P SEP B 9 11.24 -10.37 -1.00
O1P SEP B 9 12.03 -9.15 -1.23
O2P SEP B 9 12.19 -11.51 -1.07
O3P SEP B 9 10.81 -10.35 0.42
H SEP B 9 9.63 -7.57 -5.13
HA SEP B 9 8.09 -9.08 -3.11
HB2 SEP B 9 10.19 -10.17 -4.13
HB3 SEP B 9 11.10 -8.98 -3.20
N PRO B 10 8.61 -7.46 -1.18
CA PRO B 10 8.69 -6.37 -0.19
C PRO B 10 10.12 -5.94 0.16
N THR B 11 11.05 -6.88 0.13
CA THR B 11 12.43 -6.59 0.46
C THR B 11 13.22 -6.14 -0.79
N SER B 12 12.53 -6.08 -1.92
CA SER B 12 13.16 -5.66 -3.16
C SER B 12 12.20 -4.77 -3.97
N PRO B 13 12.10 -3.48 -3.59
CA PRO B 13 11.21 -2.52 -4.26
C PRO B 13 11.75 -2.06 -5.61
N SER B 14 13.07 -2.01 -5.72
CA SER B 14 13.72 -1.59 -6.95
C SER B 14 14.98 -2.41 -7.13
N ALA A 2 -11.94 18.46 -18.53
CA ALA A 2 -11.00 19.59 -18.35
C ALA A 2 -9.69 19.11 -17.76
N PHE A 3 -9.76 18.41 -16.65
CA PHE A 3 -8.57 17.89 -15.99
C PHE A 3 -8.67 16.36 -15.87
N SER A 4 -7.53 15.70 -15.87
CA SER A 4 -7.49 14.25 -15.77
C SER A 4 -8.04 13.79 -14.42
N SER A 5 -9.20 13.15 -14.45
CA SER A 5 -9.84 12.67 -13.25
C SER A 5 -9.38 11.27 -12.88
N GLU A 6 -9.11 11.08 -11.58
CA GLU A 6 -8.66 9.81 -11.03
C GLU A 6 -7.44 9.25 -11.78
N GLN A 7 -6.37 10.03 -11.79
CA GLN A 7 -5.13 9.63 -12.46
C GLN A 7 -4.53 8.43 -11.73
N PHE A 8 -4.69 8.41 -10.42
CA PHE A 8 -4.16 7.33 -9.58
C PHE A 8 -4.76 5.99 -10.01
N THR A 9 -6.07 5.96 -10.16
CA THR A 9 -6.77 4.76 -10.57
C THR A 9 -6.31 4.29 -11.95
N THR A 10 -6.08 5.25 -12.84
CA THR A 10 -5.63 4.97 -14.19
C THR A 10 -4.23 4.33 -14.19
N LYS A 11 -3.41 4.72 -13.22
CA LYS A 11 -2.05 4.18 -13.13
C LYS A 11 -2.08 2.77 -12.56
N LEU A 12 -2.92 2.57 -11.55
CA LEU A 12 -3.04 1.27 -10.89
C LEU A 12 -3.49 0.19 -11.86
N ASN A 13 -4.42 0.54 -12.75
CA ASN A 13 -4.95 -0.40 -13.74
C ASN A 13 -3.96 -0.63 -14.88
N THR A 14 -2.83 0.06 -14.83
CA THR A 14 -1.81 -0.09 -15.86
C THR A 14 -0.46 -0.39 -15.22
N LEU A 15 -0.50 -1.11 -14.10
CA LEU A 15 0.71 -1.48 -13.39
C LEU A 15 0.95 -2.99 -13.47
N GLU A 16 2.16 -3.39 -13.06
CA GLU A 16 2.54 -4.79 -13.07
C GLU A 16 3.31 -5.08 -11.78
N ASP A 17 3.64 -6.34 -11.53
CA ASP A 17 4.36 -6.73 -10.33
C ASP A 17 5.86 -6.45 -10.46
N SER A 18 6.22 -5.63 -11.42
CA SER A 18 7.61 -5.26 -11.63
C SER A 18 8.00 -4.14 -10.67
N GLN A 19 9.13 -4.30 -10.01
CA GLN A 19 9.59 -3.31 -9.04
C GLN A 19 9.86 -1.95 -9.69
N GLU A 20 10.43 -1.95 -10.89
CA GLU A 20 10.71 -0.70 -11.58
C GLU A 20 9.41 -0.05 -12.06
N SER A 21 8.40 -0.87 -12.28
CA SER A 21 7.10 -0.37 -12.69
C SER A 21 6.45 0.36 -11.52
N ILE A 22 6.53 -0.26 -10.34
CA ILE A 22 5.99 0.34 -9.13
C ILE A 22 6.78 1.61 -8.82
N SER A 23 8.10 1.49 -8.92
CA SER A 23 9.00 2.60 -8.67
C SER A 23 8.64 3.80 -9.54
N SER A 24 8.36 3.55 -10.81
CA SER A 24 8.00 4.60 -11.75
C SER A 24 6.76 5.36 -11.26
N ALA A 25 5.77 4.63 -10.78
CA ALA A 25 4.54 5.24 -10.29
C ALA A 25 4.78 5.94 -8.95
N SER A 26 5.48 5.26 -8.05
CA SER A 26 5.77 5.80 -6.74
C SER A 26 6.56 7.11 -6.84
N LYS A 27 7.51 7.15 -7.76
CA LYS A 27 8.33 8.34 -7.97
C LYS A 27 7.44 9.55 -8.27
N TRP A 28 6.47 9.32 -9.14
CA TRP A 28 5.53 10.36 -9.54
C TRP A 28 4.62 10.73 -8.37
N LEU A 29 4.24 9.73 -7.58
CA LEU A 29 3.38 9.95 -6.42
C LEU A 29 4.09 10.78 -5.36
N LEU A 30 5.35 10.45 -5.11
CA LEU A 30 6.16 11.15 -4.11
C LEU A 30 6.30 12.63 -4.43
N LEU A 31 6.23 12.97 -5.71
CA LEU A 31 6.36 14.35 -6.14
C LEU A 31 5.16 15.18 -5.68
N GLN A 32 3.98 14.60 -5.74
CA GLN A 32 2.76 15.28 -5.33
C GLN A 32 2.41 14.96 -3.89
N TYR A 33 3.35 15.23 -2.99
CA TYR A 33 3.17 14.97 -1.57
C TYR A 33 2.05 15.83 -0.98
N ARG A 34 1.68 16.88 -1.69
CA ARG A 34 0.62 17.79 -1.23
C ARG A 34 -0.76 17.20 -1.50
N ASP A 35 -0.80 16.06 -2.16
CA ASP A 35 -2.07 15.39 -2.46
C ASP A 35 -2.11 14.02 -1.79
N ALA A 36 -1.31 13.89 -0.74
CA ALA A 36 -1.22 12.64 0.03
C ALA A 36 -2.60 12.14 0.49
N PRO A 37 -3.43 12.99 1.14
CA PRO A 37 -4.76 12.56 1.59
C PRO A 37 -5.68 12.19 0.42
N LYS A 38 -5.51 12.86 -0.71
CA LYS A 38 -6.31 12.60 -1.90
C LYS A 38 -6.03 11.21 -2.46
N VAL A 39 -4.75 10.87 -2.60
CA VAL A 39 -4.39 9.57 -3.13
C VAL A 39 -4.62 8.49 -2.09
N ALA A 40 -4.58 8.87 -0.81
CA ALA A 40 -4.80 7.92 0.27
C ALA A 40 -6.24 7.40 0.26
N GLU A 41 -7.19 8.31 0.18
CA GLU A 41 -8.60 7.94 0.14
C GLU A 41 -8.92 7.19 -1.15
N MET A 42 -8.27 7.61 -2.23
CA MET A 42 -8.46 6.97 -3.53
C MET A 42 -7.95 5.54 -3.49
N TRP A 43 -6.82 5.34 -2.83
CA TRP A 43 -6.22 4.03 -2.68
C TRP A 43 -7.15 3.13 -1.87
N LYS A 44 -7.63 3.66 -0.75
CA LYS A 44 -8.54 2.93 0.13
C LYS A 44 -9.81 2.56 -0.62
N GLU A 45 -10.37 3.52 -1.34
CA GLU A 45 -11.59 3.30 -2.10
C GLU A 45 -11.37 2.22 -3.15
N TYR A 46 -10.26 2.32 -3.87
CA TYR A 46 -9.92 1.36 -4.91
C TYR A 46 -9.74 -0.04 -4.35
N MET A 47 -8.96 -0.15 -3.28
CA MET A 47 -8.69 -1.44 -2.65
C MET A 47 -9.96 -2.08 -2.07
N LEU A 48 -10.91 -1.24 -1.69
CA LEU A 48 -12.17 -1.73 -1.11
C LEU A 48 -13.28 -1.78 -2.16
N ARG A 49 -12.91 -1.86 -3.43
CA ARG A 49 -13.89 -1.93 -4.50
C ARG A 49 -14.03 -3.36 -5.00
N PRO A 50 -15.27 -3.80 -5.27
CA PRO A 50 -15.57 -5.15 -5.76
C PRO A 50 -15.18 -5.36 -7.22
N SER A 51 -14.68 -4.29 -7.84
CA SER A 51 -14.27 -4.34 -9.24
C SER A 51 -12.76 -4.48 -9.35
N VAL A 52 -12.13 -4.90 -8.26
CA VAL A 52 -10.68 -5.07 -8.23
C VAL A 52 -10.31 -6.50 -7.84
N ASN A 53 -9.69 -7.22 -8.76
CA ASN A 53 -9.26 -8.59 -8.52
C ASN A 53 -8.13 -8.61 -7.50
N THR A 54 -7.92 -9.76 -6.86
CA THR A 54 -6.89 -9.90 -5.84
C THR A 54 -5.50 -9.54 -6.35
N ARG A 55 -5.19 -9.90 -7.60
CA ARG A 55 -3.90 -9.59 -8.18
C ARG A 55 -3.66 -8.09 -8.22
N ARG A 56 -4.70 -7.34 -8.57
CA ARG A 56 -4.59 -5.88 -8.63
C ARG A 56 -4.46 -5.29 -7.23
N LYS A 57 -5.16 -5.90 -6.27
CA LYS A 57 -5.10 -5.44 -4.90
C LYS A 57 -3.69 -5.66 -4.35
N LEU A 58 -3.09 -6.77 -4.75
CA LEU A 58 -1.74 -7.11 -4.34
C LEU A 58 -0.77 -6.08 -4.89
N LEU A 59 -1.05 -5.61 -6.10
CA LEU A 59 -0.23 -4.60 -6.75
C LEU A 59 -0.36 -3.27 -6.02
N GLY A 60 -1.58 -2.97 -5.58
CA GLY A 60 -1.83 -1.74 -4.86
C GLY A 60 -1.08 -1.72 -3.54
N LEU A 61 -0.91 -2.89 -2.94
CA LEU A 61 -0.19 -3.03 -1.69
C LEU A 61 1.29 -2.71 -1.92
N TYR A 62 1.81 -3.18 -3.06
CA TYR A 62 3.20 -2.95 -3.43
C TYR A 62 3.47 -1.46 -3.55
N LEU A 63 2.56 -0.74 -4.19
CA LEU A 63 2.70 0.69 -4.37
C LEU A 63 2.69 1.41 -3.03
N MET A 64 1.77 1.00 -2.16
CA MET A 64 1.65 1.60 -0.84
C MET A 64 2.95 1.42 -0.06
N ASN A 65 3.45 0.19 -0.02
CA ASN A 65 4.69 -0.10 0.69
C ASN A 65 5.84 0.73 0.13
N HIS A 66 5.88 0.82 -1.19
CA HIS A 66 6.93 1.57 -1.89
C HIS A 66 6.91 3.06 -1.52
N VAL A 67 5.75 3.70 -1.68
CA VAL A 67 5.64 5.13 -1.40
C VAL A 67 5.92 5.48 0.06
N VAL A 68 5.51 4.64 1.00
CA VAL A 68 5.75 4.93 2.41
C VAL A 68 7.18 4.59 2.81
N GLN A 69 7.79 3.64 2.11
CA GLN A 69 9.16 3.23 2.38
C GLN A 69 10.12 4.33 1.93
N GLN A 70 9.93 4.79 0.70
CA GLN A 70 10.77 5.83 0.14
C GLN A 70 10.49 7.18 0.80
N ALA A 71 9.32 7.28 1.42
CA ALA A 71 8.91 8.51 2.10
C ALA A 71 9.83 8.82 3.27
N LYS A 72 10.51 7.79 3.77
CA LYS A 72 11.43 7.97 4.90
C LYS A 72 12.65 8.76 4.45
N GLY A 73 13.03 8.60 3.19
CA GLY A 73 14.18 9.31 2.66
C GLY A 73 13.84 10.77 2.39
N GLN A 74 12.64 10.99 1.85
CA GLN A 74 12.18 12.33 1.55
C GLN A 74 11.67 13.03 2.80
N LYS A 75 11.49 12.24 3.87
CA LYS A 75 11.01 12.75 5.15
C LYS A 75 9.57 13.27 5.04
N ILE A 76 8.79 12.64 4.18
CA ILE A 76 7.41 13.03 3.97
C ILE A 76 6.48 12.24 4.89
N ILE A 77 6.32 12.73 6.11
CA ILE A 77 5.47 12.07 7.09
C ILE A 77 4.00 12.20 6.71
N GLN A 78 3.68 13.23 5.93
CA GLN A 78 2.31 13.48 5.49
C GLN A 78 1.78 12.29 4.68
N PHE A 79 2.66 11.66 3.91
CA PHE A 79 2.29 10.52 3.10
C PHE A 79 2.00 9.32 3.99
N GLN A 80 2.92 9.05 4.90
CA GLN A 80 2.78 7.93 5.81
C GLN A 80 1.57 8.10 6.72
N ASP A 81 1.29 9.34 7.10
CA ASP A 81 0.14 9.63 7.96
C ASP A 81 -1.16 9.34 7.22
N SER A 82 -1.28 9.90 6.02
CA SER A 82 -2.47 9.74 5.20
C SER A 82 -2.69 8.28 4.81
N PHE A 83 -1.63 7.57 4.44
CA PHE A 83 -1.75 6.18 4.04
C PHE A 83 -1.89 5.27 5.26
N GLY A 84 -1.22 5.62 6.35
CA GLY A 84 -1.26 4.82 7.56
C GLY A 84 -2.65 4.67 8.16
N LYS A 85 -3.43 5.76 8.15
CA LYS A 85 -4.78 5.72 8.73
C LYS A 85 -5.72 4.81 7.94
N VAL A 86 -5.42 4.60 6.66
CA VAL A 86 -6.26 3.73 5.84
C VAL A 86 -5.59 2.37 5.60
N ALA A 87 -4.30 2.31 5.89
CA ALA A 87 -3.53 1.08 5.72
C ALA A 87 -4.07 -0.04 6.59
N ALA A 88 -4.25 0.26 7.88
CA ALA A 88 -4.76 -0.72 8.83
C ALA A 88 -6.10 -1.28 8.38
N GLU A 89 -6.95 -0.41 7.87
CA GLU A 89 -8.26 -0.80 7.38
C GLU A 89 -8.13 -1.76 6.21
N VAL A 90 -7.48 -1.31 5.15
CA VAL A 90 -7.29 -2.10 3.94
C VAL A 90 -6.60 -3.42 4.24
N LEU A 91 -5.49 -3.37 4.97
CA LEU A 91 -4.73 -4.57 5.31
C LEU A 91 -5.58 -5.58 6.07
N GLY A 92 -6.43 -5.09 6.96
CA GLY A 92 -7.29 -5.98 7.72
C GLY A 92 -8.37 -6.63 6.88
N ARG A 93 -8.79 -5.94 5.83
CA ARG A 93 -9.84 -6.46 4.95
C ARG A 93 -9.27 -7.41 3.90
N ILE A 94 -8.21 -6.99 3.22
CA ILE A 94 -7.58 -7.81 2.18
C ILE A 94 -6.96 -9.08 2.75
N ASN A 95 -6.67 -9.08 4.04
CA ASN A 95 -6.08 -10.24 4.71
C ASN A 95 -7.05 -11.43 4.64
N GLN A 96 -8.34 -11.11 4.57
CA GLN A 96 -9.37 -12.13 4.50
C GLN A 96 -9.66 -12.52 3.05
N GLU A 97 -9.16 -11.71 2.13
CA GLU A 97 -9.37 -11.94 0.71
C GLU A 97 -8.18 -12.67 0.08
N PHE A 98 -6.98 -12.32 0.52
CA PHE A 98 -5.77 -12.93 0.00
C PHE A 98 -5.61 -14.36 0.51
N PRO A 99 -5.45 -15.33 -0.40
CA PRO A 99 -5.28 -16.74 -0.03
C PRO A 99 -3.95 -16.99 0.70
N ARG A 100 -3.73 -18.23 1.12
CA ARG A 100 -2.52 -18.60 1.85
C ARG A 100 -1.24 -18.18 1.14
N ASP A 101 -1.22 -18.25 -0.19
CA ASP A 101 -0.02 -17.90 -0.95
C ASP A 101 0.19 -16.39 -1.05
N LEU A 102 -0.87 -15.62 -0.94
CA LEU A 102 -0.75 -14.17 -1.03
C LEU A 102 -0.60 -13.54 0.34
N LYS A 103 -1.19 -14.17 1.35
CA LYS A 103 -1.12 -13.67 2.72
C LYS A 103 0.32 -13.67 3.23
N LYS A 104 1.12 -14.62 2.76
CA LYS A 104 2.52 -14.70 3.16
C LYS A 104 3.28 -13.47 2.69
N LYS A 105 2.95 -13.02 1.49
CA LYS A 105 3.59 -11.85 0.91
C LYS A 105 3.17 -10.60 1.67
N LEU A 106 1.89 -10.53 2.00
CA LEU A 106 1.35 -9.40 2.75
C LEU A 106 1.98 -9.35 4.14
N SER A 107 2.22 -10.52 4.71
CA SER A 107 2.83 -10.64 6.03
C SER A 107 4.24 -10.05 6.01
N ARG A 108 4.96 -10.26 4.90
CA ARG A 108 6.31 -9.73 4.75
C ARG A 108 6.27 -8.22 4.73
N VAL A 109 5.24 -7.66 4.11
CA VAL A 109 5.06 -6.22 4.04
C VAL A 109 4.79 -5.65 5.42
N VAL A 110 3.83 -6.25 6.12
CA VAL A 110 3.49 -5.81 7.48
C VAL A 110 4.70 -5.91 8.39
N ASN A 111 5.49 -6.95 8.17
CA ASN A 111 6.70 -7.18 8.96
C ASN A 111 7.67 -6.01 8.82
N ILE A 112 8.11 -5.73 7.59
CA ILE A 112 9.06 -4.65 7.35
C ILE A 112 8.50 -3.28 7.77
N LEU A 113 7.19 -3.10 7.60
CA LEU A 113 6.54 -1.84 7.94
C LEU A 113 6.64 -1.54 9.44
N LYS A 114 6.29 -2.52 10.27
CA LYS A 114 6.33 -2.30 11.72
C LYS A 114 7.74 -2.50 12.29
N GLU A 115 8.53 -3.35 11.65
CA GLU A 115 9.89 -3.62 12.12
C GLU A 115 10.78 -2.38 11.96
N ARG A 116 10.63 -1.69 10.84
CA ARG A 116 11.42 -0.49 10.58
C ARG A 116 10.68 0.75 11.08
N ASN A 117 9.52 0.51 11.70
CA ASN A 117 8.68 1.57 12.25
C ASN A 117 8.41 2.65 11.20
N ILE A 118 7.81 2.23 10.10
CA ILE A 118 7.47 3.16 9.01
C ILE A 118 6.30 4.03 9.41
N PHE A 119 5.34 3.42 10.11
CA PHE A 119 4.16 4.13 10.56
C PHE A 119 4.24 4.34 12.07
N SER A 120 3.35 5.15 12.60
CA SER A 120 3.31 5.43 14.03
C SER A 120 3.01 4.15 14.82
N LYS A 121 3.39 4.13 16.09
CA LYS A 121 3.19 2.96 16.94
C LYS A 121 1.72 2.56 17.00
N GLN A 122 0.83 3.54 16.97
CA GLN A 122 -0.61 3.28 17.01
C GLN A 122 -1.06 2.59 15.73
N VAL A 123 -0.48 3.01 14.60
CA VAL A 123 -0.83 2.44 13.30
C VAL A 123 -0.35 1.01 13.17
N VAL A 124 0.92 0.77 13.54
CA VAL A 124 1.47 -0.58 13.46
C VAL A 124 0.77 -1.51 14.44
N ASN A 125 0.21 -0.93 15.49
CA ASN A 125 -0.52 -1.68 16.51
C ASN A 125 -1.91 -2.03 16.01
N ASP A 126 -2.38 -1.28 15.02
CA ASP A 126 -3.70 -1.51 14.44
C ASP A 126 -3.61 -2.60 13.38
N ILE A 127 -2.54 -2.57 12.61
CA ILE A 127 -2.32 -3.56 11.57
C ILE A 127 -2.21 -4.96 12.14
N GLU A 128 -1.42 -5.10 13.22
CA GLU A 128 -1.23 -6.40 13.84
C GLU A 128 -2.52 -6.91 14.50
N ARG A 129 -3.29 -6.00 15.09
CA ARG A 129 -4.54 -6.39 15.75
C ARG A 129 -5.57 -6.85 14.72
N SER A 130 -5.63 -6.15 13.59
CA SER A 130 -6.58 -6.48 12.55
C SER A 130 -6.20 -7.80 11.86
N LEU A 131 -4.89 -8.03 11.73
CA LEU A 131 -4.39 -9.25 11.12
C LEU A 131 -4.74 -10.47 11.97
N ALA A 132 -4.51 -10.32 13.28
CA ALA A 132 -4.79 -11.40 14.22
C ALA A 132 -6.29 -11.60 14.41
N ALA A 133 -7.03 -10.49 14.46
CA ALA A 133 -8.49 -10.55 14.66
C ALA A 133 -9.18 -11.28 13.51
N ALA A 134 -8.59 -11.17 12.32
CA ALA A 134 -9.15 -11.82 11.14
C ALA A 134 -9.05 -13.34 11.23
N LEU A 135 -8.16 -13.83 12.11
CA LEU A 135 -7.95 -15.26 12.31
C LEU A 135 -7.55 -15.95 11.00
N GLU A 136 -6.84 -15.21 10.16
CA GLU A 136 -6.40 -15.75 8.87
C GLU A 136 -4.96 -16.20 8.94
N HIS A 137 -4.35 -16.07 10.11
CA HIS A 137 -2.97 -16.47 10.30
C HIS A 137 -2.88 -17.98 10.29
N PRO B 6 7.67 -10.52 -12.76
CA PRO B 6 8.92 -10.00 -12.19
C PRO B 6 9.08 -10.40 -10.71
N SER B 7 7.94 -10.47 -10.00
CA SER B 7 7.91 -10.87 -8.59
C SER B 7 8.53 -9.81 -7.67
N TYR B 8 7.79 -8.73 -7.45
CA TYR B 8 8.24 -7.65 -6.57
C TYR B 8 8.33 -8.15 -5.13
N SEP B 9 9.44 -7.85 -4.47
CA SEP B 9 9.63 -8.24 -3.09
CB SEP B 9 10.88 -9.10 -2.96
OG SEP B 9 10.66 -10.20 -2.08
C SEP B 9 9.72 -6.98 -2.23
O SEP B 9 10.29 -5.99 -2.68
P SEP B 9 11.30 -10.19 -0.61
O1P SEP B 9 11.46 -8.78 -0.25
O2P SEP B 9 12.62 -10.83 -0.46
O3P SEP B 9 10.47 -10.82 0.45
H SEP B 9 10.14 -7.32 -4.92
HA SEP B 9 8.76 -8.82 -2.79
HB2 SEP B 9 11.16 -9.47 -3.93
HB3 SEP B 9 11.68 -8.50 -2.57
N PRO B 10 9.15 -7.00 -1.01
CA PRO B 10 9.18 -5.84 -0.11
C PRO B 10 10.58 -5.27 0.12
N THR B 11 11.59 -6.14 0.07
CA THR B 11 12.96 -5.71 0.28
C THR B 11 13.62 -5.25 -1.04
N SER B 12 12.83 -5.13 -2.09
CA SER B 12 13.34 -4.67 -3.38
C SER B 12 12.37 -3.68 -4.02
N PRO B 13 12.33 -2.43 -3.49
CA PRO B 13 11.44 -1.39 -4.01
C PRO B 13 11.79 -1.00 -5.46
N SER B 14 13.03 -0.61 -5.67
CA SER B 14 13.50 -0.21 -6.98
C SER B 14 14.95 -0.66 -7.16
N ALA A 2 -7.89 21.93 -16.47
CA ALA A 2 -7.31 20.61 -16.79
C ALA A 2 -6.98 19.84 -15.50
N PHE A 3 -7.99 19.26 -14.88
CA PHE A 3 -7.79 18.50 -13.66
C PHE A 3 -8.32 17.08 -13.83
N SER A 4 -7.46 16.11 -13.58
CA SER A 4 -7.84 14.70 -13.69
C SER A 4 -8.01 14.11 -12.30
N SER A 5 -9.18 13.54 -12.04
CA SER A 5 -9.46 12.95 -10.74
C SER A 5 -8.95 11.51 -10.65
N GLU A 6 -9.16 10.74 -11.71
CA GLU A 6 -8.73 9.34 -11.74
C GLU A 6 -7.30 9.22 -12.27
N GLN A 7 -6.47 10.22 -11.96
CA GLN A 7 -5.08 10.23 -12.40
C GLN A 7 -4.30 9.11 -11.74
N PHE A 8 -4.69 8.75 -10.53
CA PHE A 8 -4.02 7.69 -9.79
C PHE A 8 -4.70 6.34 -10.06
N THR A 9 -6.02 6.37 -10.17
CA THR A 9 -6.81 5.17 -10.41
C THR A 9 -6.45 4.47 -11.72
N THR A 10 -6.27 5.24 -12.78
CA THR A 10 -5.92 4.68 -14.08
C THR A 10 -4.51 4.10 -14.07
N LYS A 11 -3.65 4.63 -13.21
CA LYS A 11 -2.28 4.15 -13.11
C LYS A 11 -2.26 2.75 -12.52
N LEU A 12 -3.16 2.49 -11.59
CA LEU A 12 -3.26 1.19 -10.94
C LEU A 12 -3.74 0.13 -11.93
N ASN A 13 -4.60 0.55 -12.84
CA ASN A 13 -5.16 -0.36 -13.85
C ASN A 13 -4.11 -0.77 -14.87
N THR A 14 -3.16 0.13 -15.14
CA THR A 14 -2.12 -0.15 -16.12
C THR A 14 -0.79 -0.48 -15.45
N LEU A 15 -0.84 -0.81 -14.16
CA LEU A 15 0.38 -1.13 -13.43
C LEU A 15 0.91 -2.52 -13.81
N GLU A 16 2.06 -2.88 -13.25
CA GLU A 16 2.68 -4.16 -13.52
C GLU A 16 3.39 -4.65 -12.27
N ASP A 17 3.82 -5.91 -12.27
CA ASP A 17 4.53 -6.49 -11.14
C ASP A 17 6.01 -6.15 -11.22
N SER A 18 6.34 -5.24 -12.13
CA SER A 18 7.71 -4.80 -12.33
C SER A 18 8.13 -3.83 -11.24
N GLN A 19 9.26 -4.10 -10.61
CA GLN A 19 9.79 -3.26 -9.55
C GLN A 19 10.15 -1.89 -10.10
N GLU A 20 10.60 -1.89 -11.36
CA GLU A 20 10.98 -0.68 -12.05
C GLU A 20 9.78 0.23 -12.30
N SER A 21 8.68 -0.36 -12.78
CA SER A 21 7.49 0.42 -13.07
C SER A 21 6.82 0.92 -11.78
N ILE A 22 6.81 0.08 -10.75
CA ILE A 22 6.22 0.46 -9.46
C ILE A 22 6.91 1.69 -8.90
N SER A 23 8.25 1.69 -8.95
CA SER A 23 9.04 2.80 -8.44
C SER A 23 8.76 4.07 -9.26
N SER A 24 8.43 3.88 -10.53
CA SER A 24 8.14 5.00 -11.41
C SER A 24 6.83 5.68 -10.99
N ALA A 25 5.92 4.90 -10.44
CA ALA A 25 4.63 5.41 -9.99
C ALA A 25 4.79 6.14 -8.67
N SER A 26 5.52 5.54 -7.74
CA SER A 26 5.75 6.14 -6.43
C SER A 26 6.54 7.44 -6.56
N LYS A 27 7.44 7.48 -7.55
CA LYS A 27 8.25 8.67 -7.78
C LYS A 27 7.37 9.86 -8.17
N TRP A 28 6.28 9.58 -8.87
CA TRP A 28 5.36 10.62 -9.29
C TRP A 28 4.45 11.01 -8.13
N LEU A 29 4.10 10.03 -7.30
CA LEU A 29 3.25 10.26 -6.15
C LEU A 29 3.91 11.21 -5.15
N LEU A 30 5.21 11.02 -4.93
CA LEU A 30 5.96 11.86 -4.00
C LEU A 30 6.02 13.31 -4.46
N LEU A 31 5.82 13.53 -5.75
CA LEU A 31 5.86 14.88 -6.30
C LEU A 31 4.59 15.65 -5.95
N GLN A 32 3.49 14.92 -5.86
CA GLN A 32 2.21 15.51 -5.52
C GLN A 32 1.85 15.18 -4.08
N TYR A 33 2.71 15.59 -3.16
CA TYR A 33 2.53 15.33 -1.74
C TYR A 33 1.24 15.97 -1.20
N ARG A 34 0.74 16.97 -1.92
CA ARG A 34 -0.49 17.65 -1.51
C ARG A 34 -1.71 16.79 -1.86
N ASP A 35 -1.49 15.77 -2.66
CA ASP A 35 -2.56 14.88 -3.08
C ASP A 35 -2.54 13.60 -2.27
N ALA A 36 -1.68 13.58 -1.26
CA ALA A 36 -1.53 12.42 -0.37
C ALA A 36 -2.87 11.95 0.20
N PRO A 37 -3.69 12.82 0.82
CA PRO A 37 -4.99 12.43 1.38
C PRO A 37 -5.94 11.90 0.30
N LYS A 38 -5.80 12.43 -0.90
CA LYS A 38 -6.66 12.05 -2.02
C LYS A 38 -6.28 10.66 -2.53
N VAL A 39 -5.00 10.44 -2.82
CA VAL A 39 -4.55 9.16 -3.32
C VAL A 39 -4.68 8.08 -2.24
N ALA A 40 -4.62 8.48 -0.98
CA ALA A 40 -4.75 7.55 0.13
C ALA A 40 -6.16 6.94 0.16
N GLU A 41 -7.17 7.80 0.11
CA GLU A 41 -8.55 7.33 0.13
C GLU A 41 -8.88 6.64 -1.20
N MET A 42 -8.31 7.16 -2.28
CA MET A 42 -8.51 6.59 -3.61
C MET A 42 -8.00 5.16 -3.64
N TRP A 43 -6.85 4.96 -3.03
CA TRP A 43 -6.22 3.65 -2.95
C TRP A 43 -7.10 2.70 -2.15
N LYS A 44 -7.52 3.14 -0.97
CA LYS A 44 -8.37 2.35 -0.10
C LYS A 44 -9.67 1.96 -0.80
N GLU A 45 -10.30 2.93 -1.45
CA GLU A 45 -11.55 2.70 -2.17
C GLU A 45 -11.38 1.68 -3.29
N TYR A 46 -10.34 1.86 -4.08
CA TYR A 46 -10.08 0.96 -5.20
C TYR A 46 -9.74 -0.44 -4.71
N MET A 47 -8.88 -0.53 -3.71
CA MET A 47 -8.45 -1.81 -3.16
C MET A 47 -9.60 -2.59 -2.54
N LEU A 48 -10.61 -1.88 -2.04
CA LEU A 48 -11.76 -2.54 -1.42
C LEU A 48 -12.92 -2.69 -2.39
N ARG A 49 -12.67 -2.51 -3.67
CA ARG A 49 -13.71 -2.66 -4.68
C ARG A 49 -13.78 -4.11 -5.16
N PRO A 50 -15.01 -4.61 -5.36
CA PRO A 50 -15.23 -5.99 -5.81
C PRO A 50 -14.85 -6.20 -7.28
N SER A 51 -14.75 -5.11 -8.01
CA SER A 51 -14.41 -5.15 -9.43
C SER A 51 -12.90 -5.36 -9.62
N VAL A 52 -12.17 -5.31 -8.53
CA VAL A 52 -10.72 -5.47 -8.58
C VAL A 52 -10.33 -6.91 -8.24
N ASN A 53 -9.58 -7.52 -9.14
CA ASN A 53 -9.11 -8.89 -8.95
C ASN A 53 -7.99 -8.92 -7.92
N THR A 54 -7.85 -10.05 -7.24
CA THR A 54 -6.83 -10.22 -6.22
C THR A 54 -5.42 -9.92 -6.74
N ARG A 55 -5.18 -10.25 -8.00
CA ARG A 55 -3.87 -10.02 -8.61
C ARG A 55 -3.59 -8.52 -8.72
N ARG A 56 -4.64 -7.73 -8.95
CA ARG A 56 -4.50 -6.29 -9.05
C ARG A 56 -4.27 -5.68 -7.68
N LYS A 57 -4.89 -6.27 -6.67
CA LYS A 57 -4.76 -5.80 -5.30
C LYS A 57 -3.32 -5.96 -4.83
N LEU A 58 -2.66 -7.01 -5.33
CA LEU A 58 -1.26 -7.26 -4.98
C LEU A 58 -0.40 -6.12 -5.50
N LEU A 59 -0.69 -5.69 -6.73
CA LEU A 59 0.03 -4.60 -7.37
C LEU A 59 -0.21 -3.30 -6.61
N GLY A 60 -1.45 -3.10 -6.20
CA GLY A 60 -1.81 -1.90 -5.45
C GLY A 60 -1.11 -1.86 -4.11
N LEU A 61 -0.95 -3.03 -3.50
CA LEU A 61 -0.27 -3.14 -2.22
C LEU A 61 1.22 -2.87 -2.38
N TYR A 62 1.75 -3.32 -3.51
CA TYR A 62 3.17 -3.14 -3.82
C TYR A 62 3.51 -1.66 -3.91
N LEU A 63 2.61 -0.88 -4.50
CA LEU A 63 2.81 0.55 -4.65
C LEU A 63 2.89 1.22 -3.28
N MET A 64 2.03 0.78 -2.36
CA MET A 64 2.01 1.35 -1.02
C MET A 64 3.34 1.13 -0.31
N ASN A 65 3.80 -0.13 -0.31
CA ASN A 65 5.08 -0.48 0.32
C ASN A 65 6.23 0.30 -0.29
N HIS A 66 6.16 0.55 -1.59
CA HIS A 66 7.21 1.27 -2.29
C HIS A 66 7.16 2.77 -1.99
N VAL A 67 5.98 3.37 -2.13
CA VAL A 67 5.83 4.80 -1.91
C VAL A 67 6.20 5.20 -0.49
N VAL A 68 5.84 4.40 0.50
CA VAL A 68 6.15 4.73 1.89
C VAL A 68 7.63 4.47 2.18
N GLN A 69 8.24 3.59 1.40
CA GLN A 69 9.65 3.27 1.57
C GLN A 69 10.52 4.47 1.21
N GLN A 70 10.24 5.04 0.05
CA GLN A 70 10.99 6.20 -0.42
C GLN A 70 10.46 7.49 0.18
N ALA A 71 9.26 7.44 0.77
CA ALA A 71 8.66 8.61 1.40
C ALA A 71 9.49 9.04 2.59
N LYS A 72 10.00 8.06 3.33
CA LYS A 72 10.82 8.32 4.50
C LYS A 72 12.17 8.92 4.08
N GLY A 73 12.58 8.61 2.84
CA GLY A 73 13.83 9.14 2.34
C GLY A 73 13.77 10.65 2.20
N GLN A 74 12.57 11.15 1.92
CA GLN A 74 12.34 12.57 1.78
C GLN A 74 11.76 13.11 3.09
N LYS A 75 11.51 12.19 4.02
CA LYS A 75 10.95 12.49 5.33
C LYS A 75 9.59 13.18 5.23
N ILE A 76 8.78 12.73 4.29
CA ILE A 76 7.45 13.30 4.10
C ILE A 76 6.44 12.52 4.94
N ILE A 77 6.23 12.98 6.17
CA ILE A 77 5.30 12.33 7.10
C ILE A 77 3.86 12.43 6.62
N GLN A 78 3.61 13.31 5.65
CA GLN A 78 2.27 13.50 5.10
C GLN A 78 1.75 12.19 4.54
N PHE A 79 2.60 11.48 3.80
CA PHE A 79 2.23 10.21 3.21
C PHE A 79 2.09 9.14 4.29
N GLN A 80 2.96 9.20 5.28
CA GLN A 80 2.95 8.25 6.39
C GLN A 80 1.64 8.33 7.16
N ASP A 81 1.12 9.54 7.32
CA ASP A 81 -0.13 9.75 8.04
C ASP A 81 -1.32 9.44 7.14
N SER A 82 -1.28 9.96 5.91
CA SER A 82 -2.36 9.75 4.94
C SER A 82 -2.60 8.27 4.68
N PHE A 83 -1.54 7.55 4.34
CA PHE A 83 -1.66 6.13 4.03
C PHE A 83 -1.66 5.29 5.30
N GLY A 84 -1.15 5.85 6.38
CA GLY A 84 -1.09 5.12 7.64
C GLY A 84 -2.45 4.77 8.20
N LYS A 85 -3.32 5.78 8.32
CA LYS A 85 -4.65 5.56 8.88
C LYS A 85 -5.54 4.71 7.99
N VAL A 86 -5.14 4.48 6.74
CA VAL A 86 -5.94 3.66 5.83
C VAL A 86 -5.27 2.32 5.56
N ALA A 87 -3.99 2.21 5.88
CA ALA A 87 -3.23 0.98 5.67
C ALA A 87 -3.79 -0.15 6.51
N ALA A 88 -4.05 0.12 7.79
CA ALA A 88 -4.58 -0.87 8.70
C ALA A 88 -5.93 -1.40 8.21
N GLU A 89 -6.73 -0.49 7.67
CA GLU A 89 -8.04 -0.84 7.14
C GLU A 89 -7.92 -1.80 5.97
N VAL A 90 -7.12 -1.41 5.00
CA VAL A 90 -6.91 -2.22 3.80
C VAL A 90 -6.22 -3.54 4.14
N LEU A 91 -5.17 -3.47 4.96
CA LEU A 91 -4.41 -4.66 5.35
C LEU A 91 -5.32 -5.68 6.04
N GLY A 92 -6.15 -5.22 6.96
CA GLY A 92 -7.04 -6.12 7.67
C GLY A 92 -8.11 -6.70 6.77
N ARG A 93 -8.44 -5.99 5.70
CA ARG A 93 -9.46 -6.44 4.77
C ARG A 93 -8.89 -7.37 3.71
N ILE A 94 -7.76 -6.99 3.11
CA ILE A 94 -7.14 -7.82 2.08
C ILE A 94 -6.64 -9.14 2.65
N ASN A 95 -6.33 -9.17 3.93
CA ASN A 95 -5.85 -10.40 4.57
C ASN A 95 -6.93 -11.48 4.52
N GLN A 96 -8.19 -11.04 4.47
CA GLN A 96 -9.32 -11.97 4.40
C GLN A 96 -9.53 -12.45 2.97
N GLU A 97 -9.29 -11.56 2.02
CA GLU A 97 -9.47 -11.88 0.61
C GLU A 97 -8.26 -12.63 0.05
N PHE A 98 -7.09 -12.36 0.61
CA PHE A 98 -5.85 -12.98 0.17
C PHE A 98 -5.68 -14.38 0.78
N PRO A 99 -5.62 -15.41 -0.09
CA PRO A 99 -5.43 -16.80 0.36
C PRO A 99 -4.06 -16.99 1.03
N ARG A 100 -3.76 -18.22 1.41
CA ARG A 100 -2.49 -18.55 2.08
C ARG A 100 -1.31 -18.00 1.29
N ASP A 101 -1.31 -18.31 0.00
CA ASP A 101 -0.23 -17.89 -0.90
C ASP A 101 -0.03 -16.38 -0.94
N LEU A 102 -1.12 -15.64 -0.92
CA LEU A 102 -1.03 -14.18 -1.00
C LEU A 102 -0.83 -13.51 0.35
N LYS A 103 -1.42 -14.07 1.41
CA LYS A 103 -1.28 -13.47 2.74
C LYS A 103 0.16 -13.58 3.25
N LYS A 104 0.91 -14.52 2.69
CA LYS A 104 2.31 -14.70 3.08
C LYS A 104 3.13 -13.52 2.58
N LYS A 105 2.62 -12.83 1.57
CA LYS A 105 3.29 -11.67 1.00
C LYS A 105 3.11 -10.45 1.89
N LEU A 106 1.88 -10.22 2.34
CA LEU A 106 1.60 -9.07 3.20
C LEU A 106 2.32 -9.22 4.53
N SER A 107 2.62 -10.46 4.90
CA SER A 107 3.33 -10.75 6.14
C SER A 107 4.71 -10.09 6.11
N ARG A 108 5.33 -10.10 4.94
CA ARG A 108 6.65 -9.51 4.77
C ARG A 108 6.53 -7.99 4.80
N VAL A 109 5.45 -7.48 4.21
CA VAL A 109 5.19 -6.04 4.17
C VAL A 109 5.02 -5.48 5.58
N VAL A 110 4.17 -6.15 6.36
CA VAL A 110 3.90 -5.75 7.73
C VAL A 110 5.18 -5.75 8.56
N ASN A 111 6.05 -6.73 8.28
CA ASN A 111 7.32 -6.84 8.98
C ASN A 111 8.16 -5.59 8.78
N ILE A 112 8.37 -5.23 7.52
CA ILE A 112 9.16 -4.07 7.17
C ILE A 112 8.52 -2.80 7.71
N LEU A 113 7.21 -2.73 7.62
CA LEU A 113 6.46 -1.57 8.09
C LEU A 113 6.59 -1.35 9.60
N LYS A 114 6.68 -2.45 10.35
CA LYS A 114 6.77 -2.35 11.80
C LYS A 114 8.23 -2.27 12.29
N GLU A 115 9.11 -3.02 11.65
CA GLU A 115 10.52 -3.05 12.05
C GLU A 115 11.25 -1.76 11.68
N ARG A 116 10.91 -1.19 10.55
CA ARG A 116 11.56 0.04 10.09
C ARG A 116 10.78 1.27 10.51
N ASN A 117 9.72 1.07 11.30
CA ASN A 117 8.88 2.17 11.76
C ASN A 117 8.43 3.04 10.60
N ILE A 118 7.54 2.50 9.78
CA ILE A 118 7.04 3.22 8.63
C ILE A 118 5.88 4.13 9.04
N PHE A 119 5.00 3.61 9.89
CA PHE A 119 3.86 4.37 10.36
C PHE A 119 3.97 4.60 11.86
N SER A 120 3.01 5.32 12.42
CA SER A 120 2.99 5.61 13.85
C SER A 120 2.73 4.33 14.64
N LYS A 121 3.09 4.36 15.92
CA LYS A 121 2.91 3.21 16.80
C LYS A 121 1.47 2.77 16.86
N GLN A 122 0.56 3.73 16.91
CA GLN A 122 -0.87 3.44 16.97
C GLN A 122 -1.32 2.70 15.72
N VAL A 123 -0.75 3.07 14.58
CA VAL A 123 -1.07 2.45 13.31
C VAL A 123 -0.52 1.04 13.25
N VAL A 124 0.74 0.88 13.65
CA VAL A 124 1.39 -0.43 13.65
C VAL A 124 0.60 -1.42 14.48
N ASN A 125 0.18 -1.00 15.67
CA ASN A 125 -0.59 -1.84 16.59
C ASN A 125 -1.93 -2.21 15.97
N ASP A 126 -2.51 -1.26 15.23
CA ASP A 126 -3.80 -1.50 14.59
C ASP A 126 -3.67 -2.53 13.49
N ILE A 127 -2.57 -2.44 12.74
CA ILE A 127 -2.31 -3.39 11.66
C ILE A 127 -2.13 -4.80 12.21
N GLU A 128 -1.33 -4.91 13.26
CA GLU A 128 -1.06 -6.19 13.90
C GLU A 128 -2.36 -6.85 14.38
N ARG A 129 -3.16 -6.10 15.13
CA ARG A 129 -4.42 -6.62 15.67
C ARG A 129 -5.40 -6.97 14.55
N SER A 130 -5.28 -6.31 13.41
CA SER A 130 -6.17 -6.58 12.28
C SER A 130 -5.90 -7.97 11.72
N LEU A 131 -4.63 -8.36 11.69
CA LEU A 131 -4.23 -9.66 11.18
C LEU A 131 -4.55 -10.75 12.19
N ALA A 132 -4.29 -10.46 13.46
CA ALA A 132 -4.53 -11.42 14.53
C ALA A 132 -6.01 -11.77 14.66
N ALA A 133 -6.86 -10.75 14.54
CA ALA A 133 -8.31 -10.95 14.66
C ALA A 133 -8.84 -11.84 13.54
N ALA A 134 -8.19 -11.80 12.39
CA ALA A 134 -8.61 -12.61 11.26
C ALA A 134 -8.37 -14.09 11.53
N LEU A 135 -7.47 -14.37 12.46
CA LEU A 135 -7.14 -15.74 12.83
C LEU A 135 -7.88 -16.16 14.10
N GLU A 136 -8.72 -15.25 14.59
CA GLU A 136 -9.49 -15.50 15.80
C GLU A 136 -10.91 -15.92 15.44
N HIS A 137 -11.07 -16.55 14.28
CA HIS A 137 -12.38 -17.00 13.83
C HIS A 137 -12.22 -18.11 12.80
N PRO B 6 8.42 -9.22 -13.63
CA PRO B 6 9.69 -9.26 -12.89
C PRO B 6 9.52 -9.66 -11.42
N SER B 7 8.29 -9.64 -10.91
CA SER B 7 7.99 -10.02 -9.52
C SER B 7 8.67 -9.08 -8.52
N TYR B 8 7.93 -8.07 -8.09
CA TYR B 8 8.44 -7.11 -7.12
C TYR B 8 8.45 -7.69 -5.70
N SEP B 9 9.58 -7.56 -5.00
CA SEP B 9 9.69 -8.05 -3.64
CB SEP B 9 11.04 -8.75 -3.42
OG SEP B 9 10.86 -10.09 -2.96
C SEP B 9 9.56 -6.87 -2.68
O SEP B 9 10.14 -5.81 -2.94
P SEP B 9 10.85 -10.43 -1.39
O1P SEP B 9 10.99 -9.14 -0.69
O2P SEP B 9 11.95 -11.31 -0.91
O3P SEP B 9 9.61 -11.08 -0.89
H SEP B 9 10.36 -7.11 -5.42
HA SEP B 9 8.89 -8.75 -3.45
HB2 SEP B 9 11.59 -8.77 -4.35
HB3 SEP B 9 11.61 -8.21 -2.68
N PRO B 10 8.81 -7.01 -1.58
CA PRO B 10 8.65 -5.91 -0.60
C PRO B 10 9.98 -5.47 0.00
N THR B 11 10.93 -6.39 0.03
CA THR B 11 12.25 -6.11 0.56
C THR B 11 13.23 -5.75 -0.56
N SER B 12 12.70 -5.60 -1.76
CA SER B 12 13.52 -5.27 -2.93
C SER B 12 12.83 -4.22 -3.79
N PRO B 13 13.05 -2.93 -3.48
CA PRO B 13 12.45 -1.80 -4.20
C PRO B 13 12.73 -1.83 -5.71
N SER B 14 14.00 -1.73 -6.08
CA SER B 14 14.42 -1.73 -7.48
C SER B 14 15.87 -2.17 -7.60
#